data_1VI7
# 
_entry.id   1VI7 
# 
_audit_conform.dict_name       mmcif_pdbx.dic 
_audit_conform.dict_version    5.383 
_audit_conform.dict_location   http://mmcif.pdb.org/dictionaries/ascii/mmcif_pdbx.dic 
# 
loop_
_database_2.database_id 
_database_2.database_code 
_database_2.pdbx_database_accession 
_database_2.pdbx_DOI 
PDB   1VI7         pdb_00001vi7 10.2210/pdb1vi7/pdb 
RCSB  RCSB001897   ?            ?                   
WWPDB D_1000001897 ?            ?                   
# 
loop_
_pdbx_audit_revision_history.ordinal 
_pdbx_audit_revision_history.data_content_type 
_pdbx_audit_revision_history.major_revision 
_pdbx_audit_revision_history.minor_revision 
_pdbx_audit_revision_history.revision_date 
1 'Structure model' 1 0 2003-12-30 
2 'Structure model' 1 1 2008-04-26 
3 'Structure model' 1 2 2011-07-13 
4 'Structure model' 1 3 2017-10-04 
5 'Structure model' 1 4 2023-12-27 
# 
_pdbx_audit_revision_details.ordinal             1 
_pdbx_audit_revision_details.revision_ordinal    1 
_pdbx_audit_revision_details.data_content_type   'Structure model' 
_pdbx_audit_revision_details.provider            repository 
_pdbx_audit_revision_details.type                'Initial release' 
_pdbx_audit_revision_details.description         ? 
_pdbx_audit_revision_details.details             ? 
# 
loop_
_pdbx_audit_revision_group.ordinal 
_pdbx_audit_revision_group.revision_ordinal 
_pdbx_audit_revision_group.data_content_type 
_pdbx_audit_revision_group.group 
1 2 'Structure model' 'Version format compliance' 
2 3 'Structure model' 'Version format compliance' 
3 4 'Structure model' 'Refinement description'    
4 5 'Structure model' 'Data collection'           
5 5 'Structure model' 'Database references'       
# 
loop_
_pdbx_audit_revision_category.ordinal 
_pdbx_audit_revision_category.revision_ordinal 
_pdbx_audit_revision_category.data_content_type 
_pdbx_audit_revision_category.category 
1 4 'Structure model' software       
2 5 'Structure model' chem_comp_atom 
3 5 'Structure model' chem_comp_bond 
4 5 'Structure model' database_2     
# 
loop_
_pdbx_audit_revision_item.ordinal 
_pdbx_audit_revision_item.revision_ordinal 
_pdbx_audit_revision_item.data_content_type 
_pdbx_audit_revision_item.item 
1 4 'Structure model' '_software.name'                      
2 5 'Structure model' '_database_2.pdbx_DOI'                
3 5 'Structure model' '_database_2.pdbx_database_accession' 
# 
_pdbx_database_status.status_code                     REL 
_pdbx_database_status.entry_id                        1VI7 
_pdbx_database_status.recvd_initial_deposition_date   2003-12-01 
_pdbx_database_status.deposit_site                    RCSB 
_pdbx_database_status.process_site                    RCSB 
_pdbx_database_status.status_code_sf                  REL 
_pdbx_database_status.status_code_mr                  ? 
_pdbx_database_status.SG_entry                        ? 
_pdbx_database_status.pdb_format_compatible           Y 
_pdbx_database_status.status_code_cs                  ? 
_pdbx_database_status.methods_development_category    ? 
_pdbx_database_status.status_code_nmr_data            ? 
# 
_audit_author.name           'Structural GenomiX' 
_audit_author.pdbx_ordinal   1 
# 
loop_
_citation.id 
_citation.title 
_citation.journal_abbrev 
_citation.journal_volume 
_citation.page_first 
_citation.page_last 
_citation.year 
_citation.journal_id_ASTM 
_citation.country 
_citation.journal_id_ISSN 
_citation.journal_id_CSD 
_citation.book_publisher 
_citation.pdbx_database_id_PubMed 
_citation.pdbx_database_id_DOI 
primary 'Crystal structure of YIGZ, a conserved hypothetical protein from Escherichia coli k12 with a novel fold' Proteins 55 775 
777 2004 PSFGEY US 0887-3585 0867 ? 15103642 10.1002/prot.20087 
1       'Structural analysis of a set of proteins resulting from a bacterial genomics project'                    Proteins 60 787 
796 2005 PSFGEY US 0887-3585 0867 ? 16021622 10.1002/prot.20541 
# 
loop_
_citation_author.citation_id 
_citation_author.name 
_citation_author.ordinal 
_citation_author.identifier_ORCID 
primary 'Park, F.'               1  ? 
primary 'Gajiwala, K.'           2  ? 
primary 'Eroshkina, G.'          3  ? 
primary 'Furlong, E.'            4  ? 
primary 'He, D.'                 5  ? 
primary 'Batiyenko, Y.'          6  ? 
primary 'Romero, R.'             7  ? 
primary 'Christopher, J.'        8  ? 
primary 'Badger, J.'             9  ? 
primary 'Hendle, J.'             10 ? 
primary 'Lin, J.'                11 ? 
primary 'Peat, T.'               12 ? 
primary 'Buchanan, S.'           13 ? 
1       'Badger, J.'             14 ? 
1       'Sauder, J.M.'           15 ? 
1       'Adams, J.M.'            16 ? 
1       'Antonysamy, S.'         17 ? 
1       'Bain, K.'               18 ? 
1       'Bergseid, M.G.'         19 ? 
1       'Buchanan, S.G.'         20 ? 
1       'Buchanan, M.D.'         21 ? 
1       'Batiyenko, Y.'          22 ? 
1       'Christopher, J.A.'      23 ? 
1       'Emtage, S.'             24 ? 
1       'Eroshkina, A.'          25 ? 
1       'Feil, I.'               26 ? 
1       'Furlong, E.B.'          27 ? 
1       'Gajiwala, K.S.'         28 ? 
1       'Gao, X.'                29 ? 
1       'He, D.'                 30 ? 
1       'Hendle, J.'             31 ? 
1       'Huber, A.'              32 ? 
1       'Hoda, K.'               33 ? 
1       'Kearins, P.'            34 ? 
1       'Kissinger, C.'          35 ? 
1       'Laubert, B.'            36 ? 
1       'Lewis, H.A.'            37 ? 
1       'Lin, J.'                38 ? 
1       'Loomis, K.'             39 ? 
1       'Lorimer, D.'            40 ? 
1       'Louie, G.'              41 ? 
1       'Maletic, M.'            42 ? 
1       'Marsh, C.D.'            43 ? 
1       'Miller, I.'             44 ? 
1       'Molinari, J.'           45 ? 
1       'Muller-Dieckmann, H.J.' 46 ? 
1       'Newman, J.M.'           47 ? 
1       'Noland, B.W.'           48 ? 
1       'Pagarigan, B.'          49 ? 
1       'Park, F.'               50 ? 
1       'Peat, T.S.'             51 ? 
1       'Post, K.W.'             52 ? 
1       'Radojicic, S.'          53 ? 
1       'Ramos, A.'              54 ? 
1       'Romero, R.'             55 ? 
1       'Rutter, M.E.'           56 ? 
1       'Sanderson, W.E.'        57 ? 
1       'Schwinn, K.D.'          58 ? 
1       'Tresser, J.'            59 ? 
1       'Winhoven, J.'           60 ? 
1       'Wright, T.A.'           61 ? 
1       'Wu, L.'                 62 ? 
1       'Xu, J.'                 63 ? 
1       'Harris, T.J.'           64 ? 
# 
loop_
_entity.id 
_entity.type 
_entity.src_method 
_entity.pdbx_description 
_entity.formula_weight 
_entity.pdbx_number_of_molecules 
_entity.pdbx_ec 
_entity.pdbx_mutation 
_entity.pdbx_fragment 
_entity.details 
1 polymer man 'Hypothetical protein yigZ' 23269.449 1  ? ? ? ? 
2 water   nat water                       18.015    91 ? ? ? ? 
# 
_entity_poly.entity_id                      1 
_entity_poly.type                           'polypeptide(L)' 
_entity_poly.nstd_linkage                   no 
_entity_poly.nstd_monomer                   no 
_entity_poly.pdbx_seq_one_letter_code       
;MSLMESWLIPAAPVTVVEEIKKSRFITMLAHTDGVEAAKAFVESVRAEHPDARHHCVAWVAGAPDDSQQLGFSDDGEPAG
TAGKPMLAQLMGSGVGEITAVVVRYYGGILLGTGGLVKAYGGGVNQALRQLTTQRKTPLTEYTLQCEYHQLTGIEALLGQ
CDGKIINSDYQAFVLLRVALPAAKVAEFSAKLADFSRGSLQLLAIEEEGGSHHHHHH
;
_entity_poly.pdbx_seq_one_letter_code_can   
;MSLMESWLIPAAPVTVVEEIKKSRFITMLAHTDGVEAAKAFVESVRAEHPDARHHCVAWVAGAPDDSQQLGFSDDGEPAG
TAGKPMLAQLMGSGVGEITAVVVRYYGGILLGTGGLVKAYGGGVNQALRQLTTQRKTPLTEYTLQCEYHQLTGIEALLGQ
CDGKIINSDYQAFVLLRVALPAAKVAEFSAKLADFSRGSLQLLAIEEEGGSHHHHHH
;
_entity_poly.pdbx_strand_id                 A 
_entity_poly.pdbx_target_identifier         ? 
# 
_pdbx_entity_nonpoly.entity_id   2 
_pdbx_entity_nonpoly.name        water 
_pdbx_entity_nonpoly.comp_id     HOH 
# 
loop_
_entity_poly_seq.entity_id 
_entity_poly_seq.num 
_entity_poly_seq.mon_id 
_entity_poly_seq.hetero 
1 1   MET n 
1 2   SER n 
1 3   LEU n 
1 4   MET n 
1 5   GLU n 
1 6   SER n 
1 7   TRP n 
1 8   LEU n 
1 9   ILE n 
1 10  PRO n 
1 11  ALA n 
1 12  ALA n 
1 13  PRO n 
1 14  VAL n 
1 15  THR n 
1 16  VAL n 
1 17  VAL n 
1 18  GLU n 
1 19  GLU n 
1 20  ILE n 
1 21  LYS n 
1 22  LYS n 
1 23  SER n 
1 24  ARG n 
1 25  PHE n 
1 26  ILE n 
1 27  THR n 
1 28  MET n 
1 29  LEU n 
1 30  ALA n 
1 31  HIS n 
1 32  THR n 
1 33  ASP n 
1 34  GLY n 
1 35  VAL n 
1 36  GLU n 
1 37  ALA n 
1 38  ALA n 
1 39  LYS n 
1 40  ALA n 
1 41  PHE n 
1 42  VAL n 
1 43  GLU n 
1 44  SER n 
1 45  VAL n 
1 46  ARG n 
1 47  ALA n 
1 48  GLU n 
1 49  HIS n 
1 50  PRO n 
1 51  ASP n 
1 52  ALA n 
1 53  ARG n 
1 54  HIS n 
1 55  HIS n 
1 56  CYS n 
1 57  VAL n 
1 58  ALA n 
1 59  TRP n 
1 60  VAL n 
1 61  ALA n 
1 62  GLY n 
1 63  ALA n 
1 64  PRO n 
1 65  ASP n 
1 66  ASP n 
1 67  SER n 
1 68  GLN n 
1 69  GLN n 
1 70  LEU n 
1 71  GLY n 
1 72  PHE n 
1 73  SER n 
1 74  ASP n 
1 75  ASP n 
1 76  GLY n 
1 77  GLU n 
1 78  PRO n 
1 79  ALA n 
1 80  GLY n 
1 81  THR n 
1 82  ALA n 
1 83  GLY n 
1 84  LYS n 
1 85  PRO n 
1 86  MET n 
1 87  LEU n 
1 88  ALA n 
1 89  GLN n 
1 90  LEU n 
1 91  MET n 
1 92  GLY n 
1 93  SER n 
1 94  GLY n 
1 95  VAL n 
1 96  GLY n 
1 97  GLU n 
1 98  ILE n 
1 99  THR n 
1 100 ALA n 
1 101 VAL n 
1 102 VAL n 
1 103 VAL n 
1 104 ARG n 
1 105 TYR n 
1 106 TYR n 
1 107 GLY n 
1 108 GLY n 
1 109 ILE n 
1 110 LEU n 
1 111 LEU n 
1 112 GLY n 
1 113 THR n 
1 114 GLY n 
1 115 GLY n 
1 116 LEU n 
1 117 VAL n 
1 118 LYS n 
1 119 ALA n 
1 120 TYR n 
1 121 GLY n 
1 122 GLY n 
1 123 GLY n 
1 124 VAL n 
1 125 ASN n 
1 126 GLN n 
1 127 ALA n 
1 128 LEU n 
1 129 ARG n 
1 130 GLN n 
1 131 LEU n 
1 132 THR n 
1 133 THR n 
1 134 GLN n 
1 135 ARG n 
1 136 LYS n 
1 137 THR n 
1 138 PRO n 
1 139 LEU n 
1 140 THR n 
1 141 GLU n 
1 142 TYR n 
1 143 THR n 
1 144 LEU n 
1 145 GLN n 
1 146 CYS n 
1 147 GLU n 
1 148 TYR n 
1 149 HIS n 
1 150 GLN n 
1 151 LEU n 
1 152 THR n 
1 153 GLY n 
1 154 ILE n 
1 155 GLU n 
1 156 ALA n 
1 157 LEU n 
1 158 LEU n 
1 159 GLY n 
1 160 GLN n 
1 161 CYS n 
1 162 ASP n 
1 163 GLY n 
1 164 LYS n 
1 165 ILE n 
1 166 ILE n 
1 167 ASN n 
1 168 SER n 
1 169 ASP n 
1 170 TYR n 
1 171 GLN n 
1 172 ALA n 
1 173 PHE n 
1 174 VAL n 
1 175 LEU n 
1 176 LEU n 
1 177 ARG n 
1 178 VAL n 
1 179 ALA n 
1 180 LEU n 
1 181 PRO n 
1 182 ALA n 
1 183 ALA n 
1 184 LYS n 
1 185 VAL n 
1 186 ALA n 
1 187 GLU n 
1 188 PHE n 
1 189 SER n 
1 190 ALA n 
1 191 LYS n 
1 192 LEU n 
1 193 ALA n 
1 194 ASP n 
1 195 PHE n 
1 196 SER n 
1 197 ARG n 
1 198 GLY n 
1 199 SER n 
1 200 LEU n 
1 201 GLN n 
1 202 LEU n 
1 203 LEU n 
1 204 ALA n 
1 205 ILE n 
1 206 GLU n 
1 207 GLU n 
1 208 GLU n 
1 209 GLY n 
1 210 GLY n 
1 211 SER n 
1 212 HIS n 
1 213 HIS n 
1 214 HIS n 
1 215 HIS n 
1 216 HIS n 
1 217 HIS n 
# 
_entity_src_gen.entity_id                          1 
_entity_src_gen.pdbx_src_id                        1 
_entity_src_gen.pdbx_alt_source_flag               sample 
_entity_src_gen.pdbx_seq_type                      ? 
_entity_src_gen.pdbx_beg_seq_num                   ? 
_entity_src_gen.pdbx_end_seq_num                   ? 
_entity_src_gen.gene_src_common_name               ? 
_entity_src_gen.gene_src_genus                     Escherichia 
_entity_src_gen.pdbx_gene_src_gene                 'YIGZ, B3848' 
_entity_src_gen.gene_src_species                   ? 
_entity_src_gen.gene_src_strain                    ? 
_entity_src_gen.gene_src_tissue                    ? 
_entity_src_gen.gene_src_tissue_fraction           ? 
_entity_src_gen.gene_src_details                   ? 
_entity_src_gen.pdbx_gene_src_fragment             ? 
_entity_src_gen.pdbx_gene_src_scientific_name      'Escherichia coli' 
_entity_src_gen.pdbx_gene_src_ncbi_taxonomy_id     562 
_entity_src_gen.pdbx_gene_src_variant              ? 
_entity_src_gen.pdbx_gene_src_cell_line            ? 
_entity_src_gen.pdbx_gene_src_atcc                 ? 
_entity_src_gen.pdbx_gene_src_organ                ? 
_entity_src_gen.pdbx_gene_src_organelle            ? 
_entity_src_gen.pdbx_gene_src_cell                 ? 
_entity_src_gen.pdbx_gene_src_cellular_location    ? 
_entity_src_gen.host_org_common_name               ? 
_entity_src_gen.pdbx_host_org_scientific_name      'Escherichia coli' 
_entity_src_gen.pdbx_host_org_ncbi_taxonomy_id     562 
_entity_src_gen.host_org_genus                     Escherichia 
_entity_src_gen.pdbx_host_org_gene                 ? 
_entity_src_gen.pdbx_host_org_organ                ? 
_entity_src_gen.host_org_species                   ? 
_entity_src_gen.pdbx_host_org_tissue               ? 
_entity_src_gen.pdbx_host_org_tissue_fraction      ? 
_entity_src_gen.pdbx_host_org_strain               ? 
_entity_src_gen.pdbx_host_org_variant              ? 
_entity_src_gen.pdbx_host_org_cell_line            ? 
_entity_src_gen.pdbx_host_org_atcc                 ? 
_entity_src_gen.pdbx_host_org_culture_collection   ? 
_entity_src_gen.pdbx_host_org_cell                 ? 
_entity_src_gen.pdbx_host_org_organelle            ? 
_entity_src_gen.pdbx_host_org_cellular_location    ? 
_entity_src_gen.pdbx_host_org_vector_type          ? 
_entity_src_gen.pdbx_host_org_vector               ? 
_entity_src_gen.host_org_details                   ? 
_entity_src_gen.expression_system_id               ? 
_entity_src_gen.plasmid_name                       ? 
_entity_src_gen.plasmid_details                    ? 
_entity_src_gen.pdbx_description                   ? 
# 
loop_
_chem_comp.id 
_chem_comp.type 
_chem_comp.mon_nstd_flag 
_chem_comp.name 
_chem_comp.pdbx_synonyms 
_chem_comp.formula 
_chem_comp.formula_weight 
ALA 'L-peptide linking' y ALANINE         ? 'C3 H7 N O2'     89.093  
ARG 'L-peptide linking' y ARGININE        ? 'C6 H15 N4 O2 1' 175.209 
ASN 'L-peptide linking' y ASPARAGINE      ? 'C4 H8 N2 O3'    132.118 
ASP 'L-peptide linking' y 'ASPARTIC ACID' ? 'C4 H7 N O4'     133.103 
CYS 'L-peptide linking' y CYSTEINE        ? 'C3 H7 N O2 S'   121.158 
GLN 'L-peptide linking' y GLUTAMINE       ? 'C5 H10 N2 O3'   146.144 
GLU 'L-peptide linking' y 'GLUTAMIC ACID' ? 'C5 H9 N O4'     147.129 
GLY 'peptide linking'   y GLYCINE         ? 'C2 H5 N O2'     75.067  
HIS 'L-peptide linking' y HISTIDINE       ? 'C6 H10 N3 O2 1' 156.162 
HOH non-polymer         . WATER           ? 'H2 O'           18.015  
ILE 'L-peptide linking' y ISOLEUCINE      ? 'C6 H13 N O2'    131.173 
LEU 'L-peptide linking' y LEUCINE         ? 'C6 H13 N O2'    131.173 
LYS 'L-peptide linking' y LYSINE          ? 'C6 H15 N2 O2 1' 147.195 
MET 'L-peptide linking' y METHIONINE      ? 'C5 H11 N O2 S'  149.211 
PHE 'L-peptide linking' y PHENYLALANINE   ? 'C9 H11 N O2'    165.189 
PRO 'L-peptide linking' y PROLINE         ? 'C5 H9 N O2'     115.130 
SER 'L-peptide linking' y SERINE          ? 'C3 H7 N O3'     105.093 
THR 'L-peptide linking' y THREONINE       ? 'C4 H9 N O3'     119.119 
TRP 'L-peptide linking' y TRYPTOPHAN      ? 'C11 H12 N2 O2'  204.225 
TYR 'L-peptide linking' y TYROSINE        ? 'C9 H11 N O3'    181.189 
VAL 'L-peptide linking' y VALINE          ? 'C5 H11 N O2'    117.146 
# 
loop_
_pdbx_poly_seq_scheme.asym_id 
_pdbx_poly_seq_scheme.entity_id 
_pdbx_poly_seq_scheme.seq_id 
_pdbx_poly_seq_scheme.mon_id 
_pdbx_poly_seq_scheme.ndb_seq_num 
_pdbx_poly_seq_scheme.pdb_seq_num 
_pdbx_poly_seq_scheme.auth_seq_num 
_pdbx_poly_seq_scheme.pdb_mon_id 
_pdbx_poly_seq_scheme.auth_mon_id 
_pdbx_poly_seq_scheme.pdb_strand_id 
_pdbx_poly_seq_scheme.pdb_ins_code 
_pdbx_poly_seq_scheme.hetero 
A 1 1   MET 1   1   ?   ?   ?   A . n 
A 1 2   SER 2   2   ?   ?   ?   A . n 
A 1 3   LEU 3   3   3   LEU LEU A . n 
A 1 4   MET 4   4   4   MET MET A . n 
A 1 5   GLU 5   5   5   GLU GLU A . n 
A 1 6   SER 6   6   6   SER SER A . n 
A 1 7   TRP 7   7   7   TRP TRP A . n 
A 1 8   LEU 8   8   8   LEU LEU A . n 
A 1 9   ILE 9   9   9   ILE ILE A . n 
A 1 10  PRO 10  10  10  PRO PRO A . n 
A 1 11  ALA 11  11  11  ALA ALA A . n 
A 1 12  ALA 12  12  12  ALA ALA A . n 
A 1 13  PRO 13  13  13  PRO PRO A . n 
A 1 14  VAL 14  14  14  VAL VAL A . n 
A 1 15  THR 15  15  15  THR THR A . n 
A 1 16  VAL 16  16  16  VAL VAL A . n 
A 1 17  VAL 17  17  17  VAL VAL A . n 
A 1 18  GLU 18  18  18  GLU GLU A . n 
A 1 19  GLU 19  19  19  GLU GLU A . n 
A 1 20  ILE 20  20  20  ILE ILE A . n 
A 1 21  LYS 21  21  21  LYS LYS A . n 
A 1 22  LYS 22  22  22  LYS LYS A . n 
A 1 23  SER 23  23  23  SER SER A . n 
A 1 24  ARG 24  24  24  ARG ARG A . n 
A 1 25  PHE 25  25  25  PHE PHE A . n 
A 1 26  ILE 26  26  26  ILE ILE A . n 
A 1 27  THR 27  27  27  THR THR A . n 
A 1 28  MET 28  28  28  MET MET A . n 
A 1 29  LEU 29  29  29  LEU LEU A . n 
A 1 30  ALA 30  30  30  ALA ALA A . n 
A 1 31  HIS 31  31  31  HIS HIS A . n 
A 1 32  THR 32  32  32  THR THR A . n 
A 1 33  ASP 33  33  33  ASP ASP A . n 
A 1 34  GLY 34  34  34  GLY GLY A . n 
A 1 35  VAL 35  35  35  VAL VAL A . n 
A 1 36  GLU 36  36  36  GLU GLU A . n 
A 1 37  ALA 37  37  37  ALA ALA A . n 
A 1 38  ALA 38  38  38  ALA ALA A . n 
A 1 39  LYS 39  39  39  LYS LYS A . n 
A 1 40  ALA 40  40  40  ALA ALA A . n 
A 1 41  PHE 41  41  41  PHE PHE A . n 
A 1 42  VAL 42  42  42  VAL VAL A . n 
A 1 43  GLU 43  43  43  GLU GLU A . n 
A 1 44  SER 44  44  44  SER SER A . n 
A 1 45  VAL 45  45  45  VAL VAL A . n 
A 1 46  ARG 46  46  46  ARG ARG A . n 
A 1 47  ALA 47  47  47  ALA ALA A . n 
A 1 48  GLU 48  48  48  GLU GLU A . n 
A 1 49  HIS 49  49  49  HIS HIS A . n 
A 1 50  PRO 50  50  50  PRO PRO A . n 
A 1 51  ASP 51  51  51  ASP ASP A . n 
A 1 52  ALA 52  52  52  ALA ALA A . n 
A 1 53  ARG 53  53  53  ARG ARG A . n 
A 1 54  HIS 54  54  54  HIS HIS A . n 
A 1 55  HIS 55  55  55  HIS HIS A . n 
A 1 56  CYS 56  56  56  CYS CYS A . n 
A 1 57  VAL 57  57  57  VAL VAL A . n 
A 1 58  ALA 58  58  58  ALA ALA A . n 
A 1 59  TRP 59  59  59  TRP TRP A . n 
A 1 60  VAL 60  60  60  VAL VAL A . n 
A 1 61  ALA 61  61  61  ALA ALA A . n 
A 1 62  GLY 62  62  62  GLY GLY A . n 
A 1 63  ALA 63  63  63  ALA ALA A . n 
A 1 64  PRO 64  64  64  PRO PRO A . n 
A 1 65  ASP 65  65  65  ASP ASP A . n 
A 1 66  ASP 66  66  66  ASP ASP A . n 
A 1 67  SER 67  67  67  SER SER A . n 
A 1 68  GLN 68  68  68  GLN GLN A . n 
A 1 69  GLN 69  69  69  GLN GLN A . n 
A 1 70  LEU 70  70  70  LEU LEU A . n 
A 1 71  GLY 71  71  71  GLY GLY A . n 
A 1 72  PHE 72  72  72  PHE PHE A . n 
A 1 73  SER 73  73  73  SER SER A . n 
A 1 74  ASP 74  74  74  ASP ASP A . n 
A 1 75  ASP 75  75  75  ASP ASP A . n 
A 1 76  GLY 76  76  76  GLY GLY A . n 
A 1 77  GLU 77  77  77  GLU GLU A . n 
A 1 78  PRO 78  78  78  PRO PRO A . n 
A 1 79  ALA 79  79  79  ALA ALA A . n 
A 1 80  GLY 80  80  80  GLY GLY A . n 
A 1 81  THR 81  81  81  THR THR A . n 
A 1 82  ALA 82  82  82  ALA ALA A . n 
A 1 83  GLY 83  83  83  GLY GLY A . n 
A 1 84  LYS 84  84  84  LYS LYS A . n 
A 1 85  PRO 85  85  85  PRO PRO A . n 
A 1 86  MET 86  86  86  MET MET A . n 
A 1 87  LEU 87  87  87  LEU LEU A . n 
A 1 88  ALA 88  88  88  ALA ALA A . n 
A 1 89  GLN 89  89  89  GLN GLN A . n 
A 1 90  LEU 90  90  90  LEU LEU A . n 
A 1 91  MET 91  91  91  MET MET A . n 
A 1 92  GLY 92  92  92  GLY GLY A . n 
A 1 93  SER 93  93  93  SER SER A . n 
A 1 94  GLY 94  94  94  GLY GLY A . n 
A 1 95  VAL 95  95  95  VAL VAL A . n 
A 1 96  GLY 96  96  96  GLY GLY A . n 
A 1 97  GLU 97  97  97  GLU GLU A . n 
A 1 98  ILE 98  98  98  ILE ILE A . n 
A 1 99  THR 99  99  99  THR THR A . n 
A 1 100 ALA 100 100 100 ALA ALA A . n 
A 1 101 VAL 101 101 101 VAL VAL A . n 
A 1 102 VAL 102 102 102 VAL VAL A . n 
A 1 103 VAL 103 103 103 VAL VAL A . n 
A 1 104 ARG 104 104 104 ARG ARG A . n 
A 1 105 TYR 105 105 105 TYR TYR A . n 
A 1 106 TYR 106 106 106 TYR TYR A . n 
A 1 107 GLY 107 107 107 GLY GLY A . n 
A 1 108 GLY 108 108 108 GLY GLY A . n 
A 1 109 ILE 109 109 109 ILE ILE A . n 
A 1 110 LEU 110 110 110 LEU LEU A . n 
A 1 111 LEU 111 111 111 LEU LEU A . n 
A 1 112 GLY 112 112 112 GLY GLY A . n 
A 1 113 THR 113 113 113 THR THR A . n 
A 1 114 GLY 114 114 114 GLY GLY A . n 
A 1 115 GLY 115 115 115 GLY GLY A . n 
A 1 116 LEU 116 116 116 LEU LEU A . n 
A 1 117 VAL 117 117 117 VAL VAL A . n 
A 1 118 LYS 118 118 118 LYS LYS A . n 
A 1 119 ALA 119 119 119 ALA ALA A . n 
A 1 120 TYR 120 120 120 TYR TYR A . n 
A 1 121 GLY 121 121 121 GLY GLY A . n 
A 1 122 GLY 122 122 122 GLY GLY A . n 
A 1 123 GLY 123 123 123 GLY GLY A . n 
A 1 124 VAL 124 124 124 VAL VAL A . n 
A 1 125 ASN 125 125 125 ASN ASN A . n 
A 1 126 GLN 126 126 126 GLN GLN A . n 
A 1 127 ALA 127 127 127 ALA ALA A . n 
A 1 128 LEU 128 128 128 LEU LEU A . n 
A 1 129 ARG 129 129 129 ARG ARG A . n 
A 1 130 GLN 130 130 130 GLN GLN A . n 
A 1 131 LEU 131 131 131 LEU LEU A . n 
A 1 132 THR 132 132 132 THR THR A . n 
A 1 133 THR 133 133 133 THR THR A . n 
A 1 134 GLN 134 134 134 GLN GLN A . n 
A 1 135 ARG 135 135 135 ARG ARG A . n 
A 1 136 LYS 136 136 136 LYS LYS A . n 
A 1 137 THR 137 137 137 THR THR A . n 
A 1 138 PRO 138 138 138 PRO PRO A . n 
A 1 139 LEU 139 139 139 LEU LEU A . n 
A 1 140 THR 140 140 140 THR THR A . n 
A 1 141 GLU 141 141 141 GLU GLU A . n 
A 1 142 TYR 142 142 142 TYR TYR A . n 
A 1 143 THR 143 143 143 THR THR A . n 
A 1 144 LEU 144 144 144 LEU LEU A . n 
A 1 145 GLN 145 145 145 GLN GLN A . n 
A 1 146 CYS 146 146 146 CYS CYS A . n 
A 1 147 GLU 147 147 147 GLU GLU A . n 
A 1 148 TYR 148 148 148 TYR TYR A . n 
A 1 149 HIS 149 149 149 HIS HIS A . n 
A 1 150 GLN 150 150 150 GLN GLN A . n 
A 1 151 LEU 151 151 151 LEU LEU A . n 
A 1 152 THR 152 152 152 THR THR A . n 
A 1 153 GLY 153 153 153 GLY GLY A . n 
A 1 154 ILE 154 154 154 ILE ILE A . n 
A 1 155 GLU 155 155 155 GLU GLU A . n 
A 1 156 ALA 156 156 156 ALA ALA A . n 
A 1 157 LEU 157 157 157 LEU LEU A . n 
A 1 158 LEU 158 158 158 LEU LEU A . n 
A 1 159 GLY 159 159 159 GLY GLY A . n 
A 1 160 GLN 160 160 160 GLN GLN A . n 
A 1 161 CYS 161 161 161 CYS CYS A . n 
A 1 162 ASP 162 162 162 ASP ASP A . n 
A 1 163 GLY 163 163 163 GLY GLY A . n 
A 1 164 LYS 164 164 164 LYS LYS A . n 
A 1 165 ILE 165 165 165 ILE ILE A . n 
A 1 166 ILE 166 166 166 ILE ILE A . n 
A 1 167 ASN 167 167 167 ASN ASN A . n 
A 1 168 SER 168 168 168 SER SER A . n 
A 1 169 ASP 169 169 169 ASP ASP A . n 
A 1 170 TYR 170 170 170 TYR TYR A . n 
A 1 171 GLN 171 171 171 GLN GLN A . n 
A 1 172 ALA 172 172 172 ALA ALA A . n 
A 1 173 PHE 173 173 173 PHE PHE A . n 
A 1 174 VAL 174 174 174 VAL VAL A . n 
A 1 175 LEU 175 175 175 LEU LEU A . n 
A 1 176 LEU 176 176 176 LEU LEU A . n 
A 1 177 ARG 177 177 177 ARG ARG A . n 
A 1 178 VAL 178 178 178 VAL VAL A . n 
A 1 179 ALA 179 179 179 ALA ALA A . n 
A 1 180 LEU 180 180 180 LEU LEU A . n 
A 1 181 PRO 181 181 181 PRO PRO A . n 
A 1 182 ALA 182 182 182 ALA ALA A . n 
A 1 183 ALA 183 183 183 ALA ALA A . n 
A 1 184 LYS 184 184 184 LYS LYS A . n 
A 1 185 VAL 185 185 185 VAL VAL A . n 
A 1 186 ALA 186 186 186 ALA ALA A . n 
A 1 187 GLU 187 187 187 GLU GLU A . n 
A 1 188 PHE 188 188 188 PHE PHE A . n 
A 1 189 SER 189 189 189 SER SER A . n 
A 1 190 ALA 190 190 190 ALA ALA A . n 
A 1 191 LYS 191 191 191 LYS LYS A . n 
A 1 192 LEU 192 192 192 LEU LEU A . n 
A 1 193 ALA 193 193 193 ALA ALA A . n 
A 1 194 ASP 194 194 194 ASP ASP A . n 
A 1 195 PHE 195 195 195 PHE PHE A . n 
A 1 196 SER 196 196 196 SER SER A . n 
A 1 197 ARG 197 197 197 ARG ARG A . n 
A 1 198 GLY 198 198 198 GLY GLY A . n 
A 1 199 SER 199 199 199 SER SER A . n 
A 1 200 LEU 200 200 200 LEU LEU A . n 
A 1 201 GLN 201 201 201 GLN GLN A . n 
A 1 202 LEU 202 202 202 LEU LEU A . n 
A 1 203 LEU 203 203 203 LEU LEU A . n 
A 1 204 ALA 204 204 204 ALA ALA A . n 
A 1 205 ILE 205 205 205 ILE ILE A . n 
A 1 206 GLU 206 206 206 GLU GLU A . n 
A 1 207 GLU 207 207 207 GLU GLU A . n 
A 1 208 GLU 208 208 208 GLU GLU A . n 
A 1 209 GLY 209 209 ?   ?   ?   A . n 
A 1 210 GLY 210 210 ?   ?   ?   A . n 
A 1 211 SER 211 211 ?   ?   ?   A . n 
A 1 212 HIS 212 212 ?   ?   ?   A . n 
A 1 213 HIS 213 213 ?   ?   ?   A . n 
A 1 214 HIS 214 214 ?   ?   ?   A . n 
A 1 215 HIS 215 215 ?   ?   ?   A . n 
A 1 216 HIS 216 216 ?   ?   ?   A . n 
A 1 217 HIS 217 217 ?   ?   ?   A . n 
# 
loop_
_pdbx_nonpoly_scheme.asym_id 
_pdbx_nonpoly_scheme.entity_id 
_pdbx_nonpoly_scheme.mon_id 
_pdbx_nonpoly_scheme.ndb_seq_num 
_pdbx_nonpoly_scheme.pdb_seq_num 
_pdbx_nonpoly_scheme.auth_seq_num 
_pdbx_nonpoly_scheme.pdb_mon_id 
_pdbx_nonpoly_scheme.auth_mon_id 
_pdbx_nonpoly_scheme.pdb_strand_id 
_pdbx_nonpoly_scheme.pdb_ins_code 
B 2 HOH 1  218 1  HOH HOH A . 
B 2 HOH 2  219 2  HOH HOH A . 
B 2 HOH 3  220 3  HOH HOH A . 
B 2 HOH 4  221 4  HOH HOH A . 
B 2 HOH 5  222 5  HOH HOH A . 
B 2 HOH 6  223 6  HOH HOH A . 
B 2 HOH 7  224 7  HOH HOH A . 
B 2 HOH 8  225 8  HOH HOH A . 
B 2 HOH 9  226 9  HOH HOH A . 
B 2 HOH 10 227 10 HOH HOH A . 
B 2 HOH 11 228 11 HOH HOH A . 
B 2 HOH 12 229 12 HOH HOH A . 
B 2 HOH 13 230 13 HOH HOH A . 
B 2 HOH 14 231 14 HOH HOH A . 
B 2 HOH 15 232 15 HOH HOH A . 
B 2 HOH 16 233 16 HOH HOH A . 
B 2 HOH 17 234 17 HOH HOH A . 
B 2 HOH 18 235 18 HOH HOH A . 
B 2 HOH 19 236 19 HOH HOH A . 
B 2 HOH 20 237 20 HOH HOH A . 
B 2 HOH 21 238 21 HOH HOH A . 
B 2 HOH 22 239 22 HOH HOH A . 
B 2 HOH 23 240 23 HOH HOH A . 
B 2 HOH 24 241 24 HOH HOH A . 
B 2 HOH 25 242 25 HOH HOH A . 
B 2 HOH 26 243 26 HOH HOH A . 
B 2 HOH 27 244 27 HOH HOH A . 
B 2 HOH 28 245 28 HOH HOH A . 
B 2 HOH 29 246 29 HOH HOH A . 
B 2 HOH 30 247 30 HOH HOH A . 
B 2 HOH 31 248 31 HOH HOH A . 
B 2 HOH 32 249 32 HOH HOH A . 
B 2 HOH 33 250 33 HOH HOH A . 
B 2 HOH 34 251 34 HOH HOH A . 
B 2 HOH 35 252 35 HOH HOH A . 
B 2 HOH 36 253 36 HOH HOH A . 
B 2 HOH 37 254 37 HOH HOH A . 
B 2 HOH 38 255 38 HOH HOH A . 
B 2 HOH 39 256 39 HOH HOH A . 
B 2 HOH 40 257 40 HOH HOH A . 
B 2 HOH 41 258 41 HOH HOH A . 
B 2 HOH 42 259 42 HOH HOH A . 
B 2 HOH 43 260 43 HOH HOH A . 
B 2 HOH 44 261 44 HOH HOH A . 
B 2 HOH 45 262 45 HOH HOH A . 
B 2 HOH 46 263 46 HOH HOH A . 
B 2 HOH 47 264 47 HOH HOH A . 
B 2 HOH 48 265 48 HOH HOH A . 
B 2 HOH 49 266 49 HOH HOH A . 
B 2 HOH 50 267 50 HOH HOH A . 
B 2 HOH 51 268 51 HOH HOH A . 
B 2 HOH 52 269 52 HOH HOH A . 
B 2 HOH 53 270 53 HOH HOH A . 
B 2 HOH 54 271 54 HOH HOH A . 
B 2 HOH 55 272 55 HOH HOH A . 
B 2 HOH 56 273 56 HOH HOH A . 
B 2 HOH 57 274 57 HOH HOH A . 
B 2 HOH 58 275 58 HOH HOH A . 
B 2 HOH 59 276 59 HOH HOH A . 
B 2 HOH 60 277 60 HOH HOH A . 
B 2 HOH 61 278 61 HOH HOH A . 
B 2 HOH 62 279 62 HOH HOH A . 
B 2 HOH 63 280 63 HOH HOH A . 
B 2 HOH 64 281 64 HOH HOH A . 
B 2 HOH 65 282 65 HOH HOH A . 
B 2 HOH 66 283 66 HOH HOH A . 
B 2 HOH 67 284 67 HOH HOH A . 
B 2 HOH 68 285 68 HOH HOH A . 
B 2 HOH 69 286 69 HOH HOH A . 
B 2 HOH 70 287 70 HOH HOH A . 
B 2 HOH 71 288 71 HOH HOH A . 
B 2 HOH 72 289 72 HOH HOH A . 
B 2 HOH 73 290 73 HOH HOH A . 
B 2 HOH 74 291 74 HOH HOH A . 
B 2 HOH 75 292 75 HOH HOH A . 
B 2 HOH 76 293 76 HOH HOH A . 
B 2 HOH 77 294 77 HOH HOH A . 
B 2 HOH 78 295 78 HOH HOH A . 
B 2 HOH 79 296 79 HOH HOH A . 
B 2 HOH 80 297 80 HOH HOH A . 
B 2 HOH 81 298 81 HOH HOH A . 
B 2 HOH 82 299 82 HOH HOH A . 
B 2 HOH 83 300 83 HOH HOH A . 
B 2 HOH 84 301 84 HOH HOH A . 
B 2 HOH 85 302 85 HOH HOH A . 
B 2 HOH 86 303 86 HOH HOH A . 
B 2 HOH 87 304 87 HOH HOH A . 
B 2 HOH 88 305 88 HOH HOH A . 
B 2 HOH 89 306 89 HOH HOH A . 
B 2 HOH 90 307 90 HOH HOH A . 
B 2 HOH 91 308 91 HOH HOH A . 
# 
loop_
_pdbx_unobs_or_zero_occ_atoms.id 
_pdbx_unobs_or_zero_occ_atoms.PDB_model_num 
_pdbx_unobs_or_zero_occ_atoms.polymer_flag 
_pdbx_unobs_or_zero_occ_atoms.occupancy_flag 
_pdbx_unobs_or_zero_occ_atoms.auth_asym_id 
_pdbx_unobs_or_zero_occ_atoms.auth_comp_id 
_pdbx_unobs_or_zero_occ_atoms.auth_seq_id 
_pdbx_unobs_or_zero_occ_atoms.PDB_ins_code 
_pdbx_unobs_or_zero_occ_atoms.auth_atom_id 
_pdbx_unobs_or_zero_occ_atoms.label_alt_id 
_pdbx_unobs_or_zero_occ_atoms.label_asym_id 
_pdbx_unobs_or_zero_occ_atoms.label_comp_id 
_pdbx_unobs_or_zero_occ_atoms.label_seq_id 
_pdbx_unobs_or_zero_occ_atoms.label_atom_id 
1  1 Y 1 A ILE 26  ? CG1 ? A ILE 26  CG1 
2  1 Y 1 A ILE 26  ? CG2 ? A ILE 26  CG2 
3  1 Y 1 A ILE 26  ? CD1 ? A ILE 26  CD1 
4  1 Y 1 A VAL 45  ? CG1 ? A VAL 45  CG1 
5  1 Y 1 A VAL 45  ? CG2 ? A VAL 45  CG2 
6  1 Y 1 A ARG 46  ? CG  ? A ARG 46  CG  
7  1 Y 1 A ARG 46  ? CD  ? A ARG 46  CD  
8  1 Y 1 A ARG 46  ? NE  ? A ARG 46  NE  
9  1 Y 1 A ARG 46  ? CZ  ? A ARG 46  CZ  
10 1 Y 1 A ARG 46  ? NH1 ? A ARG 46  NH1 
11 1 Y 1 A ARG 46  ? NH2 ? A ARG 46  NH2 
12 1 Y 1 A LYS 84  ? CD  ? A LYS 84  CD  
13 1 Y 1 A LYS 84  ? CE  ? A LYS 84  CE  
14 1 Y 1 A LYS 84  ? NZ  ? A LYS 84  NZ  
15 1 Y 1 A GLU 206 ? CG  ? A GLU 206 CG  
16 1 Y 1 A GLU 206 ? CD  ? A GLU 206 CD  
17 1 Y 1 A GLU 206 ? OE1 ? A GLU 206 OE1 
18 1 Y 1 A GLU 206 ? OE2 ? A GLU 206 OE2 
19 1 Y 1 A GLU 208 ? CG  ? A GLU 208 CG  
20 1 Y 1 A GLU 208 ? CD  ? A GLU 208 CD  
21 1 Y 1 A GLU 208 ? OE1 ? A GLU 208 OE1 
22 1 Y 1 A GLU 208 ? OE2 ? A GLU 208 OE2 
# 
loop_
_software.name 
_software.classification 
_software.version 
_software.citation_id 
_software.pdbx_ordinal 
MOSFLM   'data reduction' .        ? 1 
SCALA    'data scaling'   .        ? 2 
TRUNCATE 'data reduction' .        ? 3 
REFMAC   refinement       4.0      ? 4 
CCP4     'data scaling'   '(SCALA' ? 5 
TRUNCATE 'data scaling'   .        ? 6 
# 
_cell.entry_id           1VI7 
_cell.length_a           148.749 
_cell.length_b           148.749 
_cell.length_c           35.602 
_cell.angle_alpha        90.00 
_cell.angle_beta         90.00 
_cell.angle_gamma        120.00 
_cell.pdbx_unique_axis   ? 
_cell.Z_PDB              9 
# 
_symmetry.entry_id                         1VI7 
_symmetry.space_group_name_H-M             'H 3' 
_symmetry.Int_Tables_number                146 
_symmetry.pdbx_full_space_group_name_H-M   ? 
_symmetry.cell_setting                     ? 
_symmetry.space_group_name_Hall            ? 
# 
_exptl.entry_id          1VI7 
_exptl.method            'X-RAY DIFFRACTION' 
_exptl.crystals_number   1 
# 
_exptl_crystal.id                    1 
_exptl_crystal.density_meas          ? 
_exptl_crystal.density_percent_sol   62.24 
_exptl_crystal.density_Matthews      3.26 
_exptl_crystal.description           ? 
_exptl_crystal.F_000                 ? 
_exptl_crystal.preparation           ? 
# 
_diffrn.id                     1 
_diffrn.ambient_temp           ? 
_diffrn.ambient_temp_details   ? 
_diffrn.crystal_id             1 
# 
_diffrn_detector.diffrn_id              1 
_diffrn_detector.detector               CCD 
_diffrn_detector.type                   MARRESEARCH 
_diffrn_detector.pdbx_collection_date   ? 
_diffrn_detector.details                ? 
# 
_diffrn_radiation.diffrn_id                        1 
_diffrn_radiation.wavelength_id                    1 
_diffrn_radiation.pdbx_diffrn_protocol             MAD 
_diffrn_radiation.monochromator                    ? 
_diffrn_radiation.pdbx_monochromatic_or_laue_m_l   M 
_diffrn_radiation.pdbx_scattering_type             x-ray 
# 
_diffrn_radiation_wavelength.id           1 
_diffrn_radiation_wavelength.wavelength   0.9795 
_diffrn_radiation_wavelength.wt           1.0 
# 
_diffrn_source.diffrn_id                   1 
_diffrn_source.source                      SYNCHROTRON 
_diffrn_source.type                        'APS BEAMLINE 32-ID' 
_diffrn_source.pdbx_wavelength_list        '0.9795, 0.9795' 
_diffrn_source.pdbx_synchrotron_site       APS 
_diffrn_source.pdbx_synchrotron_beamline   32-ID 
_diffrn_source.pdbx_wavelength             ? 
# 
_reflns.entry_id                     1VI7 
_reflns.number_all                   9455 
_reflns.number_obs                   9455 
_reflns.d_resolution_low             37.19 
_reflns.d_resolution_high            2.56 
_reflns.percent_possible_obs         100.0 
_reflns.pdbx_redundancy              11.3 
_reflns.pdbx_Rmerge_I_obs            0.123 
_reflns.pdbx_netI_over_sigmaI        14.8 
_reflns.observed_criterion_sigma_F   ? 
_reflns.observed_criterion_sigma_I   ? 
_reflns.pdbx_Rsym_value              ? 
_reflns.B_iso_Wilson_estimate        ? 
_reflns.R_free_details               ? 
_reflns.limit_h_max                  ? 
_reflns.limit_h_min                  ? 
_reflns.limit_k_max                  ? 
_reflns.limit_k_min                  ? 
_reflns.limit_l_max                  ? 
_reflns.limit_l_min                  ? 
_reflns.observed_criterion_F_max     ? 
_reflns.observed_criterion_F_min     ? 
_reflns.pdbx_chi_squared             ? 
_reflns.pdbx_scaling_rejects         ? 
_reflns.pdbx_diffrn_id               1 
_reflns.pdbx_ordinal                 1 
# 
_reflns_shell.d_res_low              2.70 
_reflns_shell.d_res_high             2.56 
_reflns_shell.meanI_over_sigI_obs    4.7 
_reflns_shell.Rmerge_I_obs           0.952 
_reflns_shell.percent_possible_all   100.0 
_reflns_shell.pdbx_redundancy        11.2 
_reflns_shell.percent_possible_obs   ? 
_reflns_shell.pdbx_Rsym_value        ? 
_reflns_shell.number_unique_all      ? 
_reflns_shell.number_measured_all    ? 
_reflns_shell.number_measured_obs    ? 
_reflns_shell.number_unique_obs      ? 
_reflns_shell.pdbx_chi_squared       ? 
_reflns_shell.pdbx_diffrn_id         ? 
_reflns_shell.pdbx_ordinal           1 
# 
_refine.entry_id                                 1VI7 
_refine.pdbx_method_to_determine_struct          'Se-Met MAD phasing' 
_refine.ls_d_res_low                             37.19 
_refine.ls_d_res_high                            2.80 
_refine.solvent_model_details                    'Babinet bulk solvent correction' 
_refine.solvent_model_param_ksol                 0.932 
_refine.solvent_model_param_bsol                 482.947 
_refine.aniso_B[1][1]                            -0.474 
_refine.aniso_B[1][2]                            -0.237 
_refine.aniso_B[1][3]                            0.000 
_refine.aniso_B[2][2]                            -0.474 
_refine.aniso_B[2][3]                            0.000 
_refine.aniso_B[3][3]                            0.711 
_refine.B_iso_mean                               42.773 
_refine.ls_number_reflns_obs                     7231 
_refine.ls_number_reflns_R_free                  334 
_refine.ls_R_factor_R_work                       0.261 
_refine.ls_R_factor_R_free                       0.332 
_refine.pdbx_ls_sigma_F                          0 
_refine.ls_R_factor_all                          ? 
_refine.ls_R_factor_obs                          ? 
_refine.ls_percent_reflns_obs                    ? 
_refine.ls_number_reflns_all                     ? 
_refine.pdbx_ls_sigma_I                          ? 
_refine.ls_redundancy_reflns_obs                 ? 
_refine.pdbx_data_cutoff_high_absF               ? 
_refine.pdbx_data_cutoff_low_absF                ? 
_refine.ls_number_parameters                     ? 
_refine.ls_number_restraints                     ? 
_refine.ls_percent_reflns_R_free                 ? 
_refine.ls_R_factor_R_free_error                 ? 
_refine.ls_R_factor_R_free_error_details         ? 
_refine.pdbx_starting_model                      ? 
_refine.pdbx_isotropic_thermal_model             ? 
_refine.pdbx_ls_cross_valid_method               ? 
_refine.pdbx_R_Free_selection_details            ? 
_refine.pdbx_stereochem_target_val_spec_case     ? 
_refine.pdbx_stereochemistry_target_values       ? 
_refine.occupancy_max                            ? 
_refine.occupancy_min                            ? 
_refine.overall_SU_B                             ? 
_refine.overall_SU_ML                            ? 
_refine.pdbx_overall_ESU_R                       ? 
_refine.pdbx_overall_ESU_R_Free                  ? 
_refine.pdbx_data_cutoff_high_rms_absF           ? 
_refine.details                                  ? 
_refine.B_iso_min                                ? 
_refine.B_iso_max                                ? 
_refine.correlation_coeff_Fo_to_Fc               ? 
_refine.correlation_coeff_Fo_to_Fc_free          ? 
_refine.pdbx_solvent_vdw_probe_radii             ? 
_refine.pdbx_solvent_ion_probe_radii             ? 
_refine.pdbx_solvent_shrinkage_radii             ? 
_refine.overall_SU_R_Cruickshank_DPI             ? 
_refine.overall_SU_R_free                        ? 
_refine.ls_wR_factor_R_free                      ? 
_refine.ls_wR_factor_R_work                      ? 
_refine.overall_FOM_free_R_set                   ? 
_refine.overall_FOM_work_R_set                   ? 
_refine.pdbx_refine_id                           'X-RAY DIFFRACTION' 
_refine.pdbx_diffrn_id                           1 
_refine.pdbx_TLS_residual_ADP_flag               ? 
_refine.pdbx_overall_phase_error                 ? 
_refine.pdbx_overall_SU_R_free_Cruickshank_DPI   ? 
_refine.pdbx_overall_SU_R_Blow_DPI               ? 
_refine.pdbx_overall_SU_R_free_Blow_DPI          ? 
# 
_refine_hist.pdbx_refine_id                   'X-RAY DIFFRACTION' 
_refine_hist.cycle_id                         LAST 
_refine_hist.pdbx_number_atoms_protein        1529 
_refine_hist.pdbx_number_atoms_nucleic_acid   0 
_refine_hist.pdbx_number_atoms_ligand         0 
_refine_hist.number_atoms_solvent             91 
_refine_hist.number_atoms_total               1620 
_refine_hist.d_res_high                       2.80 
_refine_hist.d_res_low                        37.19 
# 
loop_
_refine_ls_restr.type 
_refine_ls_restr.dev_ideal 
_refine_ls_restr.dev_ideal_target 
_refine_ls_restr.number 
_refine_ls_restr.weight 
_refine_ls_restr.pdbx_refine_id 
_refine_ls_restr.pdbx_restraint_function 
p_bond_d       0.013 ? ? ? 'X-RAY DIFFRACTION' ? 
p_angle_d      2.412 ? ? ? 'X-RAY DIFFRACTION' ? 
p_planar_tor   3.026 ? ? ? 'X-RAY DIFFRACTION' ? 
p_chiral_restr 0.162 ? ? ? 'X-RAY DIFFRACTION' ? 
p_plane_restr  0.019 ? ? ? 'X-RAY DIFFRACTION' ? 
p_mcbond_it    1.766 ? ? ? 'X-RAY DIFFRACTION' ? 
p_mcangle_it   3.188 ? ? ? 'X-RAY DIFFRACTION' ? 
p_scbond_it    2.713 ? ? ? 'X-RAY DIFFRACTION' ? 
p_scangle_it   4.148 ? ? ? 'X-RAY DIFFRACTION' ? 
# 
_struct.entry_id                  1VI7 
_struct.title                     'Crystal structure of an hypothetical protein' 
_struct.pdbx_model_details        ? 
_struct.pdbx_CASP_flag            ? 
_struct.pdbx_model_type_details   ? 
# 
_struct_keywords.entry_id        1VI7 
_struct_keywords.pdbx_keywords   'Structural genomics, unknown function' 
_struct_keywords.text            'structural genomics, unknown function' 
# 
loop_
_struct_asym.id 
_struct_asym.pdbx_blank_PDB_chainid_flag 
_struct_asym.pdbx_modified 
_struct_asym.entity_id 
_struct_asym.details 
A N N 1 ? 
B N N 2 ? 
# 
_struct_ref.id                         1 
_struct_ref.entity_id                  1 
_struct_ref.db_name                    UNP 
_struct_ref.db_code                    YIGZ_ECOLI 
_struct_ref.pdbx_db_accession          P27862 
_struct_ref.pdbx_seq_one_letter_code   
;MESWLIPAAPVTVVEEIKKSRFITMLAHTDGVEAAKAFVESVRAEHPDARHHCVAWVAGAPDDSQQLGFSDDGEPAGTAG
KPMLAQLMGSGVGEITAVVVRYYGGILLGTGGLVKAYGGGVNQALRQLTTQRKTPLTEYTLQCEYHQLTGIEALLGQCDG
KIINSDYQAFVLLRVALPAAKVAEFSAKLADFSRGSLQLLAIEE
;
_struct_ref.pdbx_align_begin           1 
_struct_ref.pdbx_db_isoform            ? 
# 
_struct_ref_seq.align_id                      1 
_struct_ref_seq.ref_id                        1 
_struct_ref_seq.pdbx_PDB_id_code              1VI7 
_struct_ref_seq.pdbx_strand_id                A 
_struct_ref_seq.seq_align_beg                 4 
_struct_ref_seq.pdbx_seq_align_beg_ins_code   ? 
_struct_ref_seq.seq_align_end                 207 
_struct_ref_seq.pdbx_seq_align_end_ins_code   ? 
_struct_ref_seq.pdbx_db_accession             P27862 
_struct_ref_seq.db_align_beg                  1 
_struct_ref_seq.pdbx_db_align_beg_ins_code    ? 
_struct_ref_seq.db_align_end                  204 
_struct_ref_seq.pdbx_db_align_end_ins_code    ? 
_struct_ref_seq.pdbx_auth_seq_align_beg       4 
_struct_ref_seq.pdbx_auth_seq_align_end       207 
# 
loop_
_struct_ref_seq_dif.align_id 
_struct_ref_seq_dif.pdbx_pdb_id_code 
_struct_ref_seq_dif.mon_id 
_struct_ref_seq_dif.pdbx_pdb_strand_id 
_struct_ref_seq_dif.seq_num 
_struct_ref_seq_dif.pdbx_pdb_ins_code 
_struct_ref_seq_dif.pdbx_seq_db_name 
_struct_ref_seq_dif.pdbx_seq_db_accession_code 
_struct_ref_seq_dif.db_mon_id 
_struct_ref_seq_dif.pdbx_seq_db_seq_num 
_struct_ref_seq_dif.details 
_struct_ref_seq_dif.pdbx_auth_seq_num 
_struct_ref_seq_dif.pdbx_ordinal 
1 1VI7 MET A 1   ? UNP P27862 ? ? 'cloning artifact' 1   1  
1 1VI7 SER A 2   ? UNP P27862 ? ? 'cloning artifact' 2   2  
1 1VI7 LEU A 3   ? UNP P27862 ? ? 'cloning artifact' 3   3  
1 1VI7 GLU A 208 ? UNP P27862 ? ? 'cloning artifact' 208 4  
1 1VI7 GLY A 209 ? UNP P27862 ? ? 'cloning artifact' 209 5  
1 1VI7 GLY A 210 ? UNP P27862 ? ? 'cloning artifact' 210 6  
1 1VI7 SER A 211 ? UNP P27862 ? ? 'cloning artifact' 211 7  
1 1VI7 HIS A 212 ? UNP P27862 ? ? 'cloning artifact' 212 8  
1 1VI7 HIS A 213 ? UNP P27862 ? ? 'cloning artifact' 213 9  
1 1VI7 HIS A 214 ? UNP P27862 ? ? 'cloning artifact' 214 10 
1 1VI7 HIS A 215 ? UNP P27862 ? ? 'cloning artifact' 215 11 
1 1VI7 HIS A 216 ? UNP P27862 ? ? 'cloning artifact' 216 12 
1 1VI7 HIS A 217 ? UNP P27862 ? ? 'cloning artifact' 217 13 
# 
_pdbx_struct_assembly.id                   1 
_pdbx_struct_assembly.details              author_defined_assembly 
_pdbx_struct_assembly.method_details       ? 
_pdbx_struct_assembly.oligomeric_details   monomeric 
_pdbx_struct_assembly.oligomeric_count     1 
# 
_pdbx_struct_assembly_gen.assembly_id       1 
_pdbx_struct_assembly_gen.oper_expression   1 
_pdbx_struct_assembly_gen.asym_id_list      A,B 
# 
_pdbx_struct_oper_list.id                   1 
_pdbx_struct_oper_list.type                 'identity operation' 
_pdbx_struct_oper_list.name                 1_555 
_pdbx_struct_oper_list.symmetry_operation   x,y,z 
_pdbx_struct_oper_list.matrix[1][1]         1.0000000000 
_pdbx_struct_oper_list.matrix[1][2]         0.0000000000 
_pdbx_struct_oper_list.matrix[1][3]         0.0000000000 
_pdbx_struct_oper_list.vector[1]            0.0000000000 
_pdbx_struct_oper_list.matrix[2][1]         0.0000000000 
_pdbx_struct_oper_list.matrix[2][2]         1.0000000000 
_pdbx_struct_oper_list.matrix[2][3]         0.0000000000 
_pdbx_struct_oper_list.vector[2]            0.0000000000 
_pdbx_struct_oper_list.matrix[3][1]         0.0000000000 
_pdbx_struct_oper_list.matrix[3][2]         0.0000000000 
_pdbx_struct_oper_list.matrix[3][3]         1.0000000000 
_pdbx_struct_oper_list.vector[3]            0.0000000000 
# 
loop_
_struct_conf.conf_type_id 
_struct_conf.id 
_struct_conf.pdbx_PDB_helix_id 
_struct_conf.beg_label_comp_id 
_struct_conf.beg_label_asym_id 
_struct_conf.beg_label_seq_id 
_struct_conf.pdbx_beg_PDB_ins_code 
_struct_conf.end_label_comp_id 
_struct_conf.end_label_asym_id 
_struct_conf.end_label_seq_id 
_struct_conf.pdbx_end_PDB_ins_code 
_struct_conf.beg_auth_comp_id 
_struct_conf.beg_auth_asym_id 
_struct_conf.beg_auth_seq_id 
_struct_conf.end_auth_comp_id 
_struct_conf.end_auth_asym_id 
_struct_conf.end_auth_seq_id 
_struct_conf.pdbx_PDB_helix_class 
_struct_conf.details 
_struct_conf.pdbx_PDB_helix_length 
HELX_P HELX_P1 1 ASP A 33  ? HIS A 49  ? ASP A 33  HIS A 49  1 ? 17 
HELX_P HELX_P2 2 GLY A 83  ? GLY A 94  ? GLY A 83  GLY A 94  1 ? 12 
HELX_P HELX_P3 3 GLY A 112 ? ARG A 129 ? GLY A 112 ARG A 129 1 ? 18 
HELX_P HELX_P4 4 GLN A 150 ? CYS A 161 ? GLN A 150 CYS A 161 1 ? 12 
HELX_P HELX_P5 5 LYS A 184 ? SER A 196 ? LYS A 184 SER A 196 1 ? 13 
# 
_struct_conf_type.id          HELX_P 
_struct_conf_type.criteria    ? 
_struct_conf_type.reference   ? 
# 
_struct_mon_prot_cis.pdbx_id                1 
_struct_mon_prot_cis.label_comp_id          ALA 
_struct_mon_prot_cis.label_seq_id           63 
_struct_mon_prot_cis.label_asym_id          A 
_struct_mon_prot_cis.label_alt_id           . 
_struct_mon_prot_cis.pdbx_PDB_ins_code      ? 
_struct_mon_prot_cis.auth_comp_id           ALA 
_struct_mon_prot_cis.auth_seq_id            63 
_struct_mon_prot_cis.auth_asym_id           A 
_struct_mon_prot_cis.pdbx_label_comp_id_2   PRO 
_struct_mon_prot_cis.pdbx_label_seq_id_2    64 
_struct_mon_prot_cis.pdbx_label_asym_id_2   A 
_struct_mon_prot_cis.pdbx_PDB_ins_code_2    ? 
_struct_mon_prot_cis.pdbx_auth_comp_id_2    PRO 
_struct_mon_prot_cis.pdbx_auth_seq_id_2     64 
_struct_mon_prot_cis.pdbx_auth_asym_id_2    A 
_struct_mon_prot_cis.pdbx_PDB_model_num     1 
_struct_mon_prot_cis.pdbx_omega_angle       -0.14 
# 
loop_
_struct_sheet.id 
_struct_sheet.type 
_struct_sheet.number_strands 
_struct_sheet.details 
A ? 2 ? 
B ? 5 ? 
C ? 3 ? 
D ? 4 ? 
# 
loop_
_struct_sheet_order.sheet_id 
_struct_sheet_order.range_id_1 
_struct_sheet_order.range_id_2 
_struct_sheet_order.offset 
_struct_sheet_order.sense 
A 1 2 ? anti-parallel 
B 1 2 ? anti-parallel 
B 2 3 ? anti-parallel 
B 3 4 ? anti-parallel 
B 4 5 ? anti-parallel 
C 1 2 ? anti-parallel 
C 2 3 ? anti-parallel 
D 1 2 ? anti-parallel 
D 2 3 ? anti-parallel 
D 3 4 ? anti-parallel 
# 
loop_
_struct_sheet_range.sheet_id 
_struct_sheet_range.id 
_struct_sheet_range.beg_label_comp_id 
_struct_sheet_range.beg_label_asym_id 
_struct_sheet_range.beg_label_seq_id 
_struct_sheet_range.pdbx_beg_PDB_ins_code 
_struct_sheet_range.end_label_comp_id 
_struct_sheet_range.end_label_asym_id 
_struct_sheet_range.end_label_seq_id 
_struct_sheet_range.pdbx_end_PDB_ins_code 
_struct_sheet_range.beg_auth_comp_id 
_struct_sheet_range.beg_auth_asym_id 
_struct_sheet_range.beg_auth_seq_id 
_struct_sheet_range.end_auth_comp_id 
_struct_sheet_range.end_auth_asym_id 
_struct_sheet_range.end_auth_seq_id 
A 1 TRP A 7   ? PRO A 10  ? TRP A 7   PRO A 10  
A 2 THR A 133 ? LYS A 136 ? THR A 133 LYS A 136 
B 1 VAL A 14  ? ILE A 20  ? VAL A 14  ILE A 20  
B 2 SER A 23  ? HIS A 31  ? SER A 23  HIS A 31  
B 3 ILE A 98  ? VAL A 101 ? ILE A 98  VAL A 101 
B 4 VAL A 57  ? VAL A 60  ? VAL A 57  VAL A 60  
B 5 GLY A 71  ? SER A 73  ? GLY A 71  SER A 73  
C 1 VAL A 14  ? ILE A 20  ? VAL A 14  ILE A 20  
C 2 SER A 23  ? HIS A 31  ? SER A 23  HIS A 31  
C 3 ARG A 104 ? TYR A 105 ? ARG A 104 TYR A 105 
D 1 LYS A 164 ? TYR A 170 ? LYS A 164 TYR A 170 
D 2 VAL A 174 ? LEU A 180 ? VAL A 174 LEU A 180 
D 3 THR A 140 ? CYS A 146 ? THR A 140 CYS A 146 
D 4 LEU A 203 ? ALA A 204 ? LEU A 203 ALA A 204 
# 
loop_
_pdbx_struct_sheet_hbond.sheet_id 
_pdbx_struct_sheet_hbond.range_id_1 
_pdbx_struct_sheet_hbond.range_id_2 
_pdbx_struct_sheet_hbond.range_1_label_atom_id 
_pdbx_struct_sheet_hbond.range_1_label_comp_id 
_pdbx_struct_sheet_hbond.range_1_label_asym_id 
_pdbx_struct_sheet_hbond.range_1_label_seq_id 
_pdbx_struct_sheet_hbond.range_1_PDB_ins_code 
_pdbx_struct_sheet_hbond.range_1_auth_atom_id 
_pdbx_struct_sheet_hbond.range_1_auth_comp_id 
_pdbx_struct_sheet_hbond.range_1_auth_asym_id 
_pdbx_struct_sheet_hbond.range_1_auth_seq_id 
_pdbx_struct_sheet_hbond.range_2_label_atom_id 
_pdbx_struct_sheet_hbond.range_2_label_comp_id 
_pdbx_struct_sheet_hbond.range_2_label_asym_id 
_pdbx_struct_sheet_hbond.range_2_label_seq_id 
_pdbx_struct_sheet_hbond.range_2_PDB_ins_code 
_pdbx_struct_sheet_hbond.range_2_auth_atom_id 
_pdbx_struct_sheet_hbond.range_2_auth_comp_id 
_pdbx_struct_sheet_hbond.range_2_auth_asym_id 
_pdbx_struct_sheet_hbond.range_2_auth_seq_id 
A 1 2 N ILE A 9   ? N ILE A 9   O GLN A 134 ? O GLN A 134 
B 1 2 N VAL A 14  ? N VAL A 14  O LEU A 29  ? O LEU A 29  
B 2 3 N MET A 28  ? N MET A 28  O VAL A 101 ? O VAL A 101 
B 3 4 O ALA A 100 ? O ALA A 100 N ALA A 58  ? N ALA A 58  
B 4 5 N TRP A 59  ? N TRP A 59  O GLY A 71  ? O GLY A 71  
C 1 2 N VAL A 14  ? N VAL A 14  O LEU A 29  ? O LEU A 29  
C 2 3 N ARG A 24  ? N ARG A 24  O TYR A 105 ? O TYR A 105 
D 1 2 N LYS A 164 ? N LYS A 164 O ALA A 179 ? O ALA A 179 
D 2 3 O VAL A 178 ? O VAL A 178 N TYR A 142 ? N TYR A 142 
D 3 4 N THR A 143 ? N THR A 143 O LEU A 203 ? O LEU A 203 
# 
loop_
_pdbx_validate_rmsd_angle.id 
_pdbx_validate_rmsd_angle.PDB_model_num 
_pdbx_validate_rmsd_angle.auth_atom_id_1 
_pdbx_validate_rmsd_angle.auth_asym_id_1 
_pdbx_validate_rmsd_angle.auth_comp_id_1 
_pdbx_validate_rmsd_angle.auth_seq_id_1 
_pdbx_validate_rmsd_angle.PDB_ins_code_1 
_pdbx_validate_rmsd_angle.label_alt_id_1 
_pdbx_validate_rmsd_angle.auth_atom_id_2 
_pdbx_validate_rmsd_angle.auth_asym_id_2 
_pdbx_validate_rmsd_angle.auth_comp_id_2 
_pdbx_validate_rmsd_angle.auth_seq_id_2 
_pdbx_validate_rmsd_angle.PDB_ins_code_2 
_pdbx_validate_rmsd_angle.label_alt_id_2 
_pdbx_validate_rmsd_angle.auth_atom_id_3 
_pdbx_validate_rmsd_angle.auth_asym_id_3 
_pdbx_validate_rmsd_angle.auth_comp_id_3 
_pdbx_validate_rmsd_angle.auth_seq_id_3 
_pdbx_validate_rmsd_angle.PDB_ins_code_3 
_pdbx_validate_rmsd_angle.label_alt_id_3 
_pdbx_validate_rmsd_angle.angle_value 
_pdbx_validate_rmsd_angle.angle_target_value 
_pdbx_validate_rmsd_angle.angle_deviation 
_pdbx_validate_rmsd_angle.angle_standard_deviation 
_pdbx_validate_rmsd_angle.linker_flag 
1 1 N  A SER 67  ? ? CA A SER 67  ? ? CB  A SER 67  ? ? 120.52 110.50 10.02 1.50 N 
2 1 CB A ASP 74  ? ? CG A ASP 74  ? ? OD1 A ASP 74  ? ? 125.41 118.30 7.11  0.90 N 
3 1 CA A MET 86  ? ? CB A MET 86  ? ? CG  A MET 86  ? ? 124.64 113.30 11.34 1.70 N 
4 1 CD A ARG 177 ? ? NE A ARG 177 ? ? CZ  A ARG 177 ? ? 135.05 123.60 11.45 1.40 N 
5 1 NE A ARG 197 ? ? CZ A ARG 197 ? ? NH1 A ARG 197 ? ? 123.66 120.30 3.36  0.50 N 
# 
loop_
_pdbx_validate_torsion.id 
_pdbx_validate_torsion.PDB_model_num 
_pdbx_validate_torsion.auth_comp_id 
_pdbx_validate_torsion.auth_asym_id 
_pdbx_validate_torsion.auth_seq_id 
_pdbx_validate_torsion.PDB_ins_code 
_pdbx_validate_torsion.label_alt_id 
_pdbx_validate_torsion.phi 
_pdbx_validate_torsion.psi 
1  1 GLU A 5   ? ? -45.86  -74.88  
2  1 LYS A 22  ? ? 57.19   18.76   
3  1 ALA A 30  ? ? 174.90  159.26  
4  1 ALA A 58  ? ? -179.48 149.28  
5  1 PRO A 64  ? ? -88.90  -71.13  
6  1 GLN A 69  ? ? -109.58 41.62   
7  1 SER A 73  ? ? -171.10 139.37  
8  1 ALA A 79  ? ? -37.95  137.89  
9  1 LEU A 151 ? ? -50.50  -78.44  
10 1 GLN A 171 ? ? -109.97 -140.65 
11 1 ILE A 205 ? ? -46.54  152.28  
12 1 GLU A 206 ? ? -139.08 -53.46  
# 
loop_
_pdbx_validate_main_chain_plane.id 
_pdbx_validate_main_chain_plane.PDB_model_num 
_pdbx_validate_main_chain_plane.auth_comp_id 
_pdbx_validate_main_chain_plane.auth_asym_id 
_pdbx_validate_main_chain_plane.auth_seq_id 
_pdbx_validate_main_chain_plane.PDB_ins_code 
_pdbx_validate_main_chain_plane.label_alt_id 
_pdbx_validate_main_chain_plane.improper_torsion_angle 
1 1 VAL A 57  ? ? -13.06 
2 1 VAL A 102 ? ? 12.71  
3 1 ARG A 177 ? ? 16.55  
# 
_refine_B_iso.class            all 
_refine_B_iso.treatment        isotropic 
_refine_B_iso.pdbx_refine_id   'X-RAY DIFFRACTION' 
_refine_B_iso.details          ? 
# 
loop_
_pdbx_unobs_or_zero_occ_residues.id 
_pdbx_unobs_or_zero_occ_residues.PDB_model_num 
_pdbx_unobs_or_zero_occ_residues.polymer_flag 
_pdbx_unobs_or_zero_occ_residues.occupancy_flag 
_pdbx_unobs_or_zero_occ_residues.auth_asym_id 
_pdbx_unobs_or_zero_occ_residues.auth_comp_id 
_pdbx_unobs_or_zero_occ_residues.auth_seq_id 
_pdbx_unobs_or_zero_occ_residues.PDB_ins_code 
_pdbx_unobs_or_zero_occ_residues.label_asym_id 
_pdbx_unobs_or_zero_occ_residues.label_comp_id 
_pdbx_unobs_or_zero_occ_residues.label_seq_id 
1  1 Y 1 A MET 1   ? A MET 1   
2  1 Y 1 A SER 2   ? A SER 2   
3  1 Y 1 A GLY 209 ? A GLY 209 
4  1 Y 1 A GLY 210 ? A GLY 210 
5  1 Y 1 A SER 211 ? A SER 211 
6  1 Y 1 A HIS 212 ? A HIS 212 
7  1 Y 1 A HIS 213 ? A HIS 213 
8  1 Y 1 A HIS 214 ? A HIS 214 
9  1 Y 1 A HIS 215 ? A HIS 215 
10 1 Y 1 A HIS 216 ? A HIS 216 
11 1 Y 1 A HIS 217 ? A HIS 217 
# 
loop_
_chem_comp_atom.comp_id 
_chem_comp_atom.atom_id 
_chem_comp_atom.type_symbol 
_chem_comp_atom.pdbx_aromatic_flag 
_chem_comp_atom.pdbx_stereo_config 
_chem_comp_atom.pdbx_ordinal 
ALA N    N N N 1   
ALA CA   C N S 2   
ALA C    C N N 3   
ALA O    O N N 4   
ALA CB   C N N 5   
ALA OXT  O N N 6   
ALA H    H N N 7   
ALA H2   H N N 8   
ALA HA   H N N 9   
ALA HB1  H N N 10  
ALA HB2  H N N 11  
ALA HB3  H N N 12  
ALA HXT  H N N 13  
ARG N    N N N 14  
ARG CA   C N S 15  
ARG C    C N N 16  
ARG O    O N N 17  
ARG CB   C N N 18  
ARG CG   C N N 19  
ARG CD   C N N 20  
ARG NE   N N N 21  
ARG CZ   C N N 22  
ARG NH1  N N N 23  
ARG NH2  N N N 24  
ARG OXT  O N N 25  
ARG H    H N N 26  
ARG H2   H N N 27  
ARG HA   H N N 28  
ARG HB2  H N N 29  
ARG HB3  H N N 30  
ARG HG2  H N N 31  
ARG HG3  H N N 32  
ARG HD2  H N N 33  
ARG HD3  H N N 34  
ARG HE   H N N 35  
ARG HH11 H N N 36  
ARG HH12 H N N 37  
ARG HH21 H N N 38  
ARG HH22 H N N 39  
ARG HXT  H N N 40  
ASN N    N N N 41  
ASN CA   C N S 42  
ASN C    C N N 43  
ASN O    O N N 44  
ASN CB   C N N 45  
ASN CG   C N N 46  
ASN OD1  O N N 47  
ASN ND2  N N N 48  
ASN OXT  O N N 49  
ASN H    H N N 50  
ASN H2   H N N 51  
ASN HA   H N N 52  
ASN HB2  H N N 53  
ASN HB3  H N N 54  
ASN HD21 H N N 55  
ASN HD22 H N N 56  
ASN HXT  H N N 57  
ASP N    N N N 58  
ASP CA   C N S 59  
ASP C    C N N 60  
ASP O    O N N 61  
ASP CB   C N N 62  
ASP CG   C N N 63  
ASP OD1  O N N 64  
ASP OD2  O N N 65  
ASP OXT  O N N 66  
ASP H    H N N 67  
ASP H2   H N N 68  
ASP HA   H N N 69  
ASP HB2  H N N 70  
ASP HB3  H N N 71  
ASP HD2  H N N 72  
ASP HXT  H N N 73  
CYS N    N N N 74  
CYS CA   C N R 75  
CYS C    C N N 76  
CYS O    O N N 77  
CYS CB   C N N 78  
CYS SG   S N N 79  
CYS OXT  O N N 80  
CYS H    H N N 81  
CYS H2   H N N 82  
CYS HA   H N N 83  
CYS HB2  H N N 84  
CYS HB3  H N N 85  
CYS HG   H N N 86  
CYS HXT  H N N 87  
GLN N    N N N 88  
GLN CA   C N S 89  
GLN C    C N N 90  
GLN O    O N N 91  
GLN CB   C N N 92  
GLN CG   C N N 93  
GLN CD   C N N 94  
GLN OE1  O N N 95  
GLN NE2  N N N 96  
GLN OXT  O N N 97  
GLN H    H N N 98  
GLN H2   H N N 99  
GLN HA   H N N 100 
GLN HB2  H N N 101 
GLN HB3  H N N 102 
GLN HG2  H N N 103 
GLN HG3  H N N 104 
GLN HE21 H N N 105 
GLN HE22 H N N 106 
GLN HXT  H N N 107 
GLU N    N N N 108 
GLU CA   C N S 109 
GLU C    C N N 110 
GLU O    O N N 111 
GLU CB   C N N 112 
GLU CG   C N N 113 
GLU CD   C N N 114 
GLU OE1  O N N 115 
GLU OE2  O N N 116 
GLU OXT  O N N 117 
GLU H    H N N 118 
GLU H2   H N N 119 
GLU HA   H N N 120 
GLU HB2  H N N 121 
GLU HB3  H N N 122 
GLU HG2  H N N 123 
GLU HG3  H N N 124 
GLU HE2  H N N 125 
GLU HXT  H N N 126 
GLY N    N N N 127 
GLY CA   C N N 128 
GLY C    C N N 129 
GLY O    O N N 130 
GLY OXT  O N N 131 
GLY H    H N N 132 
GLY H2   H N N 133 
GLY HA2  H N N 134 
GLY HA3  H N N 135 
GLY HXT  H N N 136 
HIS N    N N N 137 
HIS CA   C N S 138 
HIS C    C N N 139 
HIS O    O N N 140 
HIS CB   C N N 141 
HIS CG   C Y N 142 
HIS ND1  N Y N 143 
HIS CD2  C Y N 144 
HIS CE1  C Y N 145 
HIS NE2  N Y N 146 
HIS OXT  O N N 147 
HIS H    H N N 148 
HIS H2   H N N 149 
HIS HA   H N N 150 
HIS HB2  H N N 151 
HIS HB3  H N N 152 
HIS HD1  H N N 153 
HIS HD2  H N N 154 
HIS HE1  H N N 155 
HIS HE2  H N N 156 
HIS HXT  H N N 157 
HOH O    O N N 158 
HOH H1   H N N 159 
HOH H2   H N N 160 
ILE N    N N N 161 
ILE CA   C N S 162 
ILE C    C N N 163 
ILE O    O N N 164 
ILE CB   C N S 165 
ILE CG1  C N N 166 
ILE CG2  C N N 167 
ILE CD1  C N N 168 
ILE OXT  O N N 169 
ILE H    H N N 170 
ILE H2   H N N 171 
ILE HA   H N N 172 
ILE HB   H N N 173 
ILE HG12 H N N 174 
ILE HG13 H N N 175 
ILE HG21 H N N 176 
ILE HG22 H N N 177 
ILE HG23 H N N 178 
ILE HD11 H N N 179 
ILE HD12 H N N 180 
ILE HD13 H N N 181 
ILE HXT  H N N 182 
LEU N    N N N 183 
LEU CA   C N S 184 
LEU C    C N N 185 
LEU O    O N N 186 
LEU CB   C N N 187 
LEU CG   C N N 188 
LEU CD1  C N N 189 
LEU CD2  C N N 190 
LEU OXT  O N N 191 
LEU H    H N N 192 
LEU H2   H N N 193 
LEU HA   H N N 194 
LEU HB2  H N N 195 
LEU HB3  H N N 196 
LEU HG   H N N 197 
LEU HD11 H N N 198 
LEU HD12 H N N 199 
LEU HD13 H N N 200 
LEU HD21 H N N 201 
LEU HD22 H N N 202 
LEU HD23 H N N 203 
LEU HXT  H N N 204 
LYS N    N N N 205 
LYS CA   C N S 206 
LYS C    C N N 207 
LYS O    O N N 208 
LYS CB   C N N 209 
LYS CG   C N N 210 
LYS CD   C N N 211 
LYS CE   C N N 212 
LYS NZ   N N N 213 
LYS OXT  O N N 214 
LYS H    H N N 215 
LYS H2   H N N 216 
LYS HA   H N N 217 
LYS HB2  H N N 218 
LYS HB3  H N N 219 
LYS HG2  H N N 220 
LYS HG3  H N N 221 
LYS HD2  H N N 222 
LYS HD3  H N N 223 
LYS HE2  H N N 224 
LYS HE3  H N N 225 
LYS HZ1  H N N 226 
LYS HZ2  H N N 227 
LYS HZ3  H N N 228 
LYS HXT  H N N 229 
MET N    N N N 230 
MET CA   C N S 231 
MET C    C N N 232 
MET O    O N N 233 
MET CB   C N N 234 
MET CG   C N N 235 
MET SD   S N N 236 
MET CE   C N N 237 
MET OXT  O N N 238 
MET H    H N N 239 
MET H2   H N N 240 
MET HA   H N N 241 
MET HB2  H N N 242 
MET HB3  H N N 243 
MET HG2  H N N 244 
MET HG3  H N N 245 
MET HE1  H N N 246 
MET HE2  H N N 247 
MET HE3  H N N 248 
MET HXT  H N N 249 
PHE N    N N N 250 
PHE CA   C N S 251 
PHE C    C N N 252 
PHE O    O N N 253 
PHE CB   C N N 254 
PHE CG   C Y N 255 
PHE CD1  C Y N 256 
PHE CD2  C Y N 257 
PHE CE1  C Y N 258 
PHE CE2  C Y N 259 
PHE CZ   C Y N 260 
PHE OXT  O N N 261 
PHE H    H N N 262 
PHE H2   H N N 263 
PHE HA   H N N 264 
PHE HB2  H N N 265 
PHE HB3  H N N 266 
PHE HD1  H N N 267 
PHE HD2  H N N 268 
PHE HE1  H N N 269 
PHE HE2  H N N 270 
PHE HZ   H N N 271 
PHE HXT  H N N 272 
PRO N    N N N 273 
PRO CA   C N S 274 
PRO C    C N N 275 
PRO O    O N N 276 
PRO CB   C N N 277 
PRO CG   C N N 278 
PRO CD   C N N 279 
PRO OXT  O N N 280 
PRO H    H N N 281 
PRO HA   H N N 282 
PRO HB2  H N N 283 
PRO HB3  H N N 284 
PRO HG2  H N N 285 
PRO HG3  H N N 286 
PRO HD2  H N N 287 
PRO HD3  H N N 288 
PRO HXT  H N N 289 
SER N    N N N 290 
SER CA   C N S 291 
SER C    C N N 292 
SER O    O N N 293 
SER CB   C N N 294 
SER OG   O N N 295 
SER OXT  O N N 296 
SER H    H N N 297 
SER H2   H N N 298 
SER HA   H N N 299 
SER HB2  H N N 300 
SER HB3  H N N 301 
SER HG   H N N 302 
SER HXT  H N N 303 
THR N    N N N 304 
THR CA   C N S 305 
THR C    C N N 306 
THR O    O N N 307 
THR CB   C N R 308 
THR OG1  O N N 309 
THR CG2  C N N 310 
THR OXT  O N N 311 
THR H    H N N 312 
THR H2   H N N 313 
THR HA   H N N 314 
THR HB   H N N 315 
THR HG1  H N N 316 
THR HG21 H N N 317 
THR HG22 H N N 318 
THR HG23 H N N 319 
THR HXT  H N N 320 
TRP N    N N N 321 
TRP CA   C N S 322 
TRP C    C N N 323 
TRP O    O N N 324 
TRP CB   C N N 325 
TRP CG   C Y N 326 
TRP CD1  C Y N 327 
TRP CD2  C Y N 328 
TRP NE1  N Y N 329 
TRP CE2  C Y N 330 
TRP CE3  C Y N 331 
TRP CZ2  C Y N 332 
TRP CZ3  C Y N 333 
TRP CH2  C Y N 334 
TRP OXT  O N N 335 
TRP H    H N N 336 
TRP H2   H N N 337 
TRP HA   H N N 338 
TRP HB2  H N N 339 
TRP HB3  H N N 340 
TRP HD1  H N N 341 
TRP HE1  H N N 342 
TRP HE3  H N N 343 
TRP HZ2  H N N 344 
TRP HZ3  H N N 345 
TRP HH2  H N N 346 
TRP HXT  H N N 347 
TYR N    N N N 348 
TYR CA   C N S 349 
TYR C    C N N 350 
TYR O    O N N 351 
TYR CB   C N N 352 
TYR CG   C Y N 353 
TYR CD1  C Y N 354 
TYR CD2  C Y N 355 
TYR CE1  C Y N 356 
TYR CE2  C Y N 357 
TYR CZ   C Y N 358 
TYR OH   O N N 359 
TYR OXT  O N N 360 
TYR H    H N N 361 
TYR H2   H N N 362 
TYR HA   H N N 363 
TYR HB2  H N N 364 
TYR HB3  H N N 365 
TYR HD1  H N N 366 
TYR HD2  H N N 367 
TYR HE1  H N N 368 
TYR HE2  H N N 369 
TYR HH   H N N 370 
TYR HXT  H N N 371 
VAL N    N N N 372 
VAL CA   C N S 373 
VAL C    C N N 374 
VAL O    O N N 375 
VAL CB   C N N 376 
VAL CG1  C N N 377 
VAL CG2  C N N 378 
VAL OXT  O N N 379 
VAL H    H N N 380 
VAL H2   H N N 381 
VAL HA   H N N 382 
VAL HB   H N N 383 
VAL HG11 H N N 384 
VAL HG12 H N N 385 
VAL HG13 H N N 386 
VAL HG21 H N N 387 
VAL HG22 H N N 388 
VAL HG23 H N N 389 
VAL HXT  H N N 390 
# 
loop_
_chem_comp_bond.comp_id 
_chem_comp_bond.atom_id_1 
_chem_comp_bond.atom_id_2 
_chem_comp_bond.value_order 
_chem_comp_bond.pdbx_aromatic_flag 
_chem_comp_bond.pdbx_stereo_config 
_chem_comp_bond.pdbx_ordinal 
ALA N   CA   sing N N 1   
ALA N   H    sing N N 2   
ALA N   H2   sing N N 3   
ALA CA  C    sing N N 4   
ALA CA  CB   sing N N 5   
ALA CA  HA   sing N N 6   
ALA C   O    doub N N 7   
ALA C   OXT  sing N N 8   
ALA CB  HB1  sing N N 9   
ALA CB  HB2  sing N N 10  
ALA CB  HB3  sing N N 11  
ALA OXT HXT  sing N N 12  
ARG N   CA   sing N N 13  
ARG N   H    sing N N 14  
ARG N   H2   sing N N 15  
ARG CA  C    sing N N 16  
ARG CA  CB   sing N N 17  
ARG CA  HA   sing N N 18  
ARG C   O    doub N N 19  
ARG C   OXT  sing N N 20  
ARG CB  CG   sing N N 21  
ARG CB  HB2  sing N N 22  
ARG CB  HB3  sing N N 23  
ARG CG  CD   sing N N 24  
ARG CG  HG2  sing N N 25  
ARG CG  HG3  sing N N 26  
ARG CD  NE   sing N N 27  
ARG CD  HD2  sing N N 28  
ARG CD  HD3  sing N N 29  
ARG NE  CZ   sing N N 30  
ARG NE  HE   sing N N 31  
ARG CZ  NH1  sing N N 32  
ARG CZ  NH2  doub N N 33  
ARG NH1 HH11 sing N N 34  
ARG NH1 HH12 sing N N 35  
ARG NH2 HH21 sing N N 36  
ARG NH2 HH22 sing N N 37  
ARG OXT HXT  sing N N 38  
ASN N   CA   sing N N 39  
ASN N   H    sing N N 40  
ASN N   H2   sing N N 41  
ASN CA  C    sing N N 42  
ASN CA  CB   sing N N 43  
ASN CA  HA   sing N N 44  
ASN C   O    doub N N 45  
ASN C   OXT  sing N N 46  
ASN CB  CG   sing N N 47  
ASN CB  HB2  sing N N 48  
ASN CB  HB3  sing N N 49  
ASN CG  OD1  doub N N 50  
ASN CG  ND2  sing N N 51  
ASN ND2 HD21 sing N N 52  
ASN ND2 HD22 sing N N 53  
ASN OXT HXT  sing N N 54  
ASP N   CA   sing N N 55  
ASP N   H    sing N N 56  
ASP N   H2   sing N N 57  
ASP CA  C    sing N N 58  
ASP CA  CB   sing N N 59  
ASP CA  HA   sing N N 60  
ASP C   O    doub N N 61  
ASP C   OXT  sing N N 62  
ASP CB  CG   sing N N 63  
ASP CB  HB2  sing N N 64  
ASP CB  HB3  sing N N 65  
ASP CG  OD1  doub N N 66  
ASP CG  OD2  sing N N 67  
ASP OD2 HD2  sing N N 68  
ASP OXT HXT  sing N N 69  
CYS N   CA   sing N N 70  
CYS N   H    sing N N 71  
CYS N   H2   sing N N 72  
CYS CA  C    sing N N 73  
CYS CA  CB   sing N N 74  
CYS CA  HA   sing N N 75  
CYS C   O    doub N N 76  
CYS C   OXT  sing N N 77  
CYS CB  SG   sing N N 78  
CYS CB  HB2  sing N N 79  
CYS CB  HB3  sing N N 80  
CYS SG  HG   sing N N 81  
CYS OXT HXT  sing N N 82  
GLN N   CA   sing N N 83  
GLN N   H    sing N N 84  
GLN N   H2   sing N N 85  
GLN CA  C    sing N N 86  
GLN CA  CB   sing N N 87  
GLN CA  HA   sing N N 88  
GLN C   O    doub N N 89  
GLN C   OXT  sing N N 90  
GLN CB  CG   sing N N 91  
GLN CB  HB2  sing N N 92  
GLN CB  HB3  sing N N 93  
GLN CG  CD   sing N N 94  
GLN CG  HG2  sing N N 95  
GLN CG  HG3  sing N N 96  
GLN CD  OE1  doub N N 97  
GLN CD  NE2  sing N N 98  
GLN NE2 HE21 sing N N 99  
GLN NE2 HE22 sing N N 100 
GLN OXT HXT  sing N N 101 
GLU N   CA   sing N N 102 
GLU N   H    sing N N 103 
GLU N   H2   sing N N 104 
GLU CA  C    sing N N 105 
GLU CA  CB   sing N N 106 
GLU CA  HA   sing N N 107 
GLU C   O    doub N N 108 
GLU C   OXT  sing N N 109 
GLU CB  CG   sing N N 110 
GLU CB  HB2  sing N N 111 
GLU CB  HB3  sing N N 112 
GLU CG  CD   sing N N 113 
GLU CG  HG2  sing N N 114 
GLU CG  HG3  sing N N 115 
GLU CD  OE1  doub N N 116 
GLU CD  OE2  sing N N 117 
GLU OE2 HE2  sing N N 118 
GLU OXT HXT  sing N N 119 
GLY N   CA   sing N N 120 
GLY N   H    sing N N 121 
GLY N   H2   sing N N 122 
GLY CA  C    sing N N 123 
GLY CA  HA2  sing N N 124 
GLY CA  HA3  sing N N 125 
GLY C   O    doub N N 126 
GLY C   OXT  sing N N 127 
GLY OXT HXT  sing N N 128 
HIS N   CA   sing N N 129 
HIS N   H    sing N N 130 
HIS N   H2   sing N N 131 
HIS CA  C    sing N N 132 
HIS CA  CB   sing N N 133 
HIS CA  HA   sing N N 134 
HIS C   O    doub N N 135 
HIS C   OXT  sing N N 136 
HIS CB  CG   sing N N 137 
HIS CB  HB2  sing N N 138 
HIS CB  HB3  sing N N 139 
HIS CG  ND1  sing Y N 140 
HIS CG  CD2  doub Y N 141 
HIS ND1 CE1  doub Y N 142 
HIS ND1 HD1  sing N N 143 
HIS CD2 NE2  sing Y N 144 
HIS CD2 HD2  sing N N 145 
HIS CE1 NE2  sing Y N 146 
HIS CE1 HE1  sing N N 147 
HIS NE2 HE2  sing N N 148 
HIS OXT HXT  sing N N 149 
HOH O   H1   sing N N 150 
HOH O   H2   sing N N 151 
ILE N   CA   sing N N 152 
ILE N   H    sing N N 153 
ILE N   H2   sing N N 154 
ILE CA  C    sing N N 155 
ILE CA  CB   sing N N 156 
ILE CA  HA   sing N N 157 
ILE C   O    doub N N 158 
ILE C   OXT  sing N N 159 
ILE CB  CG1  sing N N 160 
ILE CB  CG2  sing N N 161 
ILE CB  HB   sing N N 162 
ILE CG1 CD1  sing N N 163 
ILE CG1 HG12 sing N N 164 
ILE CG1 HG13 sing N N 165 
ILE CG2 HG21 sing N N 166 
ILE CG2 HG22 sing N N 167 
ILE CG2 HG23 sing N N 168 
ILE CD1 HD11 sing N N 169 
ILE CD1 HD12 sing N N 170 
ILE CD1 HD13 sing N N 171 
ILE OXT HXT  sing N N 172 
LEU N   CA   sing N N 173 
LEU N   H    sing N N 174 
LEU N   H2   sing N N 175 
LEU CA  C    sing N N 176 
LEU CA  CB   sing N N 177 
LEU CA  HA   sing N N 178 
LEU C   O    doub N N 179 
LEU C   OXT  sing N N 180 
LEU CB  CG   sing N N 181 
LEU CB  HB2  sing N N 182 
LEU CB  HB3  sing N N 183 
LEU CG  CD1  sing N N 184 
LEU CG  CD2  sing N N 185 
LEU CG  HG   sing N N 186 
LEU CD1 HD11 sing N N 187 
LEU CD1 HD12 sing N N 188 
LEU CD1 HD13 sing N N 189 
LEU CD2 HD21 sing N N 190 
LEU CD2 HD22 sing N N 191 
LEU CD2 HD23 sing N N 192 
LEU OXT HXT  sing N N 193 
LYS N   CA   sing N N 194 
LYS N   H    sing N N 195 
LYS N   H2   sing N N 196 
LYS CA  C    sing N N 197 
LYS CA  CB   sing N N 198 
LYS CA  HA   sing N N 199 
LYS C   O    doub N N 200 
LYS C   OXT  sing N N 201 
LYS CB  CG   sing N N 202 
LYS CB  HB2  sing N N 203 
LYS CB  HB3  sing N N 204 
LYS CG  CD   sing N N 205 
LYS CG  HG2  sing N N 206 
LYS CG  HG3  sing N N 207 
LYS CD  CE   sing N N 208 
LYS CD  HD2  sing N N 209 
LYS CD  HD3  sing N N 210 
LYS CE  NZ   sing N N 211 
LYS CE  HE2  sing N N 212 
LYS CE  HE3  sing N N 213 
LYS NZ  HZ1  sing N N 214 
LYS NZ  HZ2  sing N N 215 
LYS NZ  HZ3  sing N N 216 
LYS OXT HXT  sing N N 217 
MET N   CA   sing N N 218 
MET N   H    sing N N 219 
MET N   H2   sing N N 220 
MET CA  C    sing N N 221 
MET CA  CB   sing N N 222 
MET CA  HA   sing N N 223 
MET C   O    doub N N 224 
MET C   OXT  sing N N 225 
MET CB  CG   sing N N 226 
MET CB  HB2  sing N N 227 
MET CB  HB3  sing N N 228 
MET CG  SD   sing N N 229 
MET CG  HG2  sing N N 230 
MET CG  HG3  sing N N 231 
MET SD  CE   sing N N 232 
MET CE  HE1  sing N N 233 
MET CE  HE2  sing N N 234 
MET CE  HE3  sing N N 235 
MET OXT HXT  sing N N 236 
PHE N   CA   sing N N 237 
PHE N   H    sing N N 238 
PHE N   H2   sing N N 239 
PHE CA  C    sing N N 240 
PHE CA  CB   sing N N 241 
PHE CA  HA   sing N N 242 
PHE C   O    doub N N 243 
PHE C   OXT  sing N N 244 
PHE CB  CG   sing N N 245 
PHE CB  HB2  sing N N 246 
PHE CB  HB3  sing N N 247 
PHE CG  CD1  doub Y N 248 
PHE CG  CD2  sing Y N 249 
PHE CD1 CE1  sing Y N 250 
PHE CD1 HD1  sing N N 251 
PHE CD2 CE2  doub Y N 252 
PHE CD2 HD2  sing N N 253 
PHE CE1 CZ   doub Y N 254 
PHE CE1 HE1  sing N N 255 
PHE CE2 CZ   sing Y N 256 
PHE CE2 HE2  sing N N 257 
PHE CZ  HZ   sing N N 258 
PHE OXT HXT  sing N N 259 
PRO N   CA   sing N N 260 
PRO N   CD   sing N N 261 
PRO N   H    sing N N 262 
PRO CA  C    sing N N 263 
PRO CA  CB   sing N N 264 
PRO CA  HA   sing N N 265 
PRO C   O    doub N N 266 
PRO C   OXT  sing N N 267 
PRO CB  CG   sing N N 268 
PRO CB  HB2  sing N N 269 
PRO CB  HB3  sing N N 270 
PRO CG  CD   sing N N 271 
PRO CG  HG2  sing N N 272 
PRO CG  HG3  sing N N 273 
PRO CD  HD2  sing N N 274 
PRO CD  HD3  sing N N 275 
PRO OXT HXT  sing N N 276 
SER N   CA   sing N N 277 
SER N   H    sing N N 278 
SER N   H2   sing N N 279 
SER CA  C    sing N N 280 
SER CA  CB   sing N N 281 
SER CA  HA   sing N N 282 
SER C   O    doub N N 283 
SER C   OXT  sing N N 284 
SER CB  OG   sing N N 285 
SER CB  HB2  sing N N 286 
SER CB  HB3  sing N N 287 
SER OG  HG   sing N N 288 
SER OXT HXT  sing N N 289 
THR N   CA   sing N N 290 
THR N   H    sing N N 291 
THR N   H2   sing N N 292 
THR CA  C    sing N N 293 
THR CA  CB   sing N N 294 
THR CA  HA   sing N N 295 
THR C   O    doub N N 296 
THR C   OXT  sing N N 297 
THR CB  OG1  sing N N 298 
THR CB  CG2  sing N N 299 
THR CB  HB   sing N N 300 
THR OG1 HG1  sing N N 301 
THR CG2 HG21 sing N N 302 
THR CG2 HG22 sing N N 303 
THR CG2 HG23 sing N N 304 
THR OXT HXT  sing N N 305 
TRP N   CA   sing N N 306 
TRP N   H    sing N N 307 
TRP N   H2   sing N N 308 
TRP CA  C    sing N N 309 
TRP CA  CB   sing N N 310 
TRP CA  HA   sing N N 311 
TRP C   O    doub N N 312 
TRP C   OXT  sing N N 313 
TRP CB  CG   sing N N 314 
TRP CB  HB2  sing N N 315 
TRP CB  HB3  sing N N 316 
TRP CG  CD1  doub Y N 317 
TRP CG  CD2  sing Y N 318 
TRP CD1 NE1  sing Y N 319 
TRP CD1 HD1  sing N N 320 
TRP CD2 CE2  doub Y N 321 
TRP CD2 CE3  sing Y N 322 
TRP NE1 CE2  sing Y N 323 
TRP NE1 HE1  sing N N 324 
TRP CE2 CZ2  sing Y N 325 
TRP CE3 CZ3  doub Y N 326 
TRP CE3 HE3  sing N N 327 
TRP CZ2 CH2  doub Y N 328 
TRP CZ2 HZ2  sing N N 329 
TRP CZ3 CH2  sing Y N 330 
TRP CZ3 HZ3  sing N N 331 
TRP CH2 HH2  sing N N 332 
TRP OXT HXT  sing N N 333 
TYR N   CA   sing N N 334 
TYR N   H    sing N N 335 
TYR N   H2   sing N N 336 
TYR CA  C    sing N N 337 
TYR CA  CB   sing N N 338 
TYR CA  HA   sing N N 339 
TYR C   O    doub N N 340 
TYR C   OXT  sing N N 341 
TYR CB  CG   sing N N 342 
TYR CB  HB2  sing N N 343 
TYR CB  HB3  sing N N 344 
TYR CG  CD1  doub Y N 345 
TYR CG  CD2  sing Y N 346 
TYR CD1 CE1  sing Y N 347 
TYR CD1 HD1  sing N N 348 
TYR CD2 CE2  doub Y N 349 
TYR CD2 HD2  sing N N 350 
TYR CE1 CZ   doub Y N 351 
TYR CE1 HE1  sing N N 352 
TYR CE2 CZ   sing Y N 353 
TYR CE2 HE2  sing N N 354 
TYR CZ  OH   sing N N 355 
TYR OH  HH   sing N N 356 
TYR OXT HXT  sing N N 357 
VAL N   CA   sing N N 358 
VAL N   H    sing N N 359 
VAL N   H2   sing N N 360 
VAL CA  C    sing N N 361 
VAL CA  CB   sing N N 362 
VAL CA  HA   sing N N 363 
VAL C   O    doub N N 364 
VAL C   OXT  sing N N 365 
VAL CB  CG1  sing N N 366 
VAL CB  CG2  sing N N 367 
VAL CB  HB   sing N N 368 
VAL CG1 HG11 sing N N 369 
VAL CG1 HG12 sing N N 370 
VAL CG1 HG13 sing N N 371 
VAL CG2 HG21 sing N N 372 
VAL CG2 HG22 sing N N 373 
VAL CG2 HG23 sing N N 374 
VAL OXT HXT  sing N N 375 
# 
_atom_sites.entry_id                    1VI7 
_atom_sites.fract_transf_matrix[1][1]   0.00314515 
_atom_sites.fract_transf_matrix[1][2]   0.00201920 
_atom_sites.fract_transf_matrix[1][3]   0.00680380 
_atom_sites.fract_transf_matrix[2][1]   0.00544079 
_atom_sites.fract_transf_matrix[2][2]   0.00553065 
_atom_sites.fract_transf_matrix[2][3]   0.00027170 
_atom_sites.fract_transf_matrix[3][1]   -0.01995620 
_atom_sites.fract_transf_matrix[3][2]   0.01946253 
_atom_sites.fract_transf_matrix[3][3]   0.00344903 
_atom_sites.fract_transf_vector[1]      0.445661 
_atom_sites.fract_transf_vector[2]      0.188597 
_atom_sites.fract_transf_vector[3]      0.012983 
# 
loop_
_atom_type.symbol 
C 
N 
O 
S 
# 
loop_
_atom_site.group_PDB 
_atom_site.id 
_atom_site.type_symbol 
_atom_site.label_atom_id 
_atom_site.label_alt_id 
_atom_site.label_comp_id 
_atom_site.label_asym_id 
_atom_site.label_entity_id 
_atom_site.label_seq_id 
_atom_site.pdbx_PDB_ins_code 
_atom_site.Cartn_x 
_atom_site.Cartn_y 
_atom_site.Cartn_z 
_atom_site.occupancy 
_atom_site.B_iso_or_equiv 
_atom_site.pdbx_formal_charge 
_atom_site.auth_seq_id 
_atom_site.auth_comp_id 
_atom_site.auth_asym_id 
_atom_site.auth_atom_id 
_atom_site.pdbx_PDB_model_num 
ATOM   1    N N   . LEU A 1 3   ? 6.486   -12.785 2.770   1.00 63.28 ? 3   LEU A N   1 
ATOM   2    C CA  . LEU A 1 3   ? 6.831   -11.624 1.952   1.00 63.90 ? 3   LEU A CA  1 
ATOM   3    C C   . LEU A 1 3   ? 8.329   -11.370 2.106   1.00 66.18 ? 3   LEU A C   1 
ATOM   4    O O   . LEU A 1 3   ? 9.124   -12.322 1.964   1.00 67.33 ? 3   LEU A O   1 
ATOM   5    C CB  . LEU A 1 3   ? 5.995   -10.422 2.317   1.00 58.94 ? 3   LEU A CB  1 
ATOM   6    C CG  . LEU A 1 3   ? 4.524   -10.373 1.923   1.00 57.31 ? 3   LEU A CG  1 
ATOM   7    C CD1 . LEU A 1 3   ? 3.711   -11.516 2.533   1.00 54.93 ? 3   LEU A CD1 1 
ATOM   8    C CD2 . LEU A 1 3   ? 3.893   -9.048  2.359   1.00 53.72 ? 3   LEU A CD2 1 
ATOM   9    N N   . MET A 1 4   ? 8.726   -10.130 2.359   1.00 66.86 ? 4   MET A N   1 
ATOM   10   C CA  . MET A 1 4   ? 10.147  -9.824  2.551   1.00 66.60 ? 4   MET A CA  1 
ATOM   11   C C   . MET A 1 4   ? 10.319  -8.842  3.708   1.00 65.31 ? 4   MET A C   1 
ATOM   12   O O   . MET A 1 4   ? 9.343   -8.212  4.120   1.00 64.44 ? 4   MET A O   1 
ATOM   13   C CB  . MET A 1 4   ? 10.806  -9.312  1.284   1.00 70.28 ? 4   MET A CB  1 
ATOM   14   C CG  . MET A 1 4   ? 10.440  -7.912  0.852   1.00 74.17 ? 4   MET A CG  1 
ATOM   15   S SD  . MET A 1 4   ? 10.768  -7.557  -0.890  1.00 77.20 ? 4   MET A SD  1 
ATOM   16   C CE  . MET A 1 4   ? 10.989  -5.772  -0.834  1.00 77.21 ? 4   MET A CE  1 
ATOM   17   N N   . GLU A 1 5   ? 11.545  -8.711  4.177   1.00 64.11 ? 5   GLU A N   1 
ATOM   18   C CA  . GLU A 1 5   ? 11.898  -7.864  5.311   1.00 63.10 ? 5   GLU A CA  1 
ATOM   19   C C   . GLU A 1 5   ? 11.261  -6.494  5.227   1.00 61.54 ? 5   GLU A C   1 
ATOM   20   O O   . GLU A 1 5   ? 10.285  -6.189  5.934   1.00 61.46 ? 5   GLU A O   1 
ATOM   21   C CB  . GLU A 1 5   ? 13.410  -7.802  5.466   1.00 65.57 ? 5   GLU A CB  1 
ATOM   22   C CG  . GLU A 1 5   ? 14.211  -7.732  4.196   1.00 69.82 ? 5   GLU A CG  1 
ATOM   23   C CD  . GLU A 1 5   ? 14.619  -9.043  3.573   1.00 71.42 ? 5   GLU A CD  1 
ATOM   24   O OE1 . GLU A 1 5   ? 13.792  -9.976  3.479   1.00 71.37 ? 5   GLU A OE1 1 
ATOM   25   O OE2 . GLU A 1 5   ? 15.782  -9.173  3.099   1.00 72.19 ? 5   GLU A OE2 1 
ATOM   26   N N   . SER A 1 6   ? 11.768  -5.621  4.356   1.00 59.59 ? 6   SER A N   1 
ATOM   27   C CA  . SER A 1 6   ? 11.145  -4.308  4.199   1.00 55.88 ? 6   SER A CA  1 
ATOM   28   C C   . SER A 1 6   ? 11.144  -3.940  2.709   1.00 53.96 ? 6   SER A C   1 
ATOM   29   O O   . SER A 1 6   ? 11.736  -4.603  1.873   1.00 52.40 ? 6   SER A O   1 
ATOM   30   C CB  . SER A 1 6   ? 11.810  -3.216  5.003   1.00 53.16 ? 6   SER A CB  1 
ATOM   31   O OG  . SER A 1 6   ? 13.050  -2.860  4.423   1.00 51.22 ? 6   SER A OG  1 
ATOM   32   N N   . TRP A 1 7   ? 10.464  -2.843  2.445   1.00 52.46 ? 7   TRP A N   1 
ATOM   33   C CA  . TRP A 1 7   ? 10.342  -2.338  1.090   1.00 51.01 ? 7   TRP A CA  1 
ATOM   34   C C   . TRP A 1 7   ? 10.188  -0.818  1.084   1.00 49.19 ? 7   TRP A C   1 
ATOM   35   O O   . TRP A 1 7   ? 10.079  -0.230  2.156   1.00 49.38 ? 7   TRP A O   1 
ATOM   36   C CB  . TRP A 1 7   ? 9.188   -3.026  0.388   1.00 50.35 ? 7   TRP A CB  1 
ATOM   37   C CG  . TRP A 1 7   ? 7.828   -2.878  0.972   1.00 47.21 ? 7   TRP A CG  1 
ATOM   38   C CD1 . TRP A 1 7   ? 6.947   -1.863  0.754   1.00 46.12 ? 7   TRP A CD1 1 
ATOM   39   C CD2 . TRP A 1 7   ? 7.158   -3.796  1.848   1.00 47.10 ? 7   TRP A CD2 1 
ATOM   40   N NE1 . TRP A 1 7   ? 5.783   -2.075  1.433   1.00 45.84 ? 7   TRP A NE1 1 
ATOM   41   C CE2 . TRP A 1 7   ? 5.885   -3.261  2.116   1.00 48.00 ? 7   TRP A CE2 1 
ATOM   42   C CE3 . TRP A 1 7   ? 7.522   -5.014  2.434   1.00 44.84 ? 7   TRP A CE3 1 
ATOM   43   C CZ2 . TRP A 1 7   ? 4.952   -3.896  2.947   1.00 48.71 ? 7   TRP A CZ2 1 
ATOM   44   C CZ3 . TRP A 1 7   ? 6.596   -5.636  3.252   1.00 45.85 ? 7   TRP A CZ3 1 
ATOM   45   C CH2 . TRP A 1 7   ? 5.336   -5.092  3.508   1.00 46.44 ? 7   TRP A CH2 1 
ATOM   46   N N   . LEU A 1 8   ? 10.178  -0.217  -0.102  1.00 46.16 ? 8   LEU A N   1 
ATOM   47   C CA  . LEU A 1 8   ? 10.029  1.221   -0.208  1.00 43.57 ? 8   LEU A CA  1 
ATOM   48   C C   . LEU A 1 8   ? 8.599   1.539   -0.631  1.00 42.27 ? 8   LEU A C   1 
ATOM   49   O O   . LEU A 1 8   ? 7.948   0.634   -1.164  1.00 42.41 ? 8   LEU A O   1 
ATOM   50   C CB  . LEU A 1 8   ? 10.995  1.831   -1.220  1.00 44.46 ? 8   LEU A CB  1 
ATOM   51   C CG  . LEU A 1 8   ? 12.489  1.589   -1.047  1.00 43.60 ? 8   LEU A CG  1 
ATOM   52   C CD1 . LEU A 1 8   ? 13.276  2.185   -2.198  1.00 42.24 ? 8   LEU A CD1 1 
ATOM   53   C CD2 . LEU A 1 8   ? 13.007  2.137   0.270   1.00 43.76 ? 8   LEU A CD2 1 
ATOM   54   N N   . ILE A 1 9   ? 8.074   2.676   -0.196  1.00 39.51 ? 9   ILE A N   1 
ATOM   55   C CA  . ILE A 1 9   ? 6.724   3.088   -0.601  1.00 36.89 ? 9   ILE A CA  1 
ATOM   56   C C   . ILE A 1 9   ? 6.763   4.579   -0.913  1.00 35.96 ? 9   ILE A C   1 
ATOM   57   O O   . ILE A 1 9   ? 7.782   5.236   -0.613  1.00 36.38 ? 9   ILE A O   1 
ATOM   58   C CB  . ILE A 1 9   ? 5.687   2.778   0.471   1.00 38.70 ? 9   ILE A CB  1 
ATOM   59   C CG1 . ILE A 1 9   ? 6.000   3.454   1.814   1.00 35.25 ? 9   ILE A CG1 1 
ATOM   60   C CG2 . ILE A 1 9   ? 5.528   1.271   0.734   1.00 40.33 ? 9   ILE A CG2 1 
ATOM   61   C CD1 . ILE A 1 9   ? 5.288   4.755   2.030   1.00 29.13 ? 9   ILE A CD1 1 
ATOM   62   N N   . PRO A 1 10  ? 5.697   5.140   -1.475  1.00 33.18 ? 10  PRO A N   1 
ATOM   63   C CA  . PRO A 1 10  ? 5.672   6.547   -1.795  1.00 32.54 ? 10  PRO A CA  1 
ATOM   64   C C   . PRO A 1 10  ? 5.571   7.441   -0.567  1.00 33.65 ? 10  PRO A C   1 
ATOM   65   O O   . PRO A 1 10  ? 4.589   7.375   0.184   1.00 34.29 ? 10  PRO A O   1 
ATOM   66   C CB  . PRO A 1 10  ? 4.435   6.705   -2.678  1.00 30.84 ? 10  PRO A CB  1 
ATOM   67   C CG  . PRO A 1 10  ? 3.976   5.376   -3.029  1.00 29.61 ? 10  PRO A CG  1 
ATOM   68   C CD  . PRO A 1 10  ? 4.545   4.419   -2.024  1.00 31.11 ? 10  PRO A CD  1 
ATOM   69   N N   . ALA A 1 11  ? 6.415   8.459   -0.483  1.00 34.23 ? 11  ALA A N   1 
ATOM   70   C CA  . ALA A 1 11  ? 6.433   9.449   0.583   1.00 33.07 ? 11  ALA A CA  1 
ATOM   71   C C   . ALA A 1 11  ? 5.667   10.707  0.218   1.00 33.07 ? 11  ALA A C   1 
ATOM   72   O O   . ALA A 1 11  ? 5.475   11.660  0.984   1.00 33.09 ? 11  ALA A O   1 
ATOM   73   C CB  . ALA A 1 11  ? 7.882   9.794   0.931   1.00 28.54 ? 11  ALA A CB  1 
ATOM   74   N N   . ALA A 1 12  ? 5.222   10.793  -1.019  1.00 33.35 ? 12  ALA A N   1 
ATOM   75   C CA  . ALA A 1 12  ? 4.466   11.951  -1.474  1.00 34.62 ? 12  ALA A CA  1 
ATOM   76   C C   . ALA A 1 12  ? 3.871   11.597  -2.842  1.00 36.87 ? 12  ALA A C   1 
ATOM   77   O O   . ALA A 1 12  ? 4.418   10.748  -3.539  1.00 36.90 ? 12  ALA A O   1 
ATOM   78   C CB  . ALA A 1 12  ? 5.284   13.207  -1.590  1.00 30.81 ? 12  ALA A CB  1 
ATOM   79   N N   . PRO A 1 13  ? 2.725   12.184  -3.107  1.00 38.25 ? 13  PRO A N   1 
ATOM   80   C CA  . PRO A 1 13  ? 2.011   11.956  -4.356  1.00 37.83 ? 13  PRO A CA  1 
ATOM   81   C C   . PRO A 1 13  ? 2.763   12.632  -5.489  1.00 36.70 ? 13  PRO A C   1 
ATOM   82   O O   . PRO A 1 13  ? 3.645   13.439  -5.214  1.00 34.97 ? 13  PRO A O   1 
ATOM   83   C CB  . PRO A 1 13  ? 0.668   12.643  -4.110  1.00 38.56 ? 13  PRO A CB  1 
ATOM   84   C CG  . PRO A 1 13  ? 0.986   13.765  -3.189  1.00 38.15 ? 13  PRO A CG  1 
ATOM   85   C CD  . PRO A 1 13  ? 2.087   13.253  -2.302  1.00 38.69 ? 13  PRO A CD  1 
ATOM   86   N N   . VAL A 1 14  ? 2.487   12.216  -6.710  1.00 36.54 ? 14  VAL A N   1 
ATOM   87   C CA  . VAL A 1 14  ? 3.127   12.764  -7.894  1.00 35.86 ? 14  VAL A CA  1 
ATOM   88   C C   . VAL A 1 14  ? 2.032   12.974  -8.958  1.00 38.75 ? 14  VAL A C   1 
ATOM   89   O O   . VAL A 1 14  ? 1.152   12.127  -9.118  1.00 38.36 ? 14  VAL A O   1 
ATOM   90   C CB  . VAL A 1 14  ? 4.160   11.828  -8.528  1.00 30.07 ? 14  VAL A CB  1 
ATOM   91   C CG1 . VAL A 1 14  ? 4.740   12.397  -9.808  1.00 21.69 ? 14  VAL A CG1 1 
ATOM   92   C CG2 . VAL A 1 14  ? 5.249   11.413  -7.573  1.00 30.05 ? 14  VAL A CG2 1 
ATOM   93   N N   . THR A 1 15  ? 2.219   14.026  -9.730  1.00 39.47 ? 15  THR A N   1 
ATOM   94   C CA  . THR A 1 15  ? 1.256   14.336  -10.774 1.00 41.70 ? 15  THR A CA  1 
ATOM   95   C C   . THR A 1 15  ? 2.012   14.847  -11.971 1.00 43.13 ? 15  THR A C   1 
ATOM   96   O O   . THR A 1 15  ? 2.810   15.775  -11.806 1.00 45.97 ? 15  THR A O   1 
ATOM   97   C CB  . THR A 1 15  ? 0.267   15.385  -10.246 1.00 44.12 ? 15  THR A CB  1 
ATOM   98   O OG1 . THR A 1 15  ? -0.587  15.860  -11.292 1.00 48.71 ? 15  THR A OG1 1 
ATOM   99   C CG2 . THR A 1 15  ? 1.018   16.575  -9.663  1.00 47.42 ? 15  THR A CG2 1 
ATOM   100  N N   . VAL A 1 16  ? 1.943   14.179  -13.118 1.00 43.77 ? 16  VAL A N   1 
ATOM   101  C CA  . VAL A 1 16  ? 2.645   14.762  -14.282 1.00 44.57 ? 16  VAL A CA  1 
ATOM   102  C C   . VAL A 1 16  ? 1.679   14.738  -15.456 1.00 46.15 ? 16  VAL A C   1 
ATOM   103  O O   . VAL A 1 16  ? 0.674   14.008  -15.382 1.00 46.09 ? 16  VAL A O   1 
ATOM   104  C CB  . VAL A 1 16  ? 4.035   14.267  -14.496 1.00 42.01 ? 16  VAL A CB  1 
ATOM   105  C CG1 . VAL A 1 16  ? 4.274   12.839  -14.054 1.00 40.88 ? 16  VAL A CG1 1 
ATOM   106  C CG2 . VAL A 1 16  ? 4.514   14.441  -15.949 1.00 42.73 ? 16  VAL A CG2 1 
ATOM   107  N N   . VAL A 1 17  ? 1.836   15.661  -16.386 1.00 46.07 ? 17  VAL A N   1 
ATOM   108  C CA  . VAL A 1 17  ? 0.958   15.827  -17.538 1.00 46.25 ? 17  VAL A CA  1 
ATOM   109  C C   . VAL A 1 17  ? 1.761   15.740  -18.833 1.00 45.00 ? 17  VAL A C   1 
ATOM   110  O O   . VAL A 1 17  ? 2.955   16.027  -18.829 1.00 44.72 ? 17  VAL A O   1 
ATOM   111  C CB  . VAL A 1 17  ? 0.251   17.199  -17.448 1.00 48.95 ? 17  VAL A CB  1 
ATOM   112  C CG1 . VAL A 1 17  ? -0.026  17.815  -18.809 1.00 49.99 ? 17  VAL A CG1 1 
ATOM   113  C CG2 . VAL A 1 17  ? -1.020  17.083  -16.619 1.00 46.13 ? 17  VAL A CG2 1 
ATOM   114  N N   . GLU A 1 18  ? 1.100   15.364  -19.927 1.00 43.35 ? 18  GLU A N   1 
ATOM   115  C CA  . GLU A 1 18  ? 1.823   15.251  -21.195 1.00 42.95 ? 18  GLU A CA  1 
ATOM   116  C C   . GLU A 1 18  ? 0.909   15.463  -22.390 1.00 43.50 ? 18  GLU A C   1 
ATOM   117  O O   . GLU A 1 18  ? -0.296  15.178  -22.334 1.00 42.68 ? 18  GLU A O   1 
ATOM   118  C CB  . GLU A 1 18  ? 2.532   13.895  -21.233 1.00 38.88 ? 18  GLU A CB  1 
ATOM   119  C CG  . GLU A 1 18  ? 3.582   13.758  -22.292 1.00 36.26 ? 18  GLU A CG  1 
ATOM   120  C CD  . GLU A 1 18  ? 3.935   12.344  -22.654 1.00 38.07 ? 18  GLU A CD  1 
ATOM   121  O OE1 . GLU A 1 18  ? 3.794   11.460  -21.767 1.00 37.92 ? 18  GLU A OE1 1 
ATOM   122  O OE2 . GLU A 1 18  ? 4.366   12.129  -23.817 1.00 37.53 ? 18  GLU A OE2 1 
ATOM   123  N N   . GLU A 1 19  ? 1.448   15.991  -23.478 1.00 43.95 ? 19  GLU A N   1 
ATOM   124  C CA  . GLU A 1 19  ? 0.698   16.280  -24.699 1.00 46.58 ? 19  GLU A CA  1 
ATOM   125  C C   . GLU A 1 19  ? 1.072   15.392  -25.881 1.00 45.93 ? 19  GLU A C   1 
ATOM   126  O O   . GLU A 1 19  ? 2.164   15.432  -26.439 1.00 44.90 ? 19  GLU A O   1 
ATOM   127  C CB  . GLU A 1 19  ? 0.835   17.761  -25.017 1.00 52.15 ? 19  GLU A CB  1 
ATOM   128  C CG  . GLU A 1 19  ? 0.997   18.186  -26.443 1.00 57.54 ? 19  GLU A CG  1 
ATOM   129  C CD  . GLU A 1 19  ? -0.307  18.512  -27.158 1.00 60.16 ? 19  GLU A CD  1 
ATOM   130  O OE1 . GLU A 1 19  ? -1.389  18.352  -26.543 1.00 59.60 ? 19  GLU A OE1 1 
ATOM   131  O OE2 . GLU A 1 19  ? -0.227  18.923  -28.342 1.00 57.59 ? 19  GLU A OE2 1 
ATOM   132  N N   . ILE A 1 20  ? 0.148   14.510  -26.274 1.00 45.07 ? 20  ILE A N   1 
ATOM   133  C CA  . ILE A 1 20  ? 0.316   13.574  -27.366 1.00 43.96 ? 20  ILE A CA  1 
ATOM   134  C C   . ILE A 1 20  ? -0.788  13.755  -28.408 1.00 43.32 ? 20  ILE A C   1 
ATOM   135  O O   . ILE A 1 20  ? -1.975  13.523  -28.188 1.00 43.84 ? 20  ILE A O   1 
ATOM   136  C CB  . ILE A 1 20  ? 0.298   12.111  -26.874 1.00 45.21 ? 20  ILE A CB  1 
ATOM   137  C CG1 . ILE A 1 20  ? 1.405   11.856  -25.852 1.00 45.60 ? 20  ILE A CG1 1 
ATOM   138  C CG2 . ILE A 1 20  ? 0.427   11.161  -28.049 1.00 44.58 ? 20  ILE A CG2 1 
ATOM   139  C CD1 . ILE A 1 20  ? 1.565   10.408  -25.444 1.00 45.30 ? 20  ILE A CD1 1 
ATOM   140  N N   . LYS A 1 21  ? -0.399  14.179  -29.602 1.00 42.68 ? 21  LYS A N   1 
ATOM   141  C CA  . LYS A 1 21  ? -1.330  14.454  -30.687 1.00 41.86 ? 21  LYS A CA  1 
ATOM   142  C C   . LYS A 1 21  ? -2.518  15.262  -30.210 1.00 42.57 ? 21  LYS A C   1 
ATOM   143  O O   . LYS A 1 21  ? -3.622  14.745  -30.043 1.00 44.28 ? 21  LYS A O   1 
ATOM   144  C CB  . LYS A 1 21  ? -1.722  13.179  -31.418 1.00 41.19 ? 21  LYS A CB  1 
ATOM   145  C CG  . LYS A 1 21  ? -0.537  12.252  -31.672 1.00 44.58 ? 21  LYS A CG  1 
ATOM   146  C CD  . LYS A 1 21  ? -0.379  11.776  -33.082 1.00 47.75 ? 21  LYS A CD  1 
ATOM   147  C CE  . LYS A 1 21  ? -0.540  10.275  -33.239 1.00 50.63 ? 21  LYS A CE  1 
ATOM   148  N NZ  . LYS A 1 21  ? -0.656  9.871   -34.676 1.00 50.99 ? 21  LYS A NZ  1 
ATOM   149  N N   . LYS A 1 22  ? -2.265  16.459  -29.669 1.00 42.86 ? 22  LYS A N   1 
ATOM   150  C CA  . LYS A 1 22  ? -3.325  17.337  -29.208 1.00 42.32 ? 22  LYS A CA  1 
ATOM   151  C C   . LYS A 1 22  ? -4.242  16.745  -28.172 1.00 43.81 ? 22  LYS A C   1 
ATOM   152  O O   . LYS A 1 22  ? -5.329  17.291  -27.937 1.00 45.38 ? 22  LYS A O   1 
ATOM   153  C CB  . LYS A 1 22  ? -4.126  17.796  -30.426 1.00 40.04 ? 22  LYS A CB  1 
ATOM   154  C CG  . LYS A 1 22  ? -3.358  18.777  -31.312 1.00 44.57 ? 22  LYS A CG  1 
ATOM   155  C CD  . LYS A 1 22  ? -4.344  19.531  -32.213 1.00 47.46 ? 22  LYS A CD  1 
ATOM   156  C CE  . LYS A 1 22  ? -3.833  19.544  -33.659 1.00 50.43 ? 22  LYS A CE  1 
ATOM   157  N NZ  . LYS A 1 22  ? -4.255  20.800  -34.348 1.00 53.03 ? 22  LYS A NZ  1 
ATOM   158  N N   . SER A 1 23  ? -3.877  15.692  -27.475 1.00 44.69 ? 23  SER A N   1 
ATOM   159  C CA  . SER A 1 23  ? -4.692  15.069  -26.446 1.00 46.97 ? 23  SER A CA  1 
ATOM   160  C C   . SER A 1 23  ? -4.103  15.305  -25.074 1.00 47.97 ? 23  SER A C   1 
ATOM   161  O O   . SER A 1 23  ? -2.934  15.710  -24.987 1.00 49.27 ? 23  SER A O   1 
ATOM   162  C CB  . SER A 1 23  ? -4.763  13.563  -26.746 1.00 51.38 ? 23  SER A CB  1 
ATOM   163  O OG  . SER A 1 23  ? -5.149  13.365  -28.107 1.00 57.93 ? 23  SER A OG  1 
ATOM   164  N N   . ARG A 1 24  ? -4.768  14.974  -23.971 1.00 49.05 ? 24  ARG A N   1 
ATOM   165  C CA  . ARG A 1 24  ? -4.153  15.344  -22.681 1.00 49.32 ? 24  ARG A CA  1 
ATOM   166  C C   . ARG A 1 24  ? -4.138  14.245  -21.655 1.00 48.78 ? 24  ARG A C   1 
ATOM   167  O O   . ARG A 1 24  ? -5.135  13.906  -21.016 1.00 48.00 ? 24  ARG A O   1 
ATOM   168  C CB  . ARG A 1 24  ? -4.819  16.613  -22.192 1.00 55.02 ? 24  ARG A CB  1 
ATOM   169  C CG  . ARG A 1 24  ? -4.526  17.129  -20.822 1.00 58.72 ? 24  ARG A CG  1 
ATOM   170  C CD  . ARG A 1 24  ? -3.197  17.747  -20.595 1.00 59.63 ? 24  ARG A CD  1 
ATOM   171  N NE  . ARG A 1 24  ? -2.691  18.683  -21.548 1.00 62.33 ? 24  ARG A NE  1 
ATOM   172  C CZ  . ARG A 1 24  ? -2.055  18.462  -22.687 1.00 64.59 ? 24  ARG A CZ  1 
ATOM   173  N NH1 . ARG A 1 24  ? -1.806  17.227  -23.113 1.00 64.83 ? 24  ARG A NH1 1 
ATOM   174  N NH2 . ARG A 1 24  ? -1.648  19.480  -23.443 1.00 65.43 ? 24  ARG A NH2 1 
ATOM   175  N N   . PHE A 1 25  ? -2.920  13.740  -21.426 1.00 47.83 ? 25  PHE A N   1 
ATOM   176  C CA  . PHE A 1 25  ? -2.690  12.676  -20.476 1.00 47.80 ? 25  PHE A CA  1 
ATOM   177  C C   . PHE A 1 25  ? -2.013  13.154  -19.189 1.00 47.51 ? 25  PHE A C   1 
ATOM   178  O O   . PHE A 1 25  ? -0.823  13.520  -19.188 1.00 49.48 ? 25  PHE A O   1 
ATOM   179  C CB  . PHE A 1 25  ? -1.863  11.573  -21.110 1.00 47.78 ? 25  PHE A CB  1 
ATOM   180  C CG  . PHE A 1 25  ? -2.347  11.000  -22.401 1.00 46.64 ? 25  PHE A CG  1 
ATOM   181  C CD1 . PHE A 1 25  ? -1.870  11.481  -23.612 1.00 46.12 ? 25  PHE A CD1 1 
ATOM   182  C CD2 . PHE A 1 25  ? -3.230  9.920   -22.419 1.00 44.12 ? 25  PHE A CD2 1 
ATOM   183  C CE1 . PHE A 1 25  ? -2.265  10.931  -24.815 1.00 44.10 ? 25  PHE A CE1 1 
ATOM   184  C CE2 . PHE A 1 25  ? -3.635  9.376   -23.610 1.00 41.68 ? 25  PHE A CE2 1 
ATOM   185  C CZ  . PHE A 1 25  ? -3.159  9.876   -24.804 1.00 44.34 ? 25  PHE A CZ  1 
ATOM   186  N N   . ILE A 1 26  ? -2.706  12.978  -18.075 1.00 44.60 ? 26  ILE A N   1 
ATOM   187  C CA  . ILE A 1 26  ? -2.261  13.362  -16.776 1.00 42.09 ? 26  ILE A CA  1 
ATOM   188  C C   . ILE A 1 26  ? -2.204  12.190  -15.803 1.00 41.27 ? 26  ILE A C   1 
ATOM   189  O O   . ILE A 1 26  ? -3.188  11.807  -15.200 1.00 39.35 ? 26  ILE A O   1 
ATOM   190  C CB  . ILE A 1 26  ? -3.137  14.457  -16.135 1.00 44.54 ? 26  ILE A CB  1 
ATOM   191  N N   . THR A 1 27  ? -0.975  11.712  -15.595 1.00 41.67 ? 27  THR A N   1 
ATOM   192  C CA  . THR A 1 27  ? -0.678  10.629  -14.683 1.00 40.10 ? 27  THR A CA  1 
ATOM   193  C C   . THR A 1 27  ? -0.583  11.144  -13.257 1.00 41.36 ? 27  THR A C   1 
ATOM   194  O O   . THR A 1 27  ? -0.018  12.226  -13.068 1.00 42.98 ? 27  THR A O   1 
ATOM   195  C CB  . THR A 1 27  ? 0.685   9.973   -15.009 1.00 34.98 ? 27  THR A CB  1 
ATOM   196  O OG1 . THR A 1 27  ? 0.710   9.748   -16.427 1.00 33.91 ? 27  THR A OG1 1 
ATOM   197  C CG2 . THR A 1 27  ? 0.799   8.638   -14.272 1.00 30.97 ? 27  THR A CG2 1 
ATOM   198  N N   . MET A 1 28  ? -1.157  10.423  -12.322 1.00 40.78 ? 28  MET A N   1 
ATOM   199  C CA  . MET A 1 28  ? -1.149  10.809  -10.922 1.00 40.66 ? 28  MET A CA  1 
ATOM   200  C C   . MET A 1 28  ? -0.880  9.574   -10.064 1.00 41.17 ? 28  MET A C   1 
ATOM   201  O O   . MET A 1 28  ? -1.504  8.532   -10.211 1.00 40.74 ? 28  MET A O   1 
ATOM   202  C CB  . MET A 1 28  ? -2.475  11.471  -10.540 1.00 41.27 ? 28  MET A CB  1 
ATOM   203  C CG  . MET A 1 28  ? -2.763  12.764  -11.309 1.00 42.20 ? 28  MET A CG  1 
ATOM   204  S SD  . MET A 1 28  ? -4.443  13.393  -11.058 1.00 43.24 ? 28  MET A SD  1 
ATOM   205  C CE  . MET A 1 28  ? -4.464  13.464  -9.258  1.00 41.41 ? 28  MET A CE  1 
ATOM   206  N N   . LEU A 1 29  ? 0.235   9.607   -9.356  1.00 42.37 ? 29  LEU A N   1 
ATOM   207  C CA  . LEU A 1 29  ? 0.685   8.570   -8.436  1.00 40.92 ? 29  LEU A CA  1 
ATOM   208  C C   . LEU A 1 29  ? 0.325   8.997   -7.002  1.00 40.91 ? 29  LEU A C   1 
ATOM   209  O O   . LEU A 1 29  ? -0.003  10.186  -6.844  1.00 40.90 ? 29  LEU A O   1 
ATOM   210  C CB  . LEU A 1 29  ? 2.225   8.452   -8.499  1.00 36.91 ? 29  LEU A CB  1 
ATOM   211  C CG  . LEU A 1 29  ? 2.798   7.447   -9.472  1.00 35.49 ? 29  LEU A CG  1 
ATOM   212  C CD1 . LEU A 1 29  ? 2.235   7.668   -10.857 1.00 33.07 ? 29  LEU A CD1 1 
ATOM   213  C CD2 . LEU A 1 29  ? 4.321   7.454   -9.493  1.00 35.00 ? 29  LEU A CD2 1 
ATOM   214  N N   . ALA A 1 30  ? 0.472   8.122   -6.031  1.00 40.37 ? 30  ALA A N   1 
ATOM   215  C CA  . ALA A 1 30  ? 0.143   8.416   -4.647  1.00 41.54 ? 30  ALA A CA  1 
ATOM   216  C C   . ALA A 1 30  ? 0.291   7.191   -3.762  1.00 43.73 ? 30  ALA A C   1 
ATOM   217  O O   . ALA A 1 30  ? 0.176   6.082   -4.272  1.00 44.22 ? 30  ALA A O   1 
ATOM   218  C CB  . ALA A 1 30  ? -1.347  8.831   -4.599  1.00 42.42 ? 30  ALA A CB  1 
ATOM   219  N N   . HIS A 1 31  ? 0.440   7.348   -2.455  1.00 46.59 ? 31  HIS A N   1 
ATOM   220  C CA  . HIS A 1 31  ? 0.553   6.200   -1.539  1.00 49.10 ? 31  HIS A CA  1 
ATOM   221  C C   . HIS A 1 31  ? -0.809  5.594   -1.252  1.00 49.71 ? 31  HIS A C   1 
ATOM   222  O O   . HIS A 1 31  ? -1.755  6.300   -0.880  1.00 50.24 ? 31  HIS A O   1 
ATOM   223  C CB  . HIS A 1 31  ? 1.197   6.655   -0.235  1.00 52.75 ? 31  HIS A CB  1 
ATOM   224  C CG  . HIS A 1 31  ? 1.189   5.647   0.872   1.00 57.93 ? 31  HIS A CG  1 
ATOM   225  N ND1 . HIS A 1 31  ? 0.246   5.635   1.875   1.00 59.16 ? 31  HIS A ND1 1 
ATOM   226  C CD2 . HIS A 1 31  ? 2.023   4.615   1.153   1.00 59.56 ? 31  HIS A CD2 1 
ATOM   227  C CE1 . HIS A 1 31  ? 0.501   4.646   2.710   1.00 60.54 ? 31  HIS A CE1 1 
ATOM   228  N NE2 . HIS A 1 31  ? 1.584   4.003   2.298   1.00 58.76 ? 31  HIS A NE2 1 
ATOM   229  N N   . THR A 1 32  ? -0.963  4.292   -1.453  1.00 50.54 ? 32  THR A N   1 
ATOM   230  C CA  . THR A 1 32  ? -2.246  3.615   -1.237  1.00 49.07 ? 32  THR A CA  1 
ATOM   231  C C   . THR A 1 32  ? -2.043  2.253   -0.580  1.00 49.34 ? 32  THR A C   1 
ATOM   232  O O   . THR A 1 32  ? -1.764  1.270   -1.267  1.00 47.18 ? 32  THR A O   1 
ATOM   233  C CB  . THR A 1 32  ? -3.011  3.348   -2.549  1.00 46.95 ? 32  THR A CB  1 
ATOM   234  O OG1 . THR A 1 32  ? -2.241  2.476   -3.389  1.00 44.79 ? 32  THR A OG1 1 
ATOM   235  C CG2 . THR A 1 32  ? -3.367  4.611   -3.298  1.00 44.47 ? 32  THR A CG2 1 
ATOM   236  N N   . ASP A 1 33  ? -2.158  2.188   0.749   1.00 51.21 ? 33  ASP A N   1 
ATOM   237  C CA  . ASP A 1 33  ? -2.008  0.860   1.383   1.00 53.01 ? 33  ASP A CA  1 
ATOM   238  C C   . ASP A 1 33  ? -3.389  0.168   1.329   1.00 53.37 ? 33  ASP A C   1 
ATOM   239  O O   . ASP A 1 33  ? -4.407  0.719   1.763   1.00 51.01 ? 33  ASP A O   1 
ATOM   240  C CB  . ASP A 1 33  ? -1.430  0.888   2.766   1.00 55.40 ? 33  ASP A CB  1 
ATOM   241  C CG  . ASP A 1 33  ? -1.234  -0.463  3.419   1.00 57.09 ? 33  ASP A CG  1 
ATOM   242  O OD1 . ASP A 1 33  ? -0.608  -0.546  4.506   1.00 58.70 ? 33  ASP A OD1 1 
ATOM   243  O OD2 . ASP A 1 33  ? -1.692  -1.486  2.856   1.00 57.91 ? 33  ASP A OD2 1 
ATOM   244  N N   . GLY A 1 34  ? -3.418  -0.889  0.504   1.00 53.85 ? 34  GLY A N   1 
ATOM   245  C CA  . GLY A 1 34  ? -4.558  -1.697  0.236   1.00 53.42 ? 34  GLY A CA  1 
ATOM   246  C C   . GLY A 1 34  ? -5.455  -1.213  -0.891  1.00 54.60 ? 34  GLY A C   1 
ATOM   247  O O   . GLY A 1 34  ? -5.489  -0.050  -1.312  1.00 52.81 ? 34  GLY A O   1 
ATOM   248  N N   . VAL A 1 35  ? -6.384  -2.116  -1.229  1.00 55.54 ? 35  VAL A N   1 
ATOM   249  C CA  . VAL A 1 35  ? -7.354  -1.912  -2.277  1.00 56.65 ? 35  VAL A CA  1 
ATOM   250  C C   . VAL A 1 35  ? -8.342  -0.808  -2.024  1.00 58.21 ? 35  VAL A C   1 
ATOM   251  O O   . VAL A 1 35  ? -8.753  -0.115  -2.982  1.00 58.35 ? 35  VAL A O   1 
ATOM   252  C CB  . VAL A 1 35  ? -8.084  -3.234  -2.596  1.00 56.67 ? 35  VAL A CB  1 
ATOM   253  C CG1 . VAL A 1 35  ? -8.948  -3.103  -3.834  1.00 53.45 ? 35  VAL A CG1 1 
ATOM   254  C CG2 . VAL A 1 35  ? -7.064  -4.363  -2.727  1.00 56.62 ? 35  VAL A CG2 1 
ATOM   255  N N   . GLU A 1 36  ? -8.778  -0.575  -0.777  1.00 59.98 ? 36  GLU A N   1 
ATOM   256  C CA  . GLU A 1 36  ? -9.750  0.527   -0.557  1.00 60.49 ? 36  GLU A CA  1 
ATOM   257  C C   . GLU A 1 36  ? -9.014  1.829   -0.910  1.00 59.85 ? 36  GLU A C   1 
ATOM   258  O O   . GLU A 1 36  ? -9.479  2.602   -1.741  1.00 60.05 ? 36  GLU A O   1 
ATOM   259  C CB  . GLU A 1 36  ? -10.311 0.594   0.841   1.00 62.97 ? 36  GLU A CB  1 
ATOM   260  C CG  . GLU A 1 36  ? -11.596 1.385   1.061   1.00 62.30 ? 36  GLU A CG  1 
ATOM   261  C CD  . GLU A 1 36  ? -11.840 1.801   2.502   1.00 62.14 ? 36  GLU A CD  1 
ATOM   262  O OE1 . GLU A 1 36  ? -12.359 1.005   3.327   1.00 61.68 ? 36  GLU A OE1 1 
ATOM   263  O OE2 . GLU A 1 36  ? -11.512 2.958   2.853   1.00 61.04 ? 36  GLU A OE2 1 
ATOM   264  N N   . ALA A 1 37  ? -7.796  1.910   -0.372  1.00 58.99 ? 37  ALA A N   1 
ATOM   265  C CA  . ALA A 1 37  ? -6.920  3.054   -0.592  1.00 56.61 ? 37  ALA A CA  1 
ATOM   266  C C   . ALA A 1 37  ? -6.794  3.354   -2.079  1.00 55.71 ? 37  ALA A C   1 
ATOM   267  O O   . ALA A 1 37  ? -7.037  4.480   -2.510  1.00 54.36 ? 37  ALA A O   1 
ATOM   268  C CB  . ALA A 1 37  ? -5.574  2.803   0.037   1.00 58.07 ? 37  ALA A CB  1 
ATOM   269  N N   . ALA A 1 38  ? -6.470  2.331   -2.863  1.00 55.13 ? 38  ALA A N   1 
ATOM   270  C CA  . ALA A 1 38  ? -6.383  2.497   -4.313  1.00 55.23 ? 38  ALA A CA  1 
ATOM   271  C C   . ALA A 1 38  ? -7.669  3.095   -4.872  1.00 56.48 ? 38  ALA A C   1 
ATOM   272  O O   . ALA A 1 38  ? -7.730  4.127   -5.561  1.00 55.58 ? 38  ALA A O   1 
ATOM   273  C CB  . ALA A 1 38  ? -6.116  1.143   -4.945  1.00 53.10 ? 38  ALA A CB  1 
ATOM   274  N N   . LYS A 1 39  ? -8.782  2.443   -4.540  1.00 57.86 ? 39  LYS A N   1 
ATOM   275  C CA  . LYS A 1 39  ? -10.091 2.900   -4.997  1.00 59.78 ? 39  LYS A CA  1 
ATOM   276  C C   . LYS A 1 39  ? -10.413 4.302   -4.499  1.00 60.94 ? 39  LYS A C   1 
ATOM   277  O O   . LYS A 1 39  ? -11.027 5.108   -5.201  1.00 60.13 ? 39  LYS A O   1 
ATOM   278  C CB  . LYS A 1 39  ? -11.159 1.923   -4.514  1.00 61.96 ? 39  LYS A CB  1 
ATOM   279  C CG  . LYS A 1 39  ? -12.467 2.050   -5.286  1.00 65.10 ? 39  LYS A CG  1 
ATOM   280  C CD  . LYS A 1 39  ? -12.807 0.711   -5.945  1.00 66.47 ? 39  LYS A CD  1 
ATOM   281  C CE  . LYS A 1 39  ? -11.819 0.429   -7.083  1.00 67.60 ? 39  LYS A CE  1 
ATOM   282  N NZ  . LYS A 1 39  ? -11.933 1.471   -8.151  1.00 66.03 ? 39  LYS A NZ  1 
ATOM   283  N N   . ALA A 1 40  ? -10.021 4.581   -3.253  1.00 61.56 ? 40  ALA A N   1 
ATOM   284  C CA  . ALA A 1 40  ? -10.192 5.888   -2.666  1.00 62.77 ? 40  ALA A CA  1 
ATOM   285  C C   . ALA A 1 40  ? -9.881  7.046   -3.597  1.00 63.64 ? 40  ALA A C   1 
ATOM   286  O O   . ALA A 1 40  ? -10.776 7.861   -3.885  1.00 64.79 ? 40  ALA A O   1 
ATOM   287  C CB  . ALA A 1 40  ? -9.346  5.997   -1.401  1.00 63.01 ? 40  ALA A CB  1 
ATOM   288  N N   . PHE A 1 41  ? -8.653  7.189   -4.109  1.00 63.28 ? 41  PHE A N   1 
ATOM   289  C CA  . PHE A 1 41  ? -8.366  8.353   -4.941  1.00 62.81 ? 41  PHE A CA  1 
ATOM   290  C C   . PHE A 1 41  ? -8.661  8.202   -6.401  1.00 62.69 ? 41  PHE A C   1 
ATOM   291  O O   . PHE A 1 41  ? -8.539  9.160   -7.193  1.00 62.43 ? 41  PHE A O   1 
ATOM   292  C CB  . PHE A 1 41  ? -6.983  8.908   -4.658  1.00 63.23 ? 41  PHE A CB  1 
ATOM   293  C CG  . PHE A 1 41  ? -5.872  8.264   -5.421  1.00 63.25 ? 41  PHE A CG  1 
ATOM   294  C CD1 . PHE A 1 41  ? -5.169  8.973   -6.385  1.00 62.94 ? 41  PHE A CD1 1 
ATOM   295  C CD2 . PHE A 1 41  ? -5.533  6.941   -5.170  1.00 63.05 ? 41  PHE A CD2 1 
ATOM   296  C CE1 . PHE A 1 41  ? -4.139  8.380   -7.090  1.00 60.56 ? 41  PHE A CE1 1 
ATOM   297  C CE2 . PHE A 1 41  ? -4.509  6.350   -5.869  1.00 62.28 ? 41  PHE A CE2 1 
ATOM   298  C CZ  . PHE A 1 41  ? -3.818  7.070   -6.829  1.00 62.02 ? 41  PHE A CZ  1 
ATOM   299  N N   . VAL A 1 42  ? -9.206  7.064   -6.827  1.00 62.98 ? 42  VAL A N   1 
ATOM   300  C CA  . VAL A 1 42  ? -9.616  6.996   -8.253  1.00 63.44 ? 42  VAL A CA  1 
ATOM   301  C C   . VAL A 1 42  ? -10.833 7.910   -8.415  1.00 63.64 ? 42  VAL A C   1 
ATOM   302  O O   . VAL A 1 42  ? -11.018 8.599   -9.416  1.00 62.49 ? 42  VAL A O   1 
ATOM   303  C CB  . VAL A 1 42  ? -9.879  5.564   -8.676  1.00 64.50 ? 42  VAL A CB  1 
ATOM   304  C CG1 . VAL A 1 42  ? -8.759  4.635   -8.207  1.00 61.24 ? 42  VAL A CG1 1 
ATOM   305  C CG2 . VAL A 1 42  ? -11.212 5.052   -8.130  1.00 67.87 ? 42  VAL A CG2 1 
ATOM   306  N N   . GLU A 1 43  ? -11.656 7.945   -7.356  1.00 63.96 ? 43  GLU A N   1 
ATOM   307  C CA  . GLU A 1 43  ? -12.837 8.780   -7.294  1.00 63.78 ? 43  GLU A CA  1 
ATOM   308  C C   . GLU A 1 43  ? -12.432 10.253  -7.439  1.00 63.21 ? 43  GLU A C   1 
ATOM   309  O O   . GLU A 1 43  ? -12.977 10.956  -8.290  1.00 62.56 ? 43  GLU A O   1 
ATOM   310  C CB  . GLU A 1 43  ? -13.583 8.628   -5.959  1.00 66.14 ? 43  GLU A CB  1 
ATOM   311  C CG  . GLU A 1 43  ? -15.097 8.658   -6.044  1.00 69.29 ? 43  GLU A CG  1 
ATOM   312  C CD  . GLU A 1 43  ? -15.724 10.031  -6.145  1.00 70.13 ? 43  GLU A CD  1 
ATOM   313  O OE1 . GLU A 1 43  ? -16.545 10.274  -7.069  1.00 69.69 ? 43  GLU A OE1 1 
ATOM   314  O OE2 . GLU A 1 43  ? -15.454 10.899  -5.279  1.00 68.74 ? 43  GLU A OE2 1 
ATOM   315  N N   . SER A 1 44  ? -11.415 10.639  -6.658  1.00 62.56 ? 44  SER A N   1 
ATOM   316  C CA  . SER A 1 44  ? -10.964 12.027  -6.636  1.00 62.07 ? 44  SER A CA  1 
ATOM   317  C C   . SER A 1 44  ? -10.453 12.533  -7.976  1.00 61.28 ? 44  SER A C   1 
ATOM   318  O O   . SER A 1 44  ? -10.690 13.678  -8.367  1.00 60.40 ? 44  SER A O   1 
ATOM   319  C CB  . SER A 1 44  ? -9.939  12.308  -5.554  1.00 62.15 ? 44  SER A CB  1 
ATOM   320  O OG  . SER A 1 44  ? -9.038  11.284  -5.286  1.00 59.39 ? 44  SER A OG  1 
ATOM   321  N N   . VAL A 1 45  ? -9.726  11.671  -8.674  1.00 60.86 ? 45  VAL A N   1 
ATOM   322  C CA  . VAL A 1 45  ? -9.176  12.014  -9.982  1.00 60.98 ? 45  VAL A CA  1 
ATOM   323  C C   . VAL A 1 45  ? -10.275 12.035  -11.038 1.00 61.59 ? 45  VAL A C   1 
ATOM   324  O O   . VAL A 1 45  ? -10.223 12.777  -12.019 1.00 60.67 ? 45  VAL A O   1 
ATOM   325  C CB  . VAL A 1 45  ? -8.090  11.005  -10.399 1.00 60.34 ? 45  VAL A CB  1 
ATOM   326  N N   . ARG A 1 46  ? -11.263 11.139  -10.853 1.00 62.30 ? 46  ARG A N   1 
ATOM   327  C CA  . ARG A 1 46  ? -12.395 11.144  -11.803 1.00 62.29 ? 46  ARG A CA  1 
ATOM   328  C C   . ARG A 1 46  ? -13.154 12.452  -11.553 1.00 62.29 ? 46  ARG A C   1 
ATOM   329  O O   . ARG A 1 46  ? -13.207 13.326  -12.407 1.00 61.75 ? 46  ARG A O   1 
ATOM   330  C CB  . ARG A 1 46  ? -13.273 9.931   -11.626 1.00 62.68 ? 46  ARG A CB  1 
ATOM   331  N N   . ALA A 1 47  ? -13.634 12.600  -10.323 1.00 62.33 ? 47  ALA A N   1 
ATOM   332  C CA  . ALA A 1 47  ? -14.351 13.802  -9.903  1.00 62.93 ? 47  ALA A CA  1 
ATOM   333  C C   . ALA A 1 47  ? -13.706 15.053  -10.492 1.00 62.93 ? 47  ALA A C   1 
ATOM   334  O O   . ALA A 1 47  ? -14.269 15.770  -11.314 1.00 62.59 ? 47  ALA A O   1 
ATOM   335  C CB  . ALA A 1 47  ? -14.309 13.892  -8.370  1.00 61.23 ? 47  ALA A CB  1 
ATOM   336  N N   . GLU A 1 48  ? -12.428 15.213  -10.142 1.00 62.87 ? 48  GLU A N   1 
ATOM   337  C CA  . GLU A 1 48  ? -11.635 16.330  -10.595 1.00 63.23 ? 48  GLU A CA  1 
ATOM   338  C C   . GLU A 1 48  ? -11.613 16.521  -12.093 1.00 64.29 ? 48  GLU A C   1 
ATOM   339  O O   . GLU A 1 48  ? -11.461 17.668  -12.561 1.00 64.24 ? 48  GLU A O   1 
ATOM   340  C CB  . GLU A 1 48  ? -10.230 16.208  -10.011 1.00 61.71 ? 48  GLU A CB  1 
ATOM   341  C CG  . GLU A 1 48  ? -9.563  17.566  -9.790  1.00 60.58 ? 48  GLU A CG  1 
ATOM   342  C CD  . GLU A 1 48  ? -8.080  17.447  -10.118 1.00 59.19 ? 48  GLU A CD  1 
ATOM   343  O OE1 . GLU A 1 48  ? -7.588  18.278  -10.885 1.00 60.34 ? 48  GLU A OE1 1 
ATOM   344  O OE2 . GLU A 1 48  ? -7.471  16.498  -9.598  1.00 59.84 ? 48  GLU A OE2 1 
ATOM   345  N N   . HIS A 1 49  ? -11.682 15.458  -12.905 1.00 64.81 ? 49  HIS A N   1 
ATOM   346  C CA  . HIS A 1 49  ? -11.684 15.605  -14.354 1.00 64.83 ? 49  HIS A CA  1 
ATOM   347  C C   . HIS A 1 49  ? -12.858 14.872  -14.998 1.00 64.59 ? 49  HIS A C   1 
ATOM   348  O O   . HIS A 1 49  ? -12.732 13.694  -15.383 1.00 65.98 ? 49  HIS A O   1 
ATOM   349  C CB  . HIS A 1 49  ? -10.386 15.104  -14.996 1.00 63.41 ? 49  HIS A CB  1 
ATOM   350  C CG  . HIS A 1 49  ? -9.120  15.544  -14.345 1.00 61.42 ? 49  HIS A CG  1 
ATOM   351  N ND1 . HIS A 1 49  ? -8.300  16.523  -14.877 1.00 61.17 ? 49  HIS A ND1 1 
ATOM   352  C CD2 . HIS A 1 49  ? -8.529  15.137  -13.194 1.00 59.02 ? 49  HIS A CD2 1 
ATOM   353  C CE1 . HIS A 1 49  ? -7.271  16.713  -14.072 1.00 60.05 ? 49  HIS A CE1 1 
ATOM   354  N NE2 . HIS A 1 49  ? -7.396  15.886  -13.041 1.00 59.76 ? 49  HIS A NE2 1 
ATOM   355  N N   . PRO A 1 50  ? -14.045 15.452  -14.936 1.00 63.16 ? 50  PRO A N   1 
ATOM   356  C CA  . PRO A 1 50  ? -15.221 14.854  -15.565 1.00 61.80 ? 50  PRO A CA  1 
ATOM   357  C C   . PRO A 1 50  ? -15.128 14.902  -17.080 1.00 60.86 ? 50  PRO A C   1 
ATOM   358  O O   . PRO A 1 50  ? -15.391 13.941  -17.796 1.00 59.69 ? 50  PRO A O   1 
ATOM   359  C CB  . PRO A 1 50  ? -16.368 15.691  -15.058 1.00 62.13 ? 50  PRO A CB  1 
ATOM   360  C CG  . PRO A 1 50  ? -15.806 16.835  -14.323 1.00 62.43 ? 50  PRO A CG  1 
ATOM   361  C CD  . PRO A 1 50  ? -14.315 16.832  -14.501 1.00 62.17 ? 50  PRO A CD  1 
ATOM   362  N N   . ASP A 1 51  ? -14.614 16.011  -17.610 1.00 60.29 ? 51  ASP A N   1 
ATOM   363  C CA  . ASP A 1 51  ? -14.464 16.228  -19.024 1.00 60.18 ? 51  ASP A CA  1 
ATOM   364  C C   . ASP A 1 51  ? -13.432 15.371  -19.736 1.00 59.83 ? 51  ASP A C   1 
ATOM   365  O O   . ASP A 1 51  ? -13.199 15.585  -20.944 1.00 58.59 ? 51  ASP A O   1 
ATOM   366  C CB  . ASP A 1 51  ? -14.111 17.704  -19.311 1.00 59.53 ? 51  ASP A CB  1 
ATOM   367  C CG  . ASP A 1 51  ? -15.372 18.546  -19.410 1.00 59.67 ? 51  ASP A CG  1 
ATOM   368  O OD1 . ASP A 1 51  ? -15.433 19.574  -18.697 1.00 61.09 ? 51  ASP A OD1 1 
ATOM   369  O OD2 . ASP A 1 51  ? -16.276 18.178  -20.181 1.00 56.22 ? 51  ASP A OD2 1 
ATOM   370  N N   . ALA A 1 52  ? -12.748 14.502  -19.013 1.00 59.68 ? 52  ALA A N   1 
ATOM   371  C CA  . ALA A 1 52  ? -11.751 13.615  -19.601 1.00 58.35 ? 52  ALA A CA  1 
ATOM   372  C C   . ALA A 1 52  ? -12.438 12.275  -19.902 1.00 56.87 ? 52  ALA A C   1 
ATOM   373  O O   . ALA A 1 52  ? -13.133 11.693  -19.082 1.00 56.08 ? 52  ALA A O   1 
ATOM   374  C CB  . ALA A 1 52  ? -10.543 13.458  -18.710 1.00 60.71 ? 52  ALA A CB  1 
ATOM   375  N N   . ARG A 1 53  ? -12.219 11.824  -21.125 1.00 55.86 ? 53  ARG A N   1 
ATOM   376  C CA  . ARG A 1 53  ? -12.817 10.635  -21.665 1.00 55.43 ? 53  ARG A CA  1 
ATOM   377  C C   . ARG A 1 53  ? -12.457 9.348   -20.959 1.00 54.02 ? 53  ARG A C   1 
ATOM   378  O O   . ARG A 1 53  ? -13.283 8.411   -20.919 1.00 52.77 ? 53  ARG A O   1 
ATOM   379  C CB  . ARG A 1 53  ? -12.483 10.549  -23.165 1.00 57.79 ? 53  ARG A CB  1 
ATOM   380  C CG  . ARG A 1 53  ? -13.597 9.905   -23.968 1.00 61.95 ? 53  ARG A CG  1 
ATOM   381  C CD  . ARG A 1 53  ? -13.197 9.749   -25.407 1.00 66.15 ? 53  ARG A CD  1 
ATOM   382  N NE  . ARG A 1 53  ? -11.908 9.053   -25.562 1.00 69.45 ? 53  ARG A NE  1 
ATOM   383  C CZ  . ARG A 1 53  ? -11.319 9.012   -26.768 1.00 73.06 ? 53  ARG A CZ  1 
ATOM   384  N NH1 . ARG A 1 53  ? -11.912 9.606   -27.810 1.00 72.76 ? 53  ARG A NH1 1 
ATOM   385  N NH2 . ARG A 1 53  ? -10.168 8.384   -26.906 1.00 73.98 ? 53  ARG A NH2 1 
ATOM   386  N N   . HIS A 1 54  ? -11.200 9.207   -20.532 1.00 52.13 ? 54  HIS A N   1 
ATOM   387  C CA  . HIS A 1 54  ? -10.733 7.993   -19.898 1.00 51.26 ? 54  HIS A CA  1 
ATOM   388  C C   . HIS A 1 54  ? -9.954  8.242   -18.617 1.00 51.76 ? 54  HIS A C   1 
ATOM   389  O O   . HIS A 1 54  ? -9.440  9.347   -18.382 1.00 52.79 ? 54  HIS A O   1 
ATOM   390  C CB  . HIS A 1 54  ? -9.868  7.149   -20.856 1.00 49.22 ? 54  HIS A CB  1 
ATOM   391  C CG  . HIS A 1 54  ? -10.520 6.858   -22.172 1.00 47.58 ? 54  HIS A CG  1 
ATOM   392  N ND1 . HIS A 1 54  ? -11.540 5.946   -22.326 1.00 46.65 ? 54  HIS A ND1 1 
ATOM   393  C CD2 . HIS A 1 54  ? -10.353 7.432   -23.386 1.00 48.48 ? 54  HIS A CD2 1 
ATOM   394  C CE1 . HIS A 1 54  ? -11.959 5.967   -23.574 1.00 48.72 ? 54  HIS A CE1 1 
ATOM   395  N NE2 . HIS A 1 54  ? -11.257 6.863   -24.249 1.00 48.24 ? 54  HIS A NE2 1 
ATOM   396  N N   . HIS A 1 55  ? -10.003 7.264   -17.706 1.00 50.24 ? 55  HIS A N   1 
ATOM   397  C CA  . HIS A 1 55  ? -9.327  7.281   -16.429 1.00 48.73 ? 55  HIS A CA  1 
ATOM   398  C C   . HIS A 1 55  ? -8.788  5.888   -16.062 1.00 46.35 ? 55  HIS A C   1 
ATOM   399  O O   . HIS A 1 55  ? -9.273  5.213   -15.161 1.00 46.50 ? 55  HIS A O   1 
ATOM   400  C CB  . HIS A 1 55  ? -10.208 7.819   -15.306 1.00 54.40 ? 55  HIS A CB  1 
ATOM   401  C CG  . HIS A 1 55  ? -10.855 9.146   -15.550 1.00 60.38 ? 55  HIS A CG  1 
ATOM   402  N ND1 . HIS A 1 55  ? -12.014 9.258   -16.308 1.00 63.15 ? 55  HIS A ND1 1 
ATOM   403  C CD2 . HIS A 1 55  ? -10.494 10.415  -15.260 1.00 62.60 ? 55  HIS A CD2 1 
ATOM   404  C CE1 . HIS A 1 55  ? -12.349 10.530  -16.435 1.00 63.17 ? 55  HIS A CE1 1 
ATOM   405  N NE2 . HIS A 1 55  ? -11.448 11.254  -15.807 1.00 63.58 ? 55  HIS A NE2 1 
ATOM   406  N N   . CYS A 1 56  ? -7.756  5.450   -16.747 1.00 44.57 ? 56  CYS A N   1 
ATOM   407  C CA  . CYS A 1 56  ? -7.100  4.163   -16.584 1.00 43.14 ? 56  CYS A CA  1 
ATOM   408  C C   . CYS A 1 56  ? -6.324  4.032   -15.288 1.00 41.81 ? 56  CYS A C   1 
ATOM   409  O O   . CYS A 1 56  ? -5.765  4.989   -14.742 1.00 42.13 ? 56  CYS A O   1 
ATOM   410  C CB  . CYS A 1 56  ? -6.239  3.904   -17.821 1.00 43.83 ? 56  CYS A CB  1 
ATOM   411  S SG  . CYS A 1 56  ? -6.948  4.601   -19.359 1.00 43.60 ? 56  CYS A SG  1 
ATOM   412  N N   . VAL A 1 57  ? -6.320  2.847   -14.678 1.00 39.02 ? 57  VAL A N   1 
ATOM   413  C CA  . VAL A 1 57  ? -5.787  2.619   -13.353 1.00 38.13 ? 57  VAL A CA  1 
ATOM   414  C C   . VAL A 1 57  ? -4.817  1.445   -13.290 1.00 38.33 ? 57  VAL A C   1 
ATOM   415  O O   . VAL A 1 57  ? -5.016  0.495   -14.039 1.00 39.57 ? 57  VAL A O   1 
ATOM   416  C CB  . VAL A 1 57  ? -6.967  2.213   -12.403 1.00 38.66 ? 57  VAL A CB  1 
ATOM   417  C CG1 . VAL A 1 57  ? -6.540  2.127   -10.952 1.00 34.32 ? 57  VAL A CG1 1 
ATOM   418  C CG2 . VAL A 1 57  ? -8.169  3.122   -12.587 1.00 36.77 ? 57  VAL A CG2 1 
ATOM   419  N N   . ALA A 1 58  ? -4.137  1.275   -12.170 1.00 39.23 ? 58  ALA A N   1 
ATOM   420  C CA  . ALA A 1 58  ? -3.208  0.166   -11.940 1.00 39.70 ? 58  ALA A CA  1 
ATOM   421  C C   . ALA A 1 58  ? -2.634  0.312   -10.527 1.00 40.05 ? 58  ALA A C   1 
ATOM   422  O O   . ALA A 1 58  ? -2.510  1.487   -10.113 1.00 40.71 ? 58  ALA A O   1 
ATOM   423  C CB  . ALA A 1 58  ? -2.054  0.262   -12.930 1.00 39.18 ? 58  ALA A CB  1 
ATOM   424  N N   . TRP A 1 59  ? -2.294  -0.768  -9.851  1.00 39.55 ? 59  TRP A N   1 
ATOM   425  C CA  . TRP A 1 59  ? -1.759  -0.642  -8.496  1.00 40.85 ? 59  TRP A CA  1 
ATOM   426  C C   . TRP A 1 59  ? -1.051  -1.915  -8.055  1.00 42.48 ? 59  TRP A C   1 
ATOM   427  O O   . TRP A 1 59  ? -1.138  -2.917  -8.764  1.00 42.29 ? 59  TRP A O   1 
ATOM   428  C CB  . TRP A 1 59  ? -2.853  -0.258  -7.520  1.00 46.26 ? 59  TRP A CB  1 
ATOM   429  C CG  . TRP A 1 59  ? -3.922  -1.270  -7.255  1.00 52.80 ? 59  TRP A CG  1 
ATOM   430  C CD1 . TRP A 1 59  ? -3.815  -2.380  -6.460  1.00 55.20 ? 59  TRP A CD1 1 
ATOM   431  C CD2 . TRP A 1 59  ? -5.274  -1.268  -7.727  1.00 53.76 ? 59  TRP A CD2 1 
ATOM   432  N NE1 . TRP A 1 59  ? -4.996  -3.076  -6.444  1.00 56.66 ? 59  TRP A NE1 1 
ATOM   433  C CE2 . TRP A 1 59  ? -5.907  -2.414  -7.221  1.00 54.72 ? 59  TRP A CE2 1 
ATOM   434  C CE3 . TRP A 1 59  ? -5.999  -0.403  -8.554  1.00 56.15 ? 59  TRP A CE3 1 
ATOM   435  C CZ2 . TRP A 1 59  ? -7.236  -2.732  -7.486  1.00 56.26 ? 59  TRP A CZ2 1 
ATOM   436  C CZ3 . TRP A 1 59  ? -7.319  -0.725  -8.832  1.00 59.95 ? 59  TRP A CZ3 1 
ATOM   437  C CH2 . TRP A 1 59  ? -7.931  -1.865  -8.285  1.00 59.29 ? 59  TRP A CH2 1 
ATOM   438  N N   . VAL A 1 60  ? -0.360  -1.868  -6.966  1.00 44.36 ? 60  VAL A N   1 
ATOM   439  C CA  . VAL A 1 60  ? 0.346   -2.991  -6.282  1.00 48.85 ? 60  VAL A CA  1 
ATOM   440  C C   . VAL A 1 60  ? 0.085   -2.665  -4.829  1.00 52.15 ? 60  VAL A C   1 
ATOM   441  O O   . VAL A 1 60  ? 0.183   -1.437  -4.562  1.00 51.78 ? 60  VAL A O   1 
ATOM   442  C CB  . VAL A 1 60  ? 1.841   -2.784  -6.625  1.00 44.82 ? 60  VAL A CB  1 
ATOM   443  C CG1 . VAL A 1 60  ? 2.669   -2.405  -5.408  1.00 46.86 ? 60  VAL A CG1 1 
ATOM   444  C CG2 . VAL A 1 60  ? 2.516   -3.906  -7.345  1.00 42.95 ? 60  VAL A CG2 1 
ATOM   445  N N   . ALA A 1 61  ? -0.245  -3.570  -3.952  1.00 54.29 ? 61  ALA A N   1 
ATOM   446  C CA  . ALA A 1 61  ? -0.468  -3.013  -2.550  1.00 58.08 ? 61  ALA A CA  1 
ATOM   447  C C   . ALA A 1 61  ? 0.698   -3.464  -1.680  1.00 59.64 ? 61  ALA A C   1 
ATOM   448  O O   . ALA A 1 61  ? 0.646   -3.682  -0.504  1.00 58.47 ? 61  ALA A O   1 
ATOM   449  C CB  . ALA A 1 61  ? -1.801  -3.217  -2.029  1.00 57.60 ? 61  ALA A CB  1 
ATOM   450  N N   . GLY A 1 62  ? 1.796   -3.479  -2.423  1.00 61.98 ? 62  GLY A N   1 
ATOM   451  C CA  . GLY A 1 62  ? 3.082   -3.803  -2.065  1.00 63.94 ? 62  GLY A CA  1 
ATOM   452  C C   . GLY A 1 62  ? 3.240   -4.713  -0.869  1.00 63.86 ? 62  GLY A C   1 
ATOM   453  O O   . GLY A 1 62  ? 2.889   -4.506  0.238   1.00 63.23 ? 62  GLY A O   1 
ATOM   454  N N   . ALA A 1 63  ? 3.975   -5.761  -1.202  1.00 65.76 ? 63  ALA A N   1 
ATOM   455  C CA  . ALA A 1 63  ? 4.515   -6.751  -0.354  1.00 68.90 ? 63  ALA A CA  1 
ATOM   456  C C   . ALA A 1 63  ? 6.031   -6.887  -0.613  1.00 70.04 ? 63  ALA A C   1 
ATOM   457  O O   . ALA A 1 63  ? 6.664   -7.620  0.142   1.00 71.96 ? 63  ALA A O   1 
ATOM   458  C CB  . ALA A 1 63  ? 3.899   -8.095  -0.455  1.00 73.00 ? 63  ALA A CB  1 
ATOM   459  N N   . PRO A 1 64  ? 6.536   -6.241  -1.639  1.00 71.26 ? 64  PRO A N   1 
ATOM   460  C CA  . PRO A 1 64  ? 5.822   -5.402  -2.575  1.00 71.63 ? 64  PRO A CA  1 
ATOM   461  C C   . PRO A 1 64  ? 5.269   -6.179  -3.765  1.00 72.07 ? 64  PRO A C   1 
ATOM   462  O O   . PRO A 1 64  ? 4.108   -6.572  -3.842  1.00 72.27 ? 64  PRO A O   1 
ATOM   463  C CB  . PRO A 1 64  ? 6.836   -4.376  -3.030  1.00 71.55 ? 64  PRO A CB  1 
ATOM   464  C CG  . PRO A 1 64  ? 8.151   -5.044  -2.900  1.00 71.05 ? 64  PRO A CG  1 
ATOM   465  C CD  . PRO A 1 64  ? 7.985   -6.245  -2.013  1.00 71.21 ? 64  PRO A CD  1 
ATOM   466  N N   . ASP A 1 65  ? 6.214   -6.582  -4.590  1.00 72.25 ? 65  ASP A N   1 
ATOM   467  C CA  . ASP A 1 65  ? 6.000   -7.394  -5.755  1.00 73.37 ? 65  ASP A CA  1 
ATOM   468  C C   . ASP A 1 65  ? 5.947   -8.869  -5.348  1.00 73.90 ? 65  ASP A C   1 
ATOM   469  O O   . ASP A 1 65  ? 5.901   -9.744  -6.212  1.00 74.25 ? 65  ASP A O   1 
ATOM   470  C CB  . ASP A 1 65  ? 7.135   -7.176  -6.758  1.00 76.19 ? 65  ASP A CB  1 
ATOM   471  C CG  . ASP A 1 65  ? 6.844   -6.069  -7.751  1.00 76.09 ? 65  ASP A CG  1 
ATOM   472  O OD1 . ASP A 1 65  ? 6.222   -5.055  -7.383  1.00 76.09 ? 65  ASP A OD1 1 
ATOM   473  O OD2 . ASP A 1 65  ? 7.255   -6.238  -8.921  1.00 76.54 ? 65  ASP A OD2 1 
ATOM   474  N N   . ASP A 1 66  ? 6.064   -9.104  -4.044  1.00 73.44 ? 66  ASP A N   1 
ATOM   475  C CA  . ASP A 1 66  ? 5.973   -10.452 -3.516  1.00 73.86 ? 66  ASP A CA  1 
ATOM   476  C C   . ASP A 1 66  ? 4.493   -10.757 -3.293  1.00 73.38 ? 66  ASP A C   1 
ATOM   477  O O   . ASP A 1 66  ? 3.995   -11.778 -3.746  1.00 73.66 ? 66  ASP A O   1 
ATOM   478  C CB  . ASP A 1 66  ? 6.772   -10.638 -2.241  1.00 76.41 ? 66  ASP A CB  1 
ATOM   479  C CG  . ASP A 1 66  ? 8.190   -11.127 -2.509  1.00 77.59 ? 66  ASP A CG  1 
ATOM   480  O OD1 . ASP A 1 66  ? 8.376   -12.311 -2.861  1.00 78.19 ? 66  ASP A OD1 1 
ATOM   481  O OD2 . ASP A 1 66  ? 9.122   -10.315 -2.363  1.00 78.16 ? 66  ASP A OD2 1 
ATOM   482  N N   . SER A 1 67  ? 3.795   -9.808  -2.655  1.00 72.56 ? 67  SER A N   1 
ATOM   483  C CA  . SER A 1 67  ? 2.359   -10.038 -2.491  1.00 72.00 ? 67  SER A CA  1 
ATOM   484  C C   . SER A 1 67  ? 1.649   -9.305  -3.635  1.00 70.28 ? 67  SER A C   1 
ATOM   485  O O   . SER A 1 67  ? 1.923   -8.172  -3.949  1.00 69.93 ? 67  SER A O   1 
ATOM   486  C CB  . SER A 1 67  ? 1.707   -9.829  -1.170  1.00 71.59 ? 67  SER A CB  1 
ATOM   487  O OG  . SER A 1 67  ? 0.409   -9.281  -1.218  1.00 69.80 ? 67  SER A OG  1 
ATOM   488  N N   . GLN A 1 68  ? 0.886   -10.134 -4.328  1.00 69.79 ? 68  GLN A N   1 
ATOM   489  C CA  . GLN A 1 68  ? 0.143   -9.732  -5.482  1.00 69.26 ? 68  GLN A CA  1 
ATOM   490  C C   . GLN A 1 68  ? -1.276  -9.266  -5.142  1.00 67.73 ? 68  GLN A C   1 
ATOM   491  O O   . GLN A 1 68  ? -2.264  -9.968  -5.263  1.00 67.09 ? 68  GLN A O   1 
ATOM   492  C CB  . GLN A 1 68  ? 0.082   -10.790 -6.575  1.00 70.45 ? 68  GLN A CB  1 
ATOM   493  C CG  . GLN A 1 68  ? -0.252  -12.180 -6.074  1.00 73.25 ? 68  GLN A CG  1 
ATOM   494  C CD  . GLN A 1 68  ? 0.948   -12.833 -5.398  1.00 74.67 ? 68  GLN A CD  1 
ATOM   495  O OE1 . GLN A 1 68  ? 1.942   -13.119 -6.057  1.00 74.11 ? 68  GLN A OE1 1 
ATOM   496  N NE2 . GLN A 1 68  ? 0.818   -13.024 -4.092  1.00 76.27 ? 68  GLN A NE2 1 
ATOM   497  N N   . GLN A 1 69  ? -1.294  -7.989  -4.756  1.00 65.27 ? 69  GLN A N   1 
ATOM   498  C CA  . GLN A 1 69  ? -2.527  -7.231  -4.604  1.00 62.28 ? 69  GLN A CA  1 
ATOM   499  C C   . GLN A 1 69  ? -2.521  -6.205  -5.773  1.00 59.75 ? 69  GLN A C   1 
ATOM   500  O O   . GLN A 1 69  ? -2.846  -5.039  -5.676  1.00 59.01 ? 69  GLN A O   1 
ATOM   501  C CB  . GLN A 1 69  ? -2.693  -6.586  -3.261  1.00 62.70 ? 69  GLN A CB  1 
ATOM   502  C CG  . GLN A 1 69  ? -2.967  -7.511  -2.080  1.00 64.81 ? 69  GLN A CG  1 
ATOM   503  C CD  . GLN A 1 69  ? -2.561  -6.879  -0.756  1.00 65.83 ? 69  GLN A CD  1 
ATOM   504  O OE1 . GLN A 1 69  ? -3.189  -5.926  -0.271  1.00 62.20 ? 69  GLN A OE1 1 
ATOM   505  N NE2 . GLN A 1 69  ? -1.465  -7.392  -0.187  1.00 65.24 ? 69  GLN A NE2 1 
ATOM   506  N N   . LEU A 1 70  ? -2.106  -6.724  -6.916  1.00 56.21 ? 70  LEU A N   1 
ATOM   507  C CA  . LEU A 1 70  ? -1.992  -6.087  -8.192  1.00 52.36 ? 70  LEU A CA  1 
ATOM   508  C C   . LEU A 1 70  ? -3.354  -5.886  -8.849  1.00 49.91 ? 70  LEU A C   1 
ATOM   509  O O   . LEU A 1 70  ? -4.221  -6.724  -8.642  1.00 50.09 ? 70  LEU A O   1 
ATOM   510  C CB  . LEU A 1 70  ? -1.150  -6.993  -9.127  1.00 50.79 ? 70  LEU A CB  1 
ATOM   511  C CG  . LEU A 1 70  ? 0.021   -7.702  -8.460  1.00 51.55 ? 70  LEU A CG  1 
ATOM   512  C CD1 . LEU A 1 70  ? 0.819   -8.514  -9.469  1.00 52.63 ? 70  LEU A CD1 1 
ATOM   513  C CD2 . LEU A 1 70  ? 0.928   -6.722  -7.732  1.00 51.65 ? 70  LEU A CD2 1 
ATOM   514  N N   . GLY A 1 71  ? -3.540  -4.819  -9.612  1.00 48.34 ? 71  GLY A N   1 
ATOM   515  C CA  . GLY A 1 71  ? -4.834  -4.573  -10.252 1.00 47.23 ? 71  GLY A CA  1 
ATOM   516  C C   . GLY A 1 71  ? -4.670  -3.597  -11.407 1.00 46.81 ? 71  GLY A C   1 
ATOM   517  O O   . GLY A 1 71  ? -3.591  -3.012  -11.519 1.00 47.27 ? 71  GLY A O   1 
ATOM   518  N N   . PHE A 1 72  ? -5.661  -3.495  -12.286 1.00 45.91 ? 72  PHE A N   1 
ATOM   519  C CA  . PHE A 1 72  ? -5.596  -2.547  -13.400 1.00 45.13 ? 72  PHE A CA  1 
ATOM   520  C C   . PHE A 1 72  ? -6.941  -2.350  -14.082 1.00 45.51 ? 72  PHE A C   1 
ATOM   521  O O   . PHE A 1 72  ? -7.936  -2.977  -13.715 1.00 45.38 ? 72  PHE A O   1 
ATOM   522  C CB  . PHE A 1 72  ? -4.533  -2.967  -14.411 1.00 42.57 ? 72  PHE A CB  1 
ATOM   523  C CG  . PHE A 1 72  ? -4.756  -4.331  -14.992 1.00 40.38 ? 72  PHE A CG  1 
ATOM   524  C CD1 . PHE A 1 72  ? -4.278  -5.457  -14.350 1.00 39.54 ? 72  PHE A CD1 1 
ATOM   525  C CD2 . PHE A 1 72  ? -5.500  -4.482  -16.155 1.00 38.50 ? 72  PHE A CD2 1 
ATOM   526  C CE1 . PHE A 1 72  ? -4.516  -6.722  -14.853 1.00 38.18 ? 72  PHE A CE1 1 
ATOM   527  C CE2 . PHE A 1 72  ? -5.712  -5.740  -16.682 1.00 36.08 ? 72  PHE A CE2 1 
ATOM   528  C CZ  . PHE A 1 72  ? -5.243  -6.847  -16.024 1.00 36.85 ? 72  PHE A CZ  1 
ATOM   529  N N   . SER A 1 73  ? -7.027  -1.435  -15.052 1.00 45.64 ? 73  SER A N   1 
ATOM   530  C CA  . SER A 1 73  ? -8.272  -1.223  -15.776 1.00 46.48 ? 73  SER A CA  1 
ATOM   531  C C   . SER A 1 73  ? -8.113  -0.305  -16.970 1.00 46.37 ? 73  SER A C   1 
ATOM   532  O O   . SER A 1 73  ? -7.485  0.753   -16.861 1.00 45.94 ? 73  SER A O   1 
ATOM   533  C CB  . SER A 1 73  ? -9.381  -0.714  -14.859 1.00 49.44 ? 73  SER A CB  1 
ATOM   534  O OG  . SER A 1 73  ? -10.565 -0.416  -15.623 1.00 49.80 ? 73  SER A OG  1 
ATOM   535  N N   . ASP A 1 74  ? -8.771  -0.636  -18.087 1.00 47.04 ? 74  ASP A N   1 
ATOM   536  C CA  . ASP A 1 74  ? -8.650  0.203   -19.268 1.00 49.79 ? 74  ASP A CA  1 
ATOM   537  C C   . ASP A 1 74  ? -9.668  1.337   -19.311 1.00 50.93 ? 74  ASP A C   1 
ATOM   538  O O   . ASP A 1 74  ? -9.418  2.328   -19.996 1.00 51.82 ? 74  ASP A O   1 
ATOM   539  C CB  . ASP A 1 74  ? -8.771  -0.549  -20.570 1.00 52.10 ? 74  ASP A CB  1 
ATOM   540  C CG  . ASP A 1 74  ? -7.726  -1.561  -20.905 1.00 57.13 ? 74  ASP A CG  1 
ATOM   541  O OD1 . ASP A 1 74  ? -6.599  -1.647  -20.364 1.00 54.38 ? 74  ASP A OD1 1 
ATOM   542  O OD2 . ASP A 1 74  ? -8.024  -2.391  -21.821 1.00 60.74 ? 74  ASP A OD2 1 
ATOM   543  N N   . ASP A 1 75  ? -10.841 1.119   -18.745 1.00 52.92 ? 75  ASP A N   1 
ATOM   544  C CA  . ASP A 1 75  ? -11.898 2.132   -18.782 1.00 54.59 ? 75  ASP A CA  1 
ATOM   545  C C   . ASP A 1 75  ? -12.112 2.623   -20.206 1.00 54.24 ? 75  ASP A C   1 
ATOM   546  O O   . ASP A 1 75  ? -11.849 3.782   -20.549 1.00 53.64 ? 75  ASP A O   1 
ATOM   547  C CB  . ASP A 1 75  ? -11.618 3.232   -17.783 1.00 60.32 ? 75  ASP A CB  1 
ATOM   548  C CG  . ASP A 1 75  ? -12.454 4.477   -17.899 1.00 64.67 ? 75  ASP A CG  1 
ATOM   549  O OD1 . ASP A 1 75  ? -13.669 4.417   -17.608 1.00 71.04 ? 75  ASP A OD1 1 
ATOM   550  O OD2 . ASP A 1 75  ? -11.884 5.507   -18.319 1.00 65.57 ? 75  ASP A OD2 1 
ATOM   551  N N   . GLY A 1 76  ? -12.491 1.670   -21.082 1.00 52.90 ? 76  GLY A N   1 
ATOM   552  C CA  . GLY A 1 76  ? -12.824 2.031   -22.440 1.00 52.08 ? 76  GLY A CA  1 
ATOM   553  C C   . GLY A 1 76  ? -11.712 2.092   -23.440 1.00 50.87 ? 76  GLY A C   1 
ATOM   554  O O   . GLY A 1 76  ? -12.016 2.166   -24.654 1.00 52.35 ? 76  GLY A O   1 
ATOM   555  N N   . GLU A 1 77  ? -10.449 2.102   -23.011 1.00 48.69 ? 77  GLU A N   1 
ATOM   556  C CA  . GLU A 1 77  ? -9.340  2.078   -23.993 1.00 45.11 ? 77  GLU A CA  1 
ATOM   557  C C   . GLU A 1 77  ? -9.164  0.618   -24.424 1.00 43.34 ? 77  GLU A C   1 
ATOM   558  O O   . GLU A 1 77  ? -9.466  -0.311  -23.653 1.00 42.76 ? 77  GLU A O   1 
ATOM   559  C CB  . GLU A 1 77  ? -8.092  2.685   -23.426 1.00 44.17 ? 77  GLU A CB  1 
ATOM   560  C CG  . GLU A 1 77  ? -7.940  4.170   -23.297 1.00 40.13 ? 77  GLU A CG  1 
ATOM   561  C CD  . GLU A 1 77  ? -7.998  4.973   -24.571 1.00 39.62 ? 77  GLU A CD  1 
ATOM   562  O OE1 . GLU A 1 77  ? -7.421  6.080   -24.625 1.00 36.03 ? 77  GLU A OE1 1 
ATOM   563  O OE2 . GLU A 1 77  ? -8.672  4.513   -25.528 1.00 42.00 ? 77  GLU A OE2 1 
ATOM   564  N N   . PRO A 1 78  ? -8.738  0.376   -25.645 1.00 41.59 ? 78  PRO A N   1 
ATOM   565  C CA  . PRO A 1 78  ? -8.586  -0.965  -26.177 1.00 40.09 ? 78  PRO A CA  1 
ATOM   566  C C   . PRO A 1 78  ? -7.893  -1.916  -25.243 1.00 38.42 ? 78  PRO A C   1 
ATOM   567  O O   . PRO A 1 78  ? -6.762  -1.677  -24.815 1.00 40.01 ? 78  PRO A O   1 
ATOM   568  C CB  . PRO A 1 78  ? -7.857  -0.783  -27.477 1.00 41.42 ? 78  PRO A CB  1 
ATOM   569  C CG  . PRO A 1 78  ? -7.526  0.652   -27.623 1.00 41.88 ? 78  PRO A CG  1 
ATOM   570  C CD  . PRO A 1 78  ? -8.370  1.414   -26.643 1.00 42.05 ? 78  PRO A CD  1 
ATOM   571  N N   . ALA A 1 79  ? -8.462  -3.066  -24.981 1.00 37.56 ? 79  ALA A N   1 
ATOM   572  C CA  . ALA A 1 79  ? -7.934  -4.066  -24.078 1.00 37.45 ? 79  ALA A CA  1 
ATOM   573  C C   . ALA A 1 79  ? -6.420  -4.216  -24.122 1.00 37.07 ? 79  ALA A C   1 
ATOM   574  O O   . ALA A 1 79  ? -5.830  -4.209  -25.206 1.00 37.64 ? 79  ALA A O   1 
ATOM   575  C CB  . ALA A 1 79  ? -8.602  -5.412  -24.337 1.00 36.98 ? 79  ALA A CB  1 
ATOM   576  N N   . GLY A 1 80  ? -5.794  -4.352  -22.964 1.00 35.66 ? 80  GLY A N   1 
ATOM   577  C CA  . GLY A 1 80  ? -4.399  -4.530  -22.729 1.00 35.11 ? 80  GLY A CA  1 
ATOM   578  C C   . GLY A 1 80  ? -3.496  -3.393  -23.193 1.00 36.18 ? 80  GLY A C   1 
ATOM   579  O O   . GLY A 1 80  ? -2.263  -3.571  -23.291 1.00 35.35 ? 80  GLY A O   1 
ATOM   580  N N   . THR A 1 81  ? -4.063  -2.210  -23.413 1.00 35.78 ? 81  THR A N   1 
ATOM   581  C CA  . THR A 1 81  ? -3.329  -1.070  -23.938 1.00 36.41 ? 81  THR A CA  1 
ATOM   582  C C   . THR A 1 81  ? -3.240  0.095   -22.990 1.00 38.19 ? 81  THR A C   1 
ATOM   583  O O   . THR A 1 81  ? -2.478  1.040   -23.243 1.00 37.15 ? 81  THR A O   1 
ATOM   584  C CB  . THR A 1 81  ? -3.931  -0.673  -25.308 1.00 32.33 ? 81  THR A CB  1 
ATOM   585  O OG1 . THR A 1 81  ? -2.891  -0.474  -26.274 1.00 34.02 ? 81  THR A OG1 1 
ATOM   586  C CG2 . THR A 1 81  ? -4.796  0.556   -25.221 1.00 28.31 ? 81  THR A CG2 1 
ATOM   587  N N   . ALA A 1 82  ? -4.065  0.137   -21.952 1.00 41.69 ? 82  ALA A N   1 
ATOM   588  C CA  . ALA A 1 82  ? -3.987  1.220   -20.964 1.00 44.87 ? 82  ALA A CA  1 
ATOM   589  C C   . ALA A 1 82  ? -3.877  0.598   -19.585 1.00 45.62 ? 82  ALA A C   1 
ATOM   590  O O   . ALA A 1 82  ? -3.729  1.324   -18.608 1.00 51.59 ? 82  ALA A O   1 
ATOM   591  C CB  . ALA A 1 82  ? -5.180  2.177   -21.025 1.00 42.00 ? 82  ALA A CB  1 
ATOM   592  N N   . GLY A 1 83  ? -3.925  -0.719  -19.413 1.00 44.50 ? 83  GLY A N   1 
ATOM   593  C CA  . GLY A 1 83  ? -3.920  -1.190  -18.013 1.00 40.73 ? 83  GLY A CA  1 
ATOM   594  C C   . GLY A 1 83  ? -2.653  -1.888  -17.638 1.00 39.94 ? 83  GLY A C   1 
ATOM   595  O O   . GLY A 1 83  ? -1.989  -1.561  -16.660 1.00 38.13 ? 83  GLY A O   1 
ATOM   596  N N   . LYS A 1 84  ? -2.352  -2.984  -18.370 1.00 39.25 ? 84  LYS A N   1 
ATOM   597  C CA  . LYS A 1 84  ? -1.159  -3.764  -18.043 1.00 36.53 ? 84  LYS A CA  1 
ATOM   598  C C   . LYS A 1 84  ? 0.106   -2.954  -18.187 1.00 34.16 ? 84  LYS A C   1 
ATOM   599  O O   . LYS A 1 84  ? 0.897   -2.916  -17.240 1.00 33.83 ? 84  LYS A O   1 
ATOM   600  C CB  . LYS A 1 84  ? -1.151  -5.071  -18.800 1.00 39.22 ? 84  LYS A CB  1 
ATOM   601  C CG  . LYS A 1 84  ? -1.733  -6.281  -18.099 1.00 32.64 ? 84  LYS A CG  1 
ATOM   602  N N   . PRO A 1 85  ? 0.320   -2.252  -19.289 1.00 32.96 ? 85  PRO A N   1 
ATOM   603  C CA  . PRO A 1 85  ? 1.495   -1.417  -19.470 1.00 32.56 ? 85  PRO A CA  1 
ATOM   604  C C   . PRO A 1 85  ? 1.829   -0.622  -18.223 1.00 33.07 ? 85  PRO A C   1 
ATOM   605  O O   . PRO A 1 85  ? 2.947   -0.776  -17.717 1.00 32.94 ? 85  PRO A O   1 
ATOM   606  C CB  . PRO A 1 85  ? 1.132   -0.515  -20.622 1.00 31.08 ? 85  PRO A CB  1 
ATOM   607  C CG  . PRO A 1 85  ? 0.165   -1.282  -21.416 1.00 31.97 ? 85  PRO A CG  1 
ATOM   608  C CD  . PRO A 1 85  ? -0.557  -2.200  -20.465 1.00 33.01 ? 85  PRO A CD  1 
ATOM   609  N N   . MET A 1 86  ? 0.856   0.098   -17.647 1.00 33.16 ? 86  MET A N   1 
ATOM   610  C CA  . MET A 1 86  ? 1.134   0.882   -16.437 1.00 31.17 ? 86  MET A CA  1 
ATOM   611  C C   . MET A 1 86  ? 1.394   -0.001  -15.238 1.00 31.01 ? 86  MET A C   1 
ATOM   612  O O   . MET A 1 86  ? 2.230   0.326   -14.386 1.00 30.39 ? 86  MET A O   1 
ATOM   613  C CB  . MET A 1 86  ? 0.163   1.959   -16.195 1.00 27.98 ? 86  MET A CB  1 
ATOM   614  C CG  . MET A 1 86  ? -1.276  1.748   -15.920 1.00 29.40 ? 86  MET A CG  1 
ATOM   615  S SD  . MET A 1 86  ? -2.234  3.262   -15.785 1.00 29.44 ? 86  MET A SD  1 
ATOM   616  C CE  . MET A 1 86  ? -2.731  3.596   -17.432 1.00 23.23 ? 86  MET A CE  1 
ATOM   617  N N   . LEU A 1 87  ? 0.802   -1.185  -15.180 1.00 30.52 ? 87  LEU A N   1 
ATOM   618  C CA  . LEU A 1 87  ? 1.119   -2.078  -14.037 1.00 30.95 ? 87  LEU A CA  1 
ATOM   619  C C   . LEU A 1 87  ? 2.563   -2.525  -14.081 1.00 31.13 ? 87  LEU A C   1 
ATOM   620  O O   . LEU A 1 87  ? 3.304   -2.496  -13.064 1.00 32.72 ? 87  LEU A O   1 
ATOM   621  C CB  . LEU A 1 87  ? 0.137   -3.216  -14.050 1.00 33.23 ? 87  LEU A CB  1 
ATOM   622  C CG  . LEU A 1 87  ? 0.103   -4.358  -13.076 1.00 30.51 ? 87  LEU A CG  1 
ATOM   623  C CD1 . LEU A 1 87  ? 1.128   -5.423  -13.437 1.00 32.60 ? 87  LEU A CD1 1 
ATOM   624  C CD2 . LEU A 1 87  ? 0.279   -3.866  -11.638 1.00 29.57 ? 87  LEU A CD2 1 
ATOM   625  N N   . ALA A 1 88  ? 3.093   -2.871  -15.255 1.00 29.71 ? 88  ALA A N   1 
ATOM   626  C CA  . ALA A 1 88  ? 4.456   -3.379  -15.370 1.00 27.86 ? 88  ALA A CA  1 
ATOM   627  C C   . ALA A 1 88  ? 5.527   -2.396  -14.943 1.00 28.07 ? 88  ALA A C   1 
ATOM   628  O O   . ALA A 1 88  ? 6.618   -2.812  -14.540 1.00 27.79 ? 88  ALA A O   1 
ATOM   629  C CB  . ALA A 1 88  ? 4.679   -3.945  -16.739 1.00 24.01 ? 88  ALA A CB  1 
ATOM   630  N N   . GLN A 1 89  ? 5.269   -1.106  -15.110 1.00 28.00 ? 89  GLN A N   1 
ATOM   631  C CA  . GLN A 1 89  ? 6.102   -0.044  -14.572 1.00 28.74 ? 89  GLN A CA  1 
ATOM   632  C C   . GLN A 1 89  ? 6.096   -0.145  -13.039 1.00 29.84 ? 89  GLN A C   1 
ATOM   633  O O   . GLN A 1 89  ? 7.116   -0.375  -12.374 1.00 28.78 ? 89  GLN A O   1 
ATOM   634  C CB  . GLN A 1 89  ? 5.619   1.313   -15.056 1.00 24.75 ? 89  GLN A CB  1 
ATOM   635  C CG  . GLN A 1 89  ? 5.650   1.576   -16.546 1.00 23.82 ? 89  GLN A CG  1 
ATOM   636  C CD  . GLN A 1 89  ? 7.016   1.480   -17.167 1.00 24.77 ? 89  GLN A CD  1 
ATOM   637  O OE1 . GLN A 1 89  ? 7.982   2.121   -16.761 1.00 26.31 ? 89  GLN A OE1 1 
ATOM   638  N NE2 . GLN A 1 89  ? 7.193   0.588   -18.137 1.00 29.52 ? 89  GLN A NE2 1 
ATOM   639  N N   . LEU A 1 90  ? 4.898   -0.222  -12.436 1.00 29.46 ? 90  LEU A N   1 
ATOM   640  C CA  . LEU A 1 90  ? 4.884   -0.320  -10.966 1.00 30.64 ? 90  LEU A CA  1 
ATOM   641  C C   . LEU A 1 90  ? 5.606   -1.566  -10.548 1.00 31.43 ? 90  LEU A C   1 
ATOM   642  O O   . LEU A 1 90  ? 6.532   -1.608  -9.724  1.00 32.05 ? 90  LEU A O   1 
ATOM   643  C CB  . LEU A 1 90  ? 3.468   -0.183  -10.448 1.00 32.13 ? 90  LEU A CB  1 
ATOM   644  C CG  . LEU A 1 90  ? 2.635   0.953   -11.077 1.00 32.21 ? 90  LEU A CG  1 
ATOM   645  C CD1 . LEU A 1 90  ? 1.157   0.764   -10.804 1.00 32.20 ? 90  LEU A CD1 1 
ATOM   646  C CD2 . LEU A 1 90  ? 3.052   2.320   -10.565 1.00 30.83 ? 90  LEU A CD2 1 
ATOM   647  N N   . MET A 1 91  ? 5.410   -2.646  -11.328 1.00 31.58 ? 91  MET A N   1 
ATOM   648  C CA  . MET A 1 91  ? 6.201   -3.853  -10.954 1.00 28.78 ? 91  MET A CA  1 
ATOM   649  C C   . MET A 1 91  ? 7.661   -3.592  -11.183 1.00 25.70 ? 91  MET A C   1 
ATOM   650  O O   . MET A 1 91  ? 8.483   -4.030  -10.412 1.00 24.42 ? 91  MET A O   1 
ATOM   651  C CB  . MET A 1 91  ? 5.655   -5.059  -11.707 1.00 32.32 ? 91  MET A CB  1 
ATOM   652  C CG  . MET A 1 91  ? 4.218   -5.370  -11.254 1.00 34.80 ? 91  MET A CG  1 
ATOM   653  S SD  . MET A 1 91  ? 3.699   -7.023  -11.685 1.00 39.46 ? 91  MET A SD  1 
ATOM   654  C CE  . MET A 1 91  ? 4.783   -8.035  -10.713 1.00 31.23 ? 91  MET A CE  1 
ATOM   655  N N   . GLY A 1 92  ? 8.008   -2.871  -12.252 1.00 26.35 ? 92  GLY A N   1 
ATOM   656  C CA  . GLY A 1 92  ? 9.383   -2.541  -12.575 1.00 25.44 ? 92  GLY A CA  1 
ATOM   657  C C   . GLY A 1 92  ? 10.043  -1.706  -11.475 1.00 25.49 ? 92  GLY A C   1 
ATOM   658  O O   . GLY A 1 92  ? 11.176  -1.966  -11.101 1.00 23.24 ? 92  GLY A O   1 
ATOM   659  N N   . SER A 1 93  ? 9.327   -0.740  -10.901 1.00 25.02 ? 93  SER A N   1 
ATOM   660  C CA  . SER A 1 93  ? 9.899   0.126   -9.908  1.00 28.41 ? 93  SER A CA  1 
ATOM   661  C C   . SER A 1 93  ? 10.393  -0.546  -8.642  1.00 29.91 ? 93  SER A C   1 
ATOM   662  O O   . SER A 1 93  ? 11.439  -0.129  -8.091  1.00 27.31 ? 93  SER A O   1 
ATOM   663  C CB  . SER A 1 93  ? 8.961   1.265   -9.543  1.00 30.48 ? 93  SER A CB  1 
ATOM   664  O OG  . SER A 1 93  ? 7.634   0.822   -9.524  1.00 36.64 ? 93  SER A OG  1 
ATOM   665  N N   . GLY A 1 94  ? 9.620   -1.491  -8.130  1.00 31.59 ? 94  GLY A N   1 
ATOM   666  C CA  . GLY A 1 94  ? 10.031  -2.208  -6.911  1.00 33.92 ? 94  GLY A CA  1 
ATOM   667  C C   . GLY A 1 94  ? 9.645   -1.344  -5.694  1.00 35.90 ? 94  GLY A C   1 
ATOM   668  O O   . GLY A 1 94  ? 10.463  -1.018  -4.836  1.00 35.53 ? 94  GLY A O   1 
ATOM   669  N N   . VAL A 1 95  ? 8.481   -0.743  -5.825  1.00 36.71 ? 95  VAL A N   1 
ATOM   670  C CA  . VAL A 1 95  ? 7.898   0.127   -4.819  1.00 37.33 ? 95  VAL A CA  1 
ATOM   671  C C   . VAL A 1 95  ? 6.529   -0.461  -4.449  1.00 38.70 ? 95  VAL A C   1 
ATOM   672  O O   . VAL A 1 95  ? 5.647   -0.588  -5.307  1.00 37.82 ? 95  VAL A O   1 
ATOM   673  C CB  . VAL A 1 95  ? 7.740   1.565   -5.331  1.00 32.97 ? 95  VAL A CB  1 
ATOM   674  C CG1 . VAL A 1 95  ? 6.900   2.426   -4.417  1.00 28.89 ? 95  VAL A CG1 1 
ATOM   675  C CG2 . VAL A 1 95  ? 9.105   2.178   -5.592  1.00 31.62 ? 95  VAL A CG2 1 
ATOM   676  N N   . GLY A 1 96  ? 6.395   -0.800  -3.170  1.00 38.52 ? 96  GLY A N   1 
ATOM   677  C CA  . GLY A 1 96  ? 5.145   -1.369  -2.691  1.00 39.01 ? 96  GLY A CA  1 
ATOM   678  C C   . GLY A 1 96  ? 4.093   -0.323  -2.404  1.00 39.16 ? 96  GLY A C   1 
ATOM   679  O O   . GLY A 1 96  ? 4.352   0.880   -2.370  1.00 39.08 ? 96  GLY A O   1 
ATOM   680  N N   . GLU A 1 97  ? 2.813   -0.745  -2.342  1.00 37.78 ? 97  GLU A N   1 
ATOM   681  C CA  . GLU A 1 97  ? 1.788   0.158   -1.855  1.00 37.23 ? 97  GLU A CA  1 
ATOM   682  C C   . GLU A 1 97  ? 1.617   1.423   -2.658  1.00 37.75 ? 97  GLU A C   1 
ATOM   683  O O   . GLU A 1 97  ? 1.478   2.524   -2.097  1.00 38.16 ? 97  GLU A O   1 
ATOM   684  C CB  . GLU A 1 97  ? 2.132   0.571   -0.405  1.00 35.90 ? 97  GLU A CB  1 
ATOM   685  C CG  . GLU A 1 97  ? 2.335   -0.549  0.581   1.00 31.89 ? 97  GLU A CG  1 
ATOM   686  C CD  . GLU A 1 97  ? 2.554   -0.093  2.005   1.00 30.84 ? 97  GLU A CD  1 
ATOM   687  O OE1 . GLU A 1 97  ? 2.978   -0.945  2.812   1.00 26.19 ? 97  GLU A OE1 1 
ATOM   688  O OE2 . GLU A 1 97  ? 2.338   1.109   2.299   1.00 33.94 ? 97  GLU A OE2 1 
ATOM   689  N N   . ILE A 1 98  ? 1.427   1.301   -3.966  1.00 38.35 ? 98  ILE A N   1 
ATOM   690  C CA  . ILE A 1 98  ? 1.239   2.497   -4.800  1.00 35.95 ? 98  ILE A CA  1 
ATOM   691  C C   . ILE A 1 98  ? 0.188   2.225   -5.865  1.00 36.78 ? 98  ILE A C   1 
ATOM   692  O O   . ILE A 1 98  ? 0.130   1.115   -6.380  1.00 38.12 ? 98  ILE A O   1 
ATOM   693  C CB  . ILE A 1 98  ? 2.575   2.898   -5.447  1.00 27.52 ? 98  ILE A CB  1 
ATOM   694  C CG1 . ILE A 1 98  ? 2.432   4.016   -6.458  1.00 27.57 ? 98  ILE A CG1 1 
ATOM   695  C CG2 . ILE A 1 98  ? 3.223   1.681   -6.057  1.00 25.01 ? 98  ILE A CG2 1 
ATOM   696  C CD1 . ILE A 1 98  ? 3.737   4.623   -6.936  1.00 29.24 ? 98  ILE A CD1 1 
ATOM   697  N N   . THR A 1 99  ? -0.472  3.267   -6.320  1.00 36.85 ? 99  THR A N   1 
ATOM   698  C CA  . THR A 1 99  ? -1.528  3.167   -7.307  1.00 38.14 ? 99  THR A CA  1 
ATOM   699  C C   . THR A 1 99  ? -1.336  4.258   -8.340  1.00 38.69 ? 99  THR A C   1 
ATOM   700  O O   . THR A 1 99  ? -0.767  5.292   -7.979  1.00 38.26 ? 99  THR A O   1 
ATOM   701  C CB  . THR A 1 99  ? -2.878  3.330   -6.565  1.00 40.11 ? 99  THR A CB  1 
ATOM   702  O OG1 . THR A 1 99  ? -3.171  2.109   -5.864  1.00 39.01 ? 99  THR A OG1 1 
ATOM   703  C CG2 . THR A 1 99  ? -4.016  3.664   -7.493  1.00 39.34 ? 99  THR A CG2 1 
ATOM   704  N N   . ALA A 1 100 ? -1.785  4.048   -9.576  1.00 38.98 ? 100 ALA A N   1 
ATOM   705  C CA  . ALA A 1 100 ? -1.571  5.113   -10.571 1.00 39.58 ? 100 ALA A CA  1 
ATOM   706  C C   . ALA A 1 100 ? -2.820  5.335   -11.407 1.00 38.73 ? 100 ALA A C   1 
ATOM   707  O O   . ALA A 1 100 ? -3.641  4.429   -11.525 1.00 39.26 ? 100 ALA A O   1 
ATOM   708  C CB  . ALA A 1 100 ? -0.387  4.751   -11.467 1.00 41.02 ? 100 ALA A CB  1 
ATOM   709  N N   . VAL A 1 101 ? -3.042  6.578   -11.840 1.00 36.29 ? 101 VAL A N   1 
ATOM   710  C CA  . VAL A 1 101 ? -4.147  6.900   -12.677 1.00 36.86 ? 101 VAL A CA  1 
ATOM   711  C C   . VAL A 1 101 ? -3.786  7.780   -13.873 1.00 39.03 ? 101 VAL A C   1 
ATOM   712  O O   . VAL A 1 101 ? -3.341  8.918   -13.750 1.00 39.01 ? 101 VAL A O   1 
ATOM   713  C CB  . VAL A 1 101 ? -5.320  7.583   -11.967 1.00 35.64 ? 101 VAL A CB  1 
ATOM   714  C CG1 . VAL A 1 101 ? -6.338  8.068   -13.018 1.00 32.55 ? 101 VAL A CG1 1 
ATOM   715  C CG2 . VAL A 1 101 ? -6.020  6.643   -10.999 1.00 36.79 ? 101 VAL A CG2 1 
ATOM   716  N N   . VAL A 1 102 ? -4.050  7.248   -15.081 1.00 39.57 ? 102 VAL A N   1 
ATOM   717  C CA  . VAL A 1 102 ? -3.823  8.160   -16.239 1.00 40.88 ? 102 VAL A CA  1 
ATOM   718  C C   . VAL A 1 102 ? -5.184  8.745   -16.579 1.00 42.29 ? 102 VAL A C   1 
ATOM   719  O O   . VAL A 1 102 ? -6.188  8.155   -16.118 1.00 43.86 ? 102 VAL A O   1 
ATOM   720  C CB  . VAL A 1 102 ? -3.061  7.482   -17.340 1.00 40.12 ? 102 VAL A CB  1 
ATOM   721  C CG1 . VAL A 1 102 ? -2.545  8.478   -18.374 1.00 40.64 ? 102 VAL A CG1 1 
ATOM   722  C CG2 . VAL A 1 102 ? -1.846  6.732   -16.755 1.00 38.38 ? 102 VAL A CG2 1 
ATOM   723  N N   . VAL A 1 103 ? -5.290  10.013  -16.929 1.00 42.93 ? 103 VAL A N   1 
ATOM   724  C CA  . VAL A 1 103 ? -6.565  10.691  -17.186 1.00 42.83 ? 103 VAL A CA  1 
ATOM   725  C C   . VAL A 1 103 ? -6.579  11.143  -18.633 1.00 45.30 ? 103 VAL A C   1 
ATOM   726  O O   . VAL A 1 103 ? -5.700  11.903  -19.062 1.00 43.85 ? 103 VAL A O   1 
ATOM   727  C CB  . VAL A 1 103 ? -6.752  11.852  -16.207 1.00 40.53 ? 103 VAL A CB  1 
ATOM   728  C CG1 . VAL A 1 103 ? -7.866  12.814  -16.617 1.00 40.72 ? 103 VAL A CG1 1 
ATOM   729  C CG2 . VAL A 1 103 ? -7.086  11.292  -14.807 1.00 38.55 ? 103 VAL A CG2 1 
ATOM   730  N N   . ARG A 1 104 ? -7.527  10.632  -19.466 1.00 45.96 ? 104 ARG A N   1 
ATOM   731  C CA  . ARG A 1 104 ? -7.402  11.051  -20.846 1.00 49.15 ? 104 ARG A CA  1 
ATOM   732  C C   . ARG A 1 104 ? -8.441  12.030  -21.340 1.00 52.03 ? 104 ARG A C   1 
ATOM   733  O O   . ARG A 1 104 ? -9.642  11.824  -21.326 1.00 53.11 ? 104 ARG A O   1 
ATOM   734  C CB  . ARG A 1 104 ? -7.227  9.884   -21.821 1.00 46.27 ? 104 ARG A CB  1 
ATOM   735  C CG  . ARG A 1 104 ? -6.690  10.406  -23.179 1.00 43.51 ? 104 ARG A CG  1 
ATOM   736  C CD  . ARG A 1 104 ? -6.978  9.426   -24.268 1.00 42.97 ? 104 ARG A CD  1 
ATOM   737  N NE  . ARG A 1 104 ? -6.500  9.812   -25.603 1.00 43.04 ? 104 ARG A NE  1 
ATOM   738  C CZ  . ARG A 1 104 ? -6.715  8.992   -26.642 1.00 43.91 ? 104 ARG A CZ  1 
ATOM   739  N NH1 . ARG A 1 104 ? -7.355  7.841   -26.421 1.00 43.18 ? 104 ARG A NH1 1 
ATOM   740  N NH2 . ARG A 1 104 ? -6.306  9.298   -27.854 1.00 45.97 ? 104 ARG A NH2 1 
ATOM   741  N N   . TYR A 1 105 ? -7.936  13.138  -21.867 1.00 54.47 ? 105 TYR A N   1 
ATOM   742  C CA  . TYR A 1 105 ? -8.724  14.162  -22.528 1.00 56.10 ? 105 TYR A CA  1 
ATOM   743  C C   . TYR A 1 105 ? -8.465  14.005  -24.046 1.00 56.10 ? 105 TYR A C   1 
ATOM   744  O O   . TYR A 1 105 ? -7.343  14.253  -24.484 1.00 56.09 ? 105 TYR A O   1 
ATOM   745  C CB  . TYR A 1 105 ? -8.299  15.543  -22.062 1.00 59.52 ? 105 TYR A CB  1 
ATOM   746  C CG  . TYR A 1 105 ? -8.723  16.010  -20.689 1.00 63.52 ? 105 TYR A CG  1 
ATOM   747  C CD1 . TYR A 1 105 ? -9.934  16.671  -20.488 1.00 64.21 ? 105 TYR A CD1 1 
ATOM   748  C CD2 . TYR A 1 105 ? -7.869  15.892  -19.593 1.00 64.59 ? 105 TYR A CD2 1 
ATOM   749  C CE1 . TYR A 1 105 ? -10.299 17.123  -19.235 1.00 65.70 ? 105 TYR A CE1 1 
ATOM   750  C CE2 . TYR A 1 105 ? -8.228  16.352  -18.336 1.00 64.86 ? 105 TYR A CE2 1 
ATOM   751  C CZ  . TYR A 1 105 ? -9.450  16.958  -18.161 1.00 65.80 ? 105 TYR A CZ  1 
ATOM   752  O OH  . TYR A 1 105 ? -9.832  17.410  -16.921 1.00 66.14 ? 105 TYR A OH  1 
ATOM   753  N N   . TYR A 1 106 ? -9.412  13.423  -24.776 1.00 55.18 ? 106 TYR A N   1 
ATOM   754  C CA  . TYR A 1 106 ? -9.252  13.213  -26.214 1.00 53.79 ? 106 TYR A CA  1 
ATOM   755  C C   . TYR A 1 106 ? -9.037  14.535  -26.946 1.00 53.36 ? 106 TYR A C   1 
ATOM   756  O O   . TYR A 1 106 ? -9.772  15.502  -26.744 1.00 52.45 ? 106 TYR A O   1 
ATOM   757  C CB  . TYR A 1 106 ? -10.454 12.491  -26.807 1.00 52.93 ? 106 TYR A CB  1 
ATOM   758  C CG  . TYR A 1 106 ? -10.367 12.166  -28.287 1.00 50.80 ? 106 TYR A CG  1 
ATOM   759  C CD1 . TYR A 1 106 ? -9.322  11.400  -28.779 1.00 48.96 ? 106 TYR A CD1 1 
ATOM   760  C CD2 . TYR A 1 106 ? -11.353 12.561  -29.184 1.00 49.81 ? 106 TYR A CD2 1 
ATOM   761  C CE1 . TYR A 1 106 ? -9.243  11.088  -30.118 1.00 47.80 ? 106 TYR A CE1 1 
ATOM   762  C CE2 . TYR A 1 106 ? -11.281 12.231  -30.525 1.00 47.86 ? 106 TYR A CE2 1 
ATOM   763  C CZ  . TYR A 1 106 ? -10.233 11.477  -30.983 1.00 47.12 ? 106 TYR A CZ  1 
ATOM   764  O OH  . TYR A 1 106 ? -10.134 11.123  -32.311 1.00 48.10 ? 106 TYR A OH  1 
ATOM   765  N N   . GLY A 1 107 ? -8.051  14.547  -27.850 1.00 52.32 ? 107 GLY A N   1 
ATOM   766  C CA  . GLY A 1 107 ? -7.754  15.745  -28.576 1.00 53.01 ? 107 GLY A CA  1 
ATOM   767  C C   . GLY A 1 107 ? -8.266  15.879  -29.970 1.00 52.67 ? 107 GLY A C   1 
ATOM   768  O O   . GLY A 1 107 ? -7.906  16.874  -30.636 1.00 53.30 ? 107 GLY A O   1 
ATOM   769  N N   . GLY A 1 108 ? -9.052  14.940  -30.479 1.00 51.49 ? 108 GLY A N   1 
ATOM   770  C CA  . GLY A 1 108 ? -9.537  15.062  -31.858 1.00 50.85 ? 108 GLY A CA  1 
ATOM   771  C C   . GLY A 1 108 ? -8.733  14.191  -32.811 1.00 50.36 ? 108 GLY A C   1 
ATOM   772  O O   . GLY A 1 108 ? -9.217  13.854  -33.902 1.00 50.39 ? 108 GLY A O   1 
ATOM   773  N N   . ILE A 1 109 ? -7.542  13.758  -32.395 1.00 49.18 ? 109 ILE A N   1 
ATOM   774  C CA  . ILE A 1 109 ? -6.783  12.841  -33.250 1.00 48.86 ? 109 ILE A CA  1 
ATOM   775  C C   . ILE A 1 109 ? -6.421  11.588  -32.476 1.00 49.08 ? 109 ILE A C   1 
ATOM   776  O O   . ILE A 1 109 ? -6.067  11.640  -31.300 1.00 49.53 ? 109 ILE A O   1 
ATOM   777  C CB  . ILE A 1 109 ? -5.668  13.460  -34.047 1.00 47.12 ? 109 ILE A CB  1 
ATOM   778  C CG1 . ILE A 1 109 ? -4.837  12.430  -34.801 1.00 46.49 ? 109 ILE A CG1 1 
ATOM   779  C CG2 . ILE A 1 109 ? -4.795  14.431  -33.284 1.00 45.79 ? 109 ILE A CG2 1 
ATOM   780  C CD1 . ILE A 1 109 ? -3.712  11.788  -34.045 1.00 47.71 ? 109 ILE A CD1 1 
ATOM   781  N N   . LEU A 1 110 ? -6.780  10.453  -33.052 1.00 49.76 ? 110 LEU A N   1 
ATOM   782  C CA  . LEU A 1 110 ? -6.608  9.157   -32.450 1.00 52.03 ? 110 LEU A CA  1 
ATOM   783  C C   . LEU A 1 110 ? -5.279  8.542   -32.855 1.00 53.05 ? 110 LEU A C   1 
ATOM   784  O O   . LEU A 1 110 ? -4.830  8.733   -33.985 1.00 53.75 ? 110 LEU A O   1 
ATOM   785  C CB  . LEU A 1 110 ? -7.747  8.217   -32.860 1.00 53.93 ? 110 LEU A CB  1 
ATOM   786  C CG  . LEU A 1 110 ? -7.700  7.670   -34.284 1.00 54.08 ? 110 LEU A CG  1 
ATOM   787  C CD1 . LEU A 1 110 ? -8.893  6.764   -34.524 1.00 54.93 ? 110 LEU A CD1 1 
ATOM   788  C CD2 . LEU A 1 110 ? -7.634  8.797   -35.311 1.00 54.32 ? 110 LEU A CD2 1 
ATOM   789  N N   . LEU A 1 111 ? -4.695  7.784   -31.926 1.00 53.77 ? 111 LEU A N   1 
ATOM   790  C CA  . LEU A 1 111 ? -3.404  7.146   -32.204 1.00 53.60 ? 111 LEU A CA  1 
ATOM   791  C C   . LEU A 1 111 ? -3.473  5.635   -32.017 1.00 53.03 ? 111 LEU A C   1 
ATOM   792  O O   . LEU A 1 111 ? -4.307  5.158   -31.258 1.00 53.16 ? 111 LEU A O   1 
ATOM   793  C CB  . LEU A 1 111 ? -2.283  7.774   -31.402 1.00 51.89 ? 111 LEU A CB  1 
ATOM   794  C CG  . LEU A 1 111 ? -2.525  8.225   -29.972 1.00 49.85 ? 111 LEU A CG  1 
ATOM   795  C CD1 . LEU A 1 111 ? -1.198  8.369   -29.231 1.00 48.41 ? 111 LEU A CD1 1 
ATOM   796  C CD2 . LEU A 1 111 ? -3.261  9.561   -29.921 1.00 47.83 ? 111 LEU A CD2 1 
ATOM   797  N N   . GLY A 1 112 ? -2.621  4.911   -32.733 1.00 52.18 ? 112 GLY A N   1 
ATOM   798  C CA  . GLY A 1 112 ? -2.517  3.497   -32.758 1.00 50.84 ? 112 GLY A CA  1 
ATOM   799  C C   . GLY A 1 112 ? -2.473  2.744   -31.459 1.00 50.03 ? 112 GLY A C   1 
ATOM   800  O O   . GLY A 1 112 ? -2.585  3.284   -30.360 1.00 49.11 ? 112 GLY A O   1 
ATOM   801  N N   . THR A 1 113 ? -2.344  1.406   -31.565 1.00 50.00 ? 113 THR A N   1 
ATOM   802  C CA  . THR A 1 113 ? -2.296  0.586   -30.347 1.00 50.20 ? 113 THR A CA  1 
ATOM   803  C C   . THR A 1 113 ? -0.992  0.866   -29.603 1.00 50.19 ? 113 THR A C   1 
ATOM   804  O O   . THR A 1 113 ? -0.969  1.163   -28.410 1.00 48.75 ? 113 THR A O   1 
ATOM   805  C CB  . THR A 1 113 ? -2.477  -0.895  -30.636 1.00 50.16 ? 113 THR A CB  1 
ATOM   806  O OG1 . THR A 1 113 ? -2.284  -1.645  -29.420 1.00 51.98 ? 113 THR A OG1 1 
ATOM   807  C CG2 . THR A 1 113 ? -1.494  -1.400  -31.660 1.00 51.01 ? 113 THR A CG2 1 
ATOM   808  N N   . GLY A 1 114 ? 0.091   0.972   -30.383 1.00 49.68 ? 114 GLY A N   1 
ATOM   809  C CA  . GLY A 1 114 ? 1.385   1.369   -29.854 1.00 48.56 ? 114 GLY A CA  1 
ATOM   810  C C   . GLY A 1 114 ? 1.288   2.728   -29.165 1.00 47.22 ? 114 GLY A C   1 
ATOM   811  O O   . GLY A 1 114 ? 1.618   2.876   -27.993 1.00 47.71 ? 114 GLY A O   1 
ATOM   812  N N   . GLY A 1 115 ? 0.714   3.699   -29.857 1.00 45.78 ? 115 GLY A N   1 
ATOM   813  C CA  . GLY A 1 115 ? 0.539   5.044   -29.401 1.00 43.15 ? 115 GLY A CA  1 
ATOM   814  C C   . GLY A 1 115 ? -0.072  5.152   -28.018 1.00 42.11 ? 115 GLY A C   1 
ATOM   815  O O   . GLY A 1 115 ? 0.294   6.050   -27.254 1.00 42.06 ? 115 GLY A O   1 
ATOM   816  N N   . LEU A 1 116 ? -1.077  4.336   -27.731 1.00 41.32 ? 116 LEU A N   1 
ATOM   817  C CA  . LEU A 1 116 ? -1.750  4.300   -26.444 1.00 38.19 ? 116 LEU A CA  1 
ATOM   818  C C   . LEU A 1 116 ? -0.849  3.694   -25.374 1.00 37.25 ? 116 LEU A C   1 
ATOM   819  O O   . LEU A 1 116 ? -0.852  4.186   -24.262 1.00 37.19 ? 116 LEU A O   1 
ATOM   820  C CB  . LEU A 1 116 ? -3.032  3.452   -26.499 1.00 35.05 ? 116 LEU A CB  1 
ATOM   821  C CG  . LEU A 1 116 ? -4.115  3.990   -27.435 1.00 34.20 ? 116 LEU A CG  1 
ATOM   822  C CD1 . LEU A 1 116 ? -5.338  3.121   -27.363 1.00 32.58 ? 116 LEU A CD1 1 
ATOM   823  C CD2 . LEU A 1 116 ? -4.432  5.445   -27.084 1.00 35.87 ? 116 LEU A CD2 1 
ATOM   824  N N   . VAL A 1 117 ? -0.132  2.628   -25.721 1.00 36.51 ? 117 VAL A N   1 
ATOM   825  C CA  . VAL A 1 117 ? 0.789   1.989   -24.799 1.00 34.75 ? 117 VAL A CA  1 
ATOM   826  C C   . VAL A 1 117 ? 1.871   2.948   -24.354 1.00 34.52 ? 117 VAL A C   1 
ATOM   827  O O   . VAL A 1 117 ? 2.163   3.018   -23.154 1.00 34.24 ? 117 VAL A O   1 
ATOM   828  C CB  . VAL A 1 117 ? 1.412   0.710   -25.392 1.00 34.84 ? 117 VAL A CB  1 
ATOM   829  C CG1 . VAL A 1 117 ? 2.636   0.258   -24.604 1.00 31.00 ? 117 VAL A CG1 1 
ATOM   830  C CG2 . VAL A 1 117 ? 0.331   -0.370  -25.432 1.00 30.98 ? 117 VAL A CG2 1 
ATOM   831  N N   . LYS A 1 118 ? 2.412   3.767   -25.265 1.00 33.64 ? 118 LYS A N   1 
ATOM   832  C CA  . LYS A 1 118 ? 3.455   4.700   -24.833 1.00 35.18 ? 118 LYS A CA  1 
ATOM   833  C C   . LYS A 1 118 ? 2.868   5.871   -24.052 1.00 35.93 ? 118 LYS A C   1 
ATOM   834  O O   . LYS A 1 118 ? 3.577   6.570   -23.303 1.00 36.53 ? 118 LYS A O   1 
ATOM   835  C CB  . LYS A 1 118 ? 4.336   5.145   -25.970 1.00 35.65 ? 118 LYS A CB  1 
ATOM   836  C CG  . LYS A 1 118 ? 4.615   4.152   -27.064 1.00 40.62 ? 118 LYS A CG  1 
ATOM   837  C CD  . LYS A 1 118 ? 5.932   3.391   -26.940 1.00 39.93 ? 118 LYS A CD  1 
ATOM   838  C CE  . LYS A 1 118 ? 5.947   2.186   -27.876 1.00 40.32 ? 118 LYS A CE  1 
ATOM   839  N NZ  . LYS A 1 118 ? 5.805   2.580   -29.318 1.00 37.93 ? 118 LYS A NZ  1 
ATOM   840  N N   . ALA A 1 119 ? 1.559   6.074   -24.125 1.00 34.59 ? 119 ALA A N   1 
ATOM   841  C CA  . ALA A 1 119 ? 0.928   7.171   -23.429 1.00 34.89 ? 119 ALA A CA  1 
ATOM   842  C C   . ALA A 1 119 ? 0.558   6.758   -22.004 1.00 35.56 ? 119 ALA A C   1 
ATOM   843  O O   . ALA A 1 119 ? 0.553   7.576   -21.086 1.00 36.41 ? 119 ALA A O   1 
ATOM   844  C CB  . ALA A 1 119 ? -0.278  7.690   -24.169 1.00 30.35 ? 119 ALA A CB  1 
ATOM   845  N N   . TYR A 1 120 ? 0.281   5.484   -21.828 1.00 34.99 ? 120 TYR A N   1 
ATOM   846  C CA  . TYR A 1 120 ? -0.105  4.967   -20.531 1.00 33.42 ? 120 TYR A CA  1 
ATOM   847  C C   . TYR A 1 120 ? 1.078   4.393   -19.786 1.00 33.15 ? 120 TYR A C   1 
ATOM   848  O O   . TYR A 1 120 ? 1.337   4.832   -18.670 1.00 31.06 ? 120 TYR A O   1 
ATOM   849  C CB  . TYR A 1 120 ? -1.216  3.935   -20.724 1.00 36.64 ? 120 TYR A CB  1 
ATOM   850  C CG  . TYR A 1 120 ? -2.522  4.628   -21.087 1.00 41.26 ? 120 TYR A CG  1 
ATOM   851  C CD1 . TYR A 1 120 ? -3.168  5.377   -20.108 1.00 41.55 ? 120 TYR A CD1 1 
ATOM   852  C CD2 . TYR A 1 120 ? -3.069  4.581   -22.362 1.00 41.07 ? 120 TYR A CD2 1 
ATOM   853  C CE1 . TYR A 1 120 ? -4.339  6.035   -20.405 1.00 42.22 ? 120 TYR A CE1 1 
ATOM   854  C CE2 . TYR A 1 120 ? -4.229  5.263   -22.662 1.00 40.88 ? 120 TYR A CE2 1 
ATOM   855  C CZ  . TYR A 1 120 ? -4.872  5.969   -21.674 1.00 41.75 ? 120 TYR A CZ  1 
ATOM   856  O OH  . TYR A 1 120 ? -6.041  6.645   -21.933 1.00 42.63 ? 120 TYR A OH  1 
ATOM   857  N N   . GLY A 1 121 ? 1.734   3.394   -20.367 1.00 32.86 ? 121 GLY A N   1 
ATOM   858  C CA  . GLY A 1 121 ? 2.916   2.797   -19.754 1.00 33.03 ? 121 GLY A CA  1 
ATOM   859  C C   . GLY A 1 121 ? 3.924   3.918   -19.497 1.00 34.30 ? 121 GLY A C   1 
ATOM   860  O O   . GLY A 1 121 ? 4.276   4.246   -18.359 1.00 35.34 ? 121 GLY A O   1 
ATOM   861  N N   . GLY A 1 122 ? 4.272   4.633   -20.557 1.00 34.25 ? 122 GLY A N   1 
ATOM   862  C CA  . GLY A 1 122 ? 5.167   5.762   -20.513 1.00 33.98 ? 122 GLY A CA  1 
ATOM   863  C C   . GLY A 1 122 ? 4.791   6.836   -19.512 1.00 33.58 ? 122 GLY A C   1 
ATOM   864  O O   . GLY A 1 122 ? 5.643   7.558   -19.002 1.00 32.59 ? 122 GLY A O   1 
ATOM   865  N N   . GLY A 1 123 ? 3.499   7.110   -19.374 1.00 34.74 ? 123 GLY A N   1 
ATOM   866  C CA  . GLY A 1 123 ? 2.985   8.089   -18.433 1.00 33.56 ? 123 GLY A CA  1 
ATOM   867  C C   . GLY A 1 123 ? 3.373   7.672   -17.018 1.00 33.94 ? 123 GLY A C   1 
ATOM   868  O O   . GLY A 1 123 ? 4.018   8.459   -16.315 1.00 34.49 ? 123 GLY A O   1 
ATOM   869  N N   . VAL A 1 124 ? 3.143   6.395   -16.689 1.00 32.53 ? 124 VAL A N   1 
ATOM   870  C CA  . VAL A 1 124 ? 3.523   5.927   -15.350 1.00 32.89 ? 124 VAL A CA  1 
ATOM   871  C C   . VAL A 1 124 ? 5.042   5.936   -15.214 1.00 34.27 ? 124 VAL A C   1 
ATOM   872  O O   . VAL A 1 124 ? 5.575   6.398   -14.182 1.00 35.73 ? 124 VAL A O   1 
ATOM   873  C CB  . VAL A 1 124 ? 2.907   4.590   -14.991 1.00 27.23 ? 124 VAL A CB  1 
ATOM   874  C CG1 . VAL A 1 124 ? 3.241   4.102   -13.599 1.00 24.08 ? 124 VAL A CG1 1 
ATOM   875  C CG2 . VAL A 1 124 ? 1.393   4.721   -15.115 1.00 30.26 ? 124 VAL A CG2 1 
ATOM   876  N N   . ASN A 1 125 ? 5.725   5.736   -16.339 1.00 31.76 ? 125 ASN A N   1 
ATOM   877  C CA  . ASN A 1 125 ? 7.169   5.795   -16.337 1.00 31.47 ? 125 ASN A CA  1 
ATOM   878  C C   . ASN A 1 125 ? 7.726   7.164   -15.969 1.00 31.03 ? 125 ASN A C   1 
ATOM   879  O O   . ASN A 1 125 ? 8.712   7.247   -15.232 1.00 30.47 ? 125 ASN A O   1 
ATOM   880  C CB  . ASN A 1 125 ? 7.682   5.391   -17.742 1.00 29.27 ? 125 ASN A CB  1 
ATOM   881  C CG  . ASN A 1 125 ? 9.198   5.236   -17.705 1.00 24.59 ? 125 ASN A CG  1 
ATOM   882  O OD1 . ASN A 1 125 ? 9.892   6.247   -17.806 1.00 23.23 ? 125 ASN A OD1 1 
ATOM   883  N ND2 . ASN A 1 125 ? 9.638   4.019   -17.456 1.00 19.58 ? 125 ASN A ND2 1 
ATOM   884  N N   . GLN A 1 126 ? 7.154   8.239   -16.480 1.00 30.35 ? 126 GLN A N   1 
ATOM   885  C CA  . GLN A 1 126 ? 7.676   9.571   -16.251 1.00 31.58 ? 126 GLN A CA  1 
ATOM   886  C C   . GLN A 1 126 ? 7.496   10.008  -14.802 1.00 32.44 ? 126 GLN A C   1 
ATOM   887  O O   . GLN A 1 126 ? 8.345   10.643  -14.194 1.00 31.93 ? 126 GLN A O   1 
ATOM   888  C CB  . GLN A 1 126 ? 6.984   10.584  -17.167 1.00 32.33 ? 126 GLN A CB  1 
ATOM   889  C CG  . GLN A 1 126 ? 7.304   10.430  -18.639 1.00 36.64 ? 126 GLN A CG  1 
ATOM   890  C CD  . GLN A 1 126 ? 8.809   10.323  -18.853 1.00 40.75 ? 126 GLN A CD  1 
ATOM   891  O OE1 . GLN A 1 126 ? 9.245   9.403   -19.547 1.00 42.72 ? 126 GLN A OE1 1 
ATOM   892  N NE2 . GLN A 1 126 ? 9.548   11.153  -18.123 1.00 41.76 ? 126 GLN A NE2 1 
ATOM   893  N N   . ALA A 1 127 ? 6.293   9.718   -14.309 1.00 33.03 ? 127 ALA A N   1 
ATOM   894  C CA  . ALA A 1 127 ? 5.847   10.066  -12.972 1.00 30.87 ? 127 ALA A CA  1 
ATOM   895  C C   . ALA A 1 127 ? 6.785   9.424   -11.944 1.00 30.28 ? 127 ALA A C   1 
ATOM   896  O O   . ALA A 1 127 ? 7.223   10.010  -10.971 1.00 26.84 ? 127 ALA A O   1 
ATOM   897  C CB  . ALA A 1 127 ? 4.443   9.510   -12.754 1.00 30.02 ? 127 ALA A CB  1 
ATOM   898  N N   . LEU A 1 128 ? 7.083   8.162   -12.273 1.00 30.15 ? 128 LEU A N   1 
ATOM   899  C CA  . LEU A 1 128 ? 7.962   7.320   -11.503 1.00 28.49 ? 128 LEU A CA  1 
ATOM   900  C C   . LEU A 1 128 ? 9.334   7.907   -11.371 1.00 29.19 ? 128 LEU A C   1 
ATOM   901  O O   . LEU A 1 128 ? 9.911   7.806   -10.283 1.00 30.63 ? 128 LEU A O   1 
ATOM   902  C CB  . LEU A 1 128 ? 7.956   5.887   -11.994 1.00 25.16 ? 128 LEU A CB  1 
ATOM   903  C CG  . LEU A 1 128 ? 6.650   5.134   -11.686 1.00 27.27 ? 128 LEU A CG  1 
ATOM   904  C CD1 . LEU A 1 128 ? 6.622   3.815   -12.406 1.00 28.72 ? 128 LEU A CD1 1 
ATOM   905  C CD2 . LEU A 1 128 ? 6.455   4.964   -10.177 1.00 27.65 ? 128 LEU A CD2 1 
ATOM   906  N N   . ARG A 1 129 ? 9.812   8.651   -12.353 1.00 30.69 ? 129 ARG A N   1 
ATOM   907  C CA  . ARG A 1 129 ? 11.084  9.344   -12.281 1.00 30.63 ? 129 ARG A CA  1 
ATOM   908  C C   . ARG A 1 129 ? 11.015  10.462  -11.235 1.00 29.33 ? 129 ARG A C   1 
ATOM   909  O O   . ARG A 1 129 ? 12.065  11.019  -10.891 1.00 31.57 ? 129 ARG A O   1 
ATOM   910  C CB  . ARG A 1 129 ? 11.527  9.939   -13.600 1.00 30.69 ? 129 ARG A CB  1 
ATOM   911  C CG  . ARG A 1 129 ? 12.018  9.079   -14.701 1.00 31.54 ? 129 ARG A CG  1 
ATOM   912  C CD  . ARG A 1 129 ? 12.052  9.838   -16.034 1.00 37.09 ? 129 ARG A CD  1 
ATOM   913  N NE  . ARG A 1 129 ? 11.964  8.925   -17.169 1.00 42.95 ? 129 ARG A NE  1 
ATOM   914  C CZ  . ARG A 1 129 ? 12.931  8.090   -17.532 1.00 48.72 ? 129 ARG A CZ  1 
ATOM   915  N NH1 . ARG A 1 129 ? 12.766  7.268   -18.569 1.00 49.99 ? 129 ARG A NH1 1 
ATOM   916  N NH2 . ARG A 1 129 ? 14.099  8.084   -16.887 1.00 51.49 ? 129 ARG A NH2 1 
ATOM   917  N N   . GLN A 1 130 ? 9.862   10.950  -10.853 1.00 29.60 ? 130 GLN A N   1 
ATOM   918  C CA  . GLN A 1 130 ? 9.814   12.010  -9.838  1.00 30.78 ? 130 GLN A CA  1 
ATOM   919  C C   . GLN A 1 130 ? 9.286   11.536  -8.494  1.00 29.65 ? 130 GLN A C   1 
ATOM   920  O O   . GLN A 1 130 ? 9.083   12.362  -7.596  1.00 29.17 ? 130 GLN A O   1 
ATOM   921  C CB  . GLN A 1 130 ? 8.989   13.196  -10.371 1.00 32.14 ? 130 GLN A CB  1 
ATOM   922  C CG  . GLN A 1 130 ? 9.370   13.590  -11.774 1.00 38.74 ? 130 GLN A CG  1 
ATOM   923  C CD  . GLN A 1 130 ? 8.633   14.732  -12.413 1.00 42.14 ? 130 GLN A CD  1 
ATOM   924  O OE1 . GLN A 1 130 ? 8.590   14.772  -13.659 1.00 42.40 ? 130 GLN A OE1 1 
ATOM   925  N NE2 . GLN A 1 130 ? 8.084   15.664  -11.633 1.00 40.70 ? 130 GLN A NE2 1 
ATOM   926  N N   . LEU A 1 131 ? 9.054   10.253  -8.295  1.00 28.03 ? 131 LEU A N   1 
ATOM   927  C CA  . LEU A 1 131 ? 8.529   9.721   -7.062  1.00 27.44 ? 131 LEU A CA  1 
ATOM   928  C C   . LEU A 1 131 ? 9.593   9.656   -5.976  1.00 28.27 ? 131 LEU A C   1 
ATOM   929  O O   . LEU A 1 131 ? 10.724  9.157   -6.176  1.00 29.60 ? 131 LEU A O   1 
ATOM   930  C CB  . LEU A 1 131 ? 7.915   8.312   -7.291  1.00 26.34 ? 131 LEU A CB  1 
ATOM   931  C CG  . LEU A 1 131 ? 7.355   7.617   -6.055  1.00 23.37 ? 131 LEU A CG  1 
ATOM   932  C CD1 . LEU A 1 131 ? 6.170   8.400   -5.507  1.00 26.38 ? 131 LEU A CD1 1 
ATOM   933  C CD2 . LEU A 1 131 ? 6.946   6.189   -6.281  1.00 25.73 ? 131 LEU A CD2 1 
ATOM   934  N N   . THR A 1 132 ? 9.270   10.219  -4.826  1.00 27.05 ? 132 THR A N   1 
ATOM   935  C CA  . THR A 1 132 ? 10.153  10.188  -3.648  1.00 25.80 ? 132 THR A CA  1 
ATOM   936  C C   . THR A 1 132 ? 9.702   9.045   -2.756  1.00 25.36 ? 132 THR A C   1 
ATOM   937  O O   . THR A 1 132 ? 8.476   8.836   -2.655  1.00 26.31 ? 132 THR A O   1 
ATOM   938  C CB  . THR A 1 132 ? 10.134  11.525  -2.906  1.00 24.88 ? 132 THR A CB  1 
ATOM   939  O OG1 . THR A 1 132 ? 8.909   11.733  -2.176  1.00 22.38 ? 132 THR A OG1 1 
ATOM   940  C CG2 . THR A 1 132 ? 10.306  12.655  -3.927  1.00 22.37 ? 132 THR A CG2 1 
ATOM   941  N N   . THR A 1 133 ? 10.600  8.305   -2.144  1.00 24.40 ? 133 THR A N   1 
ATOM   942  C CA  . THR A 1 133 ? 10.195  7.150   -1.362  1.00 26.69 ? 133 THR A CA  1 
ATOM   943  C C   . THR A 1 133 ? 10.645  7.128   0.073   1.00 28.43 ? 133 THR A C   1 
ATOM   944  O O   . THR A 1 133 ? 11.255  8.052   0.587   1.00 28.44 ? 133 THR A O   1 
ATOM   945  C CB  . THR A 1 133 ? 10.703  5.866   -2.082  1.00 26.31 ? 133 THR A CB  1 
ATOM   946  O OG1 . THR A 1 133 ? 12.055  6.068   -2.516  1.00 24.80 ? 133 THR A OG1 1 
ATOM   947  C CG2 . THR A 1 133 ? 9.850   5.498   -3.281  1.00 19.37 ? 133 THR A CG2 1 
ATOM   948  N N   . GLN A 1 134 ? 10.293  6.053   0.786   1.00 31.82 ? 134 GLN A N   1 
ATOM   949  C CA  . GLN A 1 134 ? 10.701  5.823   2.166   1.00 34.92 ? 134 GLN A CA  1 
ATOM   950  C C   . GLN A 1 134 ? 10.607  4.346   2.549   1.00 35.76 ? 134 GLN A C   1 
ATOM   951  O O   . GLN A 1 134 ? 9.599   3.704   2.244   1.00 36.34 ? 134 GLN A O   1 
ATOM   952  C CB  . GLN A 1 134 ? 9.893   6.647   3.159   1.00 35.90 ? 134 GLN A CB  1 
ATOM   953  C CG  . GLN A 1 134 ? 8.417   6.740   2.857   1.00 39.29 ? 134 GLN A CG  1 
ATOM   954  C CD  . GLN A 1 134 ? 7.632   7.339   4.013   1.00 41.10 ? 134 GLN A CD  1 
ATOM   955  O OE1 . GLN A 1 134 ? 7.149   8.469   3.956   1.00 37.67 ? 134 GLN A OE1 1 
ATOM   956  N NE2 . GLN A 1 134 ? 7.508   6.536   5.070   1.00 41.92 ? 134 GLN A NE2 1 
ATOM   957  N N   . ARG A 1 135 ? 11.577  3.844   3.304   1.00 37.10 ? 135 ARG A N   1 
ATOM   958  C CA  . ARG A 1 135 ? 11.538  2.433   3.687   1.00 39.78 ? 135 ARG A CA  1 
ATOM   959  C C   . ARG A 1 135 ? 10.369  2.177   4.620   1.00 42.33 ? 135 ARG A C   1 
ATOM   960  O O   . ARG A 1 135 ? 9.788   3.086   5.200   1.00 42.63 ? 135 ARG A O   1 
ATOM   961  C CB  . ARG A 1 135 ? 12.832  1.916   4.259   1.00 37.77 ? 135 ARG A CB  1 
ATOM   962  C CG  . ARG A 1 135 ? 12.896  0.428   4.536   1.00 34.28 ? 135 ARG A CG  1 
ATOM   963  C CD  . ARG A 1 135 ? 14.357  -0.015  4.600   1.00 38.38 ? 135 ARG A CD  1 
ATOM   964  N NE  . ARG A 1 135 ? 14.986  0.197   3.301   1.00 43.17 ? 135 ARG A NE  1 
ATOM   965  C CZ  . ARG A 1 135 ? 14.762  -0.546  2.227   1.00 48.10 ? 135 ARG A CZ  1 
ATOM   966  N NH1 . ARG A 1 135 ? 13.923  -1.582  2.286   1.00 51.07 ? 135 ARG A NH1 1 
ATOM   967  N NH2 . ARG A 1 135 ? 15.348  -0.274  1.062   1.00 47.95 ? 135 ARG A NH2 1 
ATOM   968  N N   . LYS A 1 136 ? 9.999   0.901   4.732   1.00 45.37 ? 136 LYS A N   1 
ATOM   969  C CA  . LYS A 1 136 ? 8.858   0.570   5.581   1.00 48.21 ? 136 LYS A CA  1 
ATOM   970  C C   . LYS A 1 136 ? 8.932   -0.827  6.139   1.00 49.36 ? 136 LYS A C   1 
ATOM   971  O O   . LYS A 1 136 ? 8.543   -1.774  5.456   1.00 51.23 ? 136 LYS A O   1 
ATOM   972  C CB  . LYS A 1 136 ? 7.576   0.780   4.751   1.00 47.73 ? 136 LYS A CB  1 
ATOM   973  C CG  . LYS A 1 136 ? 6.341   0.469   5.550   1.00 50.29 ? 136 LYS A CG  1 
ATOM   974  C CD  . LYS A 1 136 ? 5.046   0.586   4.790   1.00 51.41 ? 136 LYS A CD  1 
ATOM   975  C CE  . LYS A 1 136 ? 3.959   -0.273  5.454   1.00 51.69 ? 136 LYS A CE  1 
ATOM   976  N NZ  . LYS A 1 136 ? 4.471   -1.664  5.664   1.00 53.09 ? 136 LYS A NZ  1 
ATOM   977  N N   . THR A 1 137 ? 9.481   -0.991  7.343   1.00 50.84 ? 137 THR A N   1 
ATOM   978  C CA  . THR A 1 137 ? 9.549   -2.332  7.936   1.00 52.26 ? 137 THR A CA  1 
ATOM   979  C C   . THR A 1 137 ? 8.261   -2.635  8.688   1.00 52.34 ? 137 THR A C   1 
ATOM   980  O O   . THR A 1 137 ? 7.886   -1.942  9.631   1.00 53.22 ? 137 THR A O   1 
ATOM   981  C CB  . THR A 1 137 ? 10.758  -2.551  8.824   1.00 54.16 ? 137 THR A CB  1 
ATOM   982  O OG1 . THR A 1 137 ? 11.932  -1.908  8.277   1.00 55.62 ? 137 THR A OG1 1 
ATOM   983  C CG2 . THR A 1 137 ? 11.074  -4.052  8.904   1.00 55.41 ? 137 THR A CG2 1 
ATOM   984  N N   . PRO A 1 138 ? 7.479   -3.562  8.148   1.00 52.70 ? 138 PRO A N   1 
ATOM   985  C CA  . PRO A 1 138 ? 6.209   -3.952  8.724   1.00 52.01 ? 138 PRO A CA  1 
ATOM   986  C C   . PRO A 1 138 ? 6.337   -4.604  10.097  1.00 50.87 ? 138 PRO A C   1 
ATOM   987  O O   . PRO A 1 138 ? 7.262   -5.365  10.385  1.00 50.22 ? 138 PRO A O   1 
ATOM   988  C CB  . PRO A 1 138 ? 5.673   -4.988  7.722   1.00 51.44 ? 138 PRO A CB  1 
ATOM   989  C CG  . PRO A 1 138 ? 6.947   -5.658  7.266   1.00 51.40 ? 138 PRO A CG  1 
ATOM   990  C CD  . PRO A 1 138 ? 7.884   -4.483  7.041   1.00 52.06 ? 138 PRO A CD  1 
ATOM   991  N N   . LEU A 1 139 ? 5.367   -4.292  10.947  1.00 48.85 ? 139 LEU A N   1 
ATOM   992  C CA  . LEU A 1 139 ? 5.264   -4.836  12.287  1.00 46.30 ? 139 LEU A CA  1 
ATOM   993  C C   . LEU A 1 139 ? 5.206   -6.372  12.245  1.00 46.45 ? 139 LEU A C   1 
ATOM   994  O O   . LEU A 1 139 ? 4.464   -6.921  11.425  1.00 47.18 ? 139 LEU A O   1 
ATOM   995  C CB  . LEU A 1 139 ? 3.894   -4.414  12.843  1.00 41.28 ? 139 LEU A CB  1 
ATOM   996  C CG  . LEU A 1 139 ? 3.761   -3.204  13.728  1.00 37.97 ? 139 LEU A CG  1 
ATOM   997  C CD1 . LEU A 1 139 ? 5.004   -2.339  13.763  1.00 35.60 ? 139 LEU A CD1 1 
ATOM   998  C CD2 . LEU A 1 139 ? 2.538   -2.375  13.330  1.00 32.78 ? 139 LEU A CD2 1 
ATOM   999  N N   . THR A 1 140 ? 5.757   -7.017  13.257  1.00 45.82 ? 140 THR A N   1 
ATOM   1000 C CA  . THR A 1 140 ? 5.585   -8.475  13.382  1.00 45.21 ? 140 THR A CA  1 
ATOM   1001 C C   . THR A 1 140 ? 4.403   -8.764  14.304  1.00 42.66 ? 140 THR A C   1 
ATOM   1002 O O   . THR A 1 140 ? 4.056   -7.910  15.134  1.00 41.99 ? 140 THR A O   1 
ATOM   1003 C CB  . THR A 1 140 ? 6.857   -9.143  13.904  1.00 48.86 ? 140 THR A CB  1 
ATOM   1004 O OG1 . THR A 1 140 ? 7.881   -9.010  12.897  1.00 53.11 ? 140 THR A OG1 1 
ATOM   1005 C CG2 . THR A 1 140 ? 6.626   -10.621 14.176  1.00 48.46 ? 140 THR A CG2 1 
ATOM   1006 N N   . GLU A 1 141 ? 3.679   -9.855  14.090  1.00 40.32 ? 141 GLU A N   1 
ATOM   1007 C CA  . GLU A 1 141 ? 2.506   -10.131 14.915  1.00 37.08 ? 141 GLU A CA  1 
ATOM   1008 C C   . GLU A 1 141 ? 2.721   -11.341 15.809  1.00 35.30 ? 141 GLU A C   1 
ATOM   1009 O O   . GLU A 1 141 ? 3.182   -12.387 15.360  1.00 35.36 ? 141 GLU A O   1 
ATOM   1010 C CB  . GLU A 1 141 ? 1.271   -10.379 14.078  1.00 38.23 ? 141 GLU A CB  1 
ATOM   1011 C CG  . GLU A 1 141 ? 0.818   -9.257  13.178  1.00 43.64 ? 141 GLU A CG  1 
ATOM   1012 C CD  . GLU A 1 141 ? -0.601  -9.483  12.660  1.00 47.61 ? 141 GLU A CD  1 
ATOM   1013 O OE1 . GLU A 1 141 ? -0.958  -10.660 12.402  1.00 47.85 ? 141 GLU A OE1 1 
ATOM   1014 O OE2 . GLU A 1 141 ? -1.367  -8.497  12.579  1.00 48.64 ? 141 GLU A OE2 1 
ATOM   1015 N N   . TYR A 1 142 ? 2.337   -11.205 17.071  1.00 33.16 ? 142 TYR A N   1 
ATOM   1016 C CA  . TYR A 1 142 ? 2.444   -12.298 18.040  1.00 31.20 ? 142 TYR A CA  1 
ATOM   1017 C C   . TYR A 1 142 ? 1.138   -12.511 18.817  1.00 27.77 ? 142 TYR A C   1 
ATOM   1018 O O   . TYR A 1 142 ? 0.252   -11.682 18.768  1.00 26.76 ? 142 TYR A O   1 
ATOM   1019 C CB  . TYR A 1 142 ? 3.483   -11.934 19.114  1.00 32.53 ? 142 TYR A CB  1 
ATOM   1020 C CG  . TYR A 1 142 ? 4.853   -11.611 18.639  1.00 34.82 ? 142 TYR A CG  1 
ATOM   1021 C CD1 . TYR A 1 142 ? 5.203   -10.328 18.206  1.00 35.32 ? 142 TYR A CD1 1 
ATOM   1022 C CD2 . TYR A 1 142 ? 5.831   -12.597 18.638  1.00 36.31 ? 142 TYR A CD2 1 
ATOM   1023 C CE1 . TYR A 1 142 ? 6.488   -10.043 17.785  1.00 35.89 ? 142 TYR A CE1 1 
ATOM   1024 C CE2 . TYR A 1 142 ? 7.114   -12.335 18.186  1.00 37.71 ? 142 TYR A CE2 1 
ATOM   1025 C CZ  . TYR A 1 142 ? 7.421   -11.057 17.772  1.00 39.38 ? 142 TYR A CZ  1 
ATOM   1026 O OH  . TYR A 1 142 ? 8.691   -10.783 17.327  1.00 45.21 ? 142 TYR A OH  1 
ATOM   1027 N N   . THR A 1 143 ? 1.062   -13.586 19.616  1.00 25.12 ? 143 THR A N   1 
ATOM   1028 C CA  . THR A 1 143 ? -0.135  -13.729 20.454  1.00 24.31 ? 143 THR A CA  1 
ATOM   1029 C C   . THR A 1 143 ? 0.301   -13.746 21.937  1.00 22.96 ? 143 THR A C   1 
ATOM   1030 O O   . THR A 1 143 ? 1.483   -13.920 22.229  1.00 21.86 ? 143 THR A O   1 
ATOM   1031 C CB  . THR A 1 143 ? -1.088  -14.846 20.196  1.00 22.59 ? 143 THR A CB  1 
ATOM   1032 O OG1 . THR A 1 143 ? -0.460  -16.100 20.467  1.00 30.09 ? 143 THR A OG1 1 
ATOM   1033 C CG2 . THR A 1 143 ? -1.685  -14.892 18.814  1.00 19.26 ? 143 THR A CG2 1 
ATOM   1034 N N   . LEU A 1 144 ? -0.651  -13.423 22.795  1.00 21.44 ? 144 LEU A N   1 
ATOM   1035 C CA  . LEU A 1 144 ? -0.346  -13.255 24.220  1.00 20.57 ? 144 LEU A CA  1 
ATOM   1036 C C   . LEU A 1 144 ? -1.586  -13.435 25.070  1.00 18.04 ? 144 LEU A C   1 
ATOM   1037 O O   . LEU A 1 144 ? -2.579  -12.743 24.910  1.00 16.40 ? 144 LEU A O   1 
ATOM   1038 C CB  . LEU A 1 144 ? 0.254   -11.846 24.409  1.00 20.08 ? 144 LEU A CB  1 
ATOM   1039 C CG  . LEU A 1 144 ? 0.539   -11.417 25.839  1.00 21.65 ? 144 LEU A CG  1 
ATOM   1040 C CD1 . LEU A 1 144 ? 1.656   -12.284 26.429  1.00 19.30 ? 144 LEU A CD1 1 
ATOM   1041 C CD2 . LEU A 1 144 ? 0.857   -9.933  25.951  1.00 21.01 ? 144 LEU A CD2 1 
ATOM   1042 N N   . GLN A 1 145 ? -1.543  -14.397 25.972  1.00 20.27 ? 145 GLN A N   1 
ATOM   1043 C CA  . GLN A 1 145 ? -2.730  -14.639 26.863  1.00 21.29 ? 145 GLN A CA  1 
ATOM   1044 C C   . GLN A 1 145 ? -2.366  -14.101 28.259  1.00 19.58 ? 145 GLN A C   1 
ATOM   1045 O O   . GLN A 1 145 ? -1.258  -14.320 28.749  1.00 15.11 ? 145 GLN A O   1 
ATOM   1046 C CB  . GLN A 1 145 ? -3.193  -16.038 26.790  1.00 21.19 ? 145 GLN A CB  1 
ATOM   1047 C CG  . GLN A 1 145 ? -4.110  -16.700 27.723  1.00 31.99 ? 145 GLN A CG  1 
ATOM   1048 C CD  . GLN A 1 145 ? -4.307  -18.195 27.415  1.00 39.69 ? 145 GLN A CD  1 
ATOM   1049 O OE1 . GLN A 1 145 ? -3.335  -18.956 27.516  1.00 40.81 ? 145 GLN A OE1 1 
ATOM   1050 N NE2 . GLN A 1 145 ? -5.537  -18.603 27.083  1.00 39.71 ? 145 GLN A NE2 1 
ATOM   1051 N N   . CYS A 1 146 ? -3.191  -13.140 28.686  1.00 18.19 ? 146 CYS A N   1 
ATOM   1052 C CA  . CYS A 1 146 ? -3.106  -12.473 29.951  1.00 18.06 ? 146 CYS A CA  1 
ATOM   1053 C C   . CYS A 1 146 ? -4.413  -12.383 30.735  1.00 17.46 ? 146 CYS A C   1 
ATOM   1054 O O   . CYS A 1 146 ? -5.525  -12.567 30.256  1.00 16.16 ? 146 CYS A O   1 
ATOM   1055 C CB  . CYS A 1 146 ? -2.600  -11.035 29.706  1.00 15.98 ? 146 CYS A CB  1 
ATOM   1056 S SG  . CYS A 1 146 ? -3.825  -9.939  29.021  1.00 13.94 ? 146 CYS A SG  1 
ATOM   1057 N N   . GLU A 1 147 ? -4.308  -11.786 31.921  1.00 18.22 ? 147 GLU A N   1 
ATOM   1058 C CA  . GLU A 1 147 ? -5.476  -11.621 32.788  1.00 19.77 ? 147 GLU A CA  1 
ATOM   1059 C C   . GLU A 1 147 ? -6.085  -10.257 32.671  1.00 20.27 ? 147 GLU A C   1 
ATOM   1060 O O   . GLU A 1 147 ? -5.375  -9.280  32.375  1.00 21.36 ? 147 GLU A O   1 
ATOM   1061 C CB  . GLU A 1 147 ? -5.019  -11.911 34.241  1.00 23.06 ? 147 GLU A CB  1 
ATOM   1062 C CG  . GLU A 1 147 ? -4.431  -13.307 34.354  1.00 27.32 ? 147 GLU A CG  1 
ATOM   1063 C CD  . GLU A 1 147 ? -4.854  -14.085 35.555  1.00 31.06 ? 147 GLU A CD  1 
ATOM   1064 O OE1 . GLU A 1 147 ? -6.061  -14.066 35.886  1.00 33.76 ? 147 GLU A OE1 1 
ATOM   1065 O OE2 . GLU A 1 147 ? -3.976  -14.728 36.190  1.00 33.47 ? 147 GLU A OE2 1 
ATOM   1066 N N   . TYR A 1 148 ? -7.348  -10.051 33.027  1.00 20.67 ? 148 TYR A N   1 
ATOM   1067 C CA  . TYR A 1 148 ? -7.954  -8.740  32.894  1.00 23.03 ? 148 TYR A CA  1 
ATOM   1068 C C   . TYR A 1 148 ? -7.271  -7.631  33.678  1.00 24.56 ? 148 TYR A C   1 
ATOM   1069 O O   . TYR A 1 148 ? -7.446  -6.445  33.349  1.00 24.98 ? 148 TYR A O   1 
ATOM   1070 C CB  . TYR A 1 148 ? -9.445  -8.782  33.283  1.00 22.78 ? 148 TYR A CB  1 
ATOM   1071 C CG  . TYR A 1 148 ? -10.290 -9.472  32.245  1.00 24.01 ? 148 TYR A CG  1 
ATOM   1072 C CD1 . TYR A 1 148 ? -10.436 -10.844 32.285  1.00 24.05 ? 148 TYR A CD1 1 
ATOM   1073 C CD2 . TYR A 1 148 ? -10.865 -8.798  31.177  1.00 26.52 ? 148 TYR A CD2 1 
ATOM   1074 C CE1 . TYR A 1 148 ? -11.127 -11.518 31.318  1.00 25.67 ? 148 TYR A CE1 1 
ATOM   1075 C CE2 . TYR A 1 148 ? -11.616 -9.456  30.220  1.00 26.03 ? 148 TYR A CE2 1 
ATOM   1076 C CZ  . TYR A 1 148 ? -11.770 -10.819 30.312  1.00 26.30 ? 148 TYR A CZ  1 
ATOM   1077 O OH  . TYR A 1 148 ? -12.463 -11.531 29.356  1.00 24.89 ? 148 TYR A OH  1 
ATOM   1078 N N   . HIS A 1 149 ? -6.668  -7.940  34.816  1.00 24.80 ? 149 HIS A N   1 
ATOM   1079 C CA  . HIS A 1 149 ? -6.017  -6.976  35.667  1.00 25.55 ? 149 HIS A CA  1 
ATOM   1080 C C   . HIS A 1 149 ? -4.647  -6.597  35.120  1.00 27.13 ? 149 HIS A C   1 
ATOM   1081 O O   . HIS A 1 149 ? -3.886  -5.860  35.762  1.00 28.97 ? 149 HIS A O   1 
ATOM   1082 C CB  . HIS A 1 149 ? -5.888  -7.469  37.112  1.00 20.15 ? 149 HIS A CB  1 
ATOM   1083 C CG  . HIS A 1 149 ? -4.934  -8.588  37.291  1.00 20.14 ? 149 HIS A CG  1 
ATOM   1084 N ND1 . HIS A 1 149 ? -3.567  -8.382  37.326  1.00 22.83 ? 149 HIS A ND1 1 
ATOM   1085 C CD2 . HIS A 1 149 ? -5.097  -9.927  37.379  1.00 22.48 ? 149 HIS A CD2 1 
ATOM   1086 C CE1 . HIS A 1 149 ? -2.924  -9.532  37.460  1.00 21.45 ? 149 HIS A CE1 1 
ATOM   1087 N NE2 . HIS A 1 149 ? -3.828  -10.500 37.463  1.00 23.14 ? 149 HIS A NE2 1 
ATOM   1088 N N   . GLN A 1 150 ? -4.237  -7.212  34.022  1.00 26.52 ? 150 GLN A N   1 
ATOM   1089 C CA  . GLN A 1 150 ? -3.010  -6.889  33.329  1.00 24.71 ? 150 GLN A CA  1 
ATOM   1090 C C   . GLN A 1 150 ? -3.263  -6.159  32.013  1.00 24.24 ? 150 GLN A C   1 
ATOM   1091 O O   . GLN A 1 150 ? -2.341  -5.623  31.418  1.00 24.18 ? 150 GLN A O   1 
ATOM   1092 C CB  . GLN A 1 150 ? -2.156  -8.126  33.092  1.00 21.19 ? 150 GLN A CB  1 
ATOM   1093 C CG  . GLN A 1 150 ? -1.885  -8.951  34.325  1.00 20.10 ? 150 GLN A CG  1 
ATOM   1094 C CD  . GLN A 1 150 ? -1.363  -10.339 34.026  1.00 17.54 ? 150 GLN A CD  1 
ATOM   1095 O OE1 . GLN A 1 150 ? -1.991  -11.175 33.377  1.00 19.69 ? 150 GLN A OE1 1 
ATOM   1096 N NE2 . GLN A 1 150 ? -0.189  -10.636 34.548  1.00 17.47 ? 150 GLN A NE2 1 
ATOM   1097 N N   . LEU A 1 151 ? -4.483  -6.036  31.551  1.00 25.99 ? 151 LEU A N   1 
ATOM   1098 C CA  . LEU A 1 151 ? -4.810  -5.345  30.316  1.00 27.36 ? 151 LEU A CA  1 
ATOM   1099 C C   . LEU A 1 151 ? -4.214  -3.961  30.205  1.00 28.40 ? 151 LEU A C   1 
ATOM   1100 O O   . LEU A 1 151 ? -3.166  -3.824  29.549  1.00 28.42 ? 151 LEU A O   1 
ATOM   1101 C CB  . LEU A 1 151 ? -6.307  -5.300  30.077  1.00 26.58 ? 151 LEU A CB  1 
ATOM   1102 C CG  . LEU A 1 151 ? -6.764  -5.397  28.624  1.00 28.07 ? 151 LEU A CG  1 
ATOM   1103 C CD1 . LEU A 1 151 ? -6.020  -6.510  27.910  1.00 29.06 ? 151 LEU A CD1 1 
ATOM   1104 C CD2 . LEU A 1 151 ? -8.273  -5.641  28.583  1.00 27.59 ? 151 LEU A CD2 1 
ATOM   1105 N N   . THR A 1 152 ? -4.768  -2.940  30.848  1.00 29.50 ? 152 THR A N   1 
ATOM   1106 C CA  . THR A 1 152 ? -4.209  -1.597  30.778  1.00 30.66 ? 152 THR A CA  1 
ATOM   1107 C C   . THR A 1 152 ? -2.688  -1.609  30.864  1.00 31.73 ? 152 THR A C   1 
ATOM   1108 O O   . THR A 1 152 ? -2.023  -1.030  30.006  1.00 31.13 ? 152 THR A O   1 
ATOM   1109 C CB  . THR A 1 152 ? -4.763  -0.603  31.790  1.00 32.26 ? 152 THR A CB  1 
ATOM   1110 O OG1 . THR A 1 152 ? -4.344  -0.919  33.116  1.00 34.28 ? 152 THR A OG1 1 
ATOM   1111 C CG2 . THR A 1 152 ? -6.280  -0.527  31.725  1.00 34.90 ? 152 THR A CG2 1 
ATOM   1112 N N   . GLY A 1 153 ? -2.109  -2.280  31.854  1.00 32.67 ? 153 GLY A N   1 
ATOM   1113 C CA  . GLY A 1 153 ? -0.677  -2.404  31.976  1.00 32.45 ? 153 GLY A CA  1 
ATOM   1114 C C   . GLY A 1 153 ? -0.028  -2.811  30.661  1.00 33.60 ? 153 GLY A C   1 
ATOM   1115 O O   . GLY A 1 153 ? 0.997   -2.220  30.288  1.00 34.59 ? 153 GLY A O   1 
ATOM   1116 N N   . ILE A 1 154 ? -0.517  -3.860  30.002  1.00 33.16 ? 154 ILE A N   1 
ATOM   1117 C CA  . ILE A 1 154 ? 0.083   -4.322  28.759  1.00 32.91 ? 154 ILE A CA  1 
ATOM   1118 C C   . ILE A 1 154 ? -0.120  -3.356  27.606  1.00 33.55 ? 154 ILE A C   1 
ATOM   1119 O O   . ILE A 1 154 ? 0.784   -3.109  26.816  1.00 32.30 ? 154 ILE A O   1 
ATOM   1120 C CB  . ILE A 1 154 ? -0.408  -5.704  28.357  1.00 31.38 ? 154 ILE A CB  1 
ATOM   1121 C CG1 . ILE A 1 154 ? -0.061  -6.751  29.426  1.00 25.30 ? 154 ILE A CG1 1 
ATOM   1122 C CG2 . ILE A 1 154 ? 0.167   -6.117  27.004  1.00 32.00 ? 154 ILE A CG2 1 
ATOM   1123 C CD1 . ILE A 1 154 ? -0.859  -8.035  29.211  1.00 19.27 ? 154 ILE A CD1 1 
ATOM   1124 N N   . GLU A 1 155 ? -1.296  -2.767  27.476  1.00 35.28 ? 155 GLU A N   1 
ATOM   1125 C CA  . GLU A 1 155 ? -1.516  -1.793  26.397  1.00 37.12 ? 155 GLU A CA  1 
ATOM   1126 C C   . GLU A 1 155 ? -0.404  -0.761  26.481  1.00 38.43 ? 155 GLU A C   1 
ATOM   1127 O O   . GLU A 1 155 ? 0.368   -0.555  25.549  1.00 39.98 ? 155 GLU A O   1 
ATOM   1128 C CB  . GLU A 1 155 ? -2.887  -1.137  26.542  1.00 40.70 ? 155 GLU A CB  1 
ATOM   1129 C CG  . GLU A 1 155 ? -4.040  -2.089  26.262  1.00 46.60 ? 155 GLU A CG  1 
ATOM   1130 C CD  . GLU A 1 155 ? -5.404  -1.519  26.556  1.00 51.29 ? 155 GLU A CD  1 
ATOM   1131 O OE1 . GLU A 1 155 ? -6.419  -2.213  26.276  1.00 55.00 ? 155 GLU A OE1 1 
ATOM   1132 O OE2 . GLU A 1 155 ? -5.486  -0.383  27.069  1.00 53.31 ? 155 GLU A OE2 1 
ATOM   1133 N N   . ALA A 1 156 ? -0.231  -0.189  27.671  1.00 38.61 ? 156 ALA A N   1 
ATOM   1134 C CA  . ALA A 1 156 ? 0.809   0.788   27.900  1.00 38.96 ? 156 ALA A CA  1 
ATOM   1135 C C   . ALA A 1 156 ? 2.187   0.285   27.526  1.00 39.86 ? 156 ALA A C   1 
ATOM   1136 O O   . ALA A 1 156 ? 2.870   0.955   26.738  1.00 41.07 ? 156 ALA A O   1 
ATOM   1137 C CB  . ALA A 1 156 ? 0.757   1.290   29.332  1.00 39.19 ? 156 ALA A CB  1 
ATOM   1138 N N   . LEU A 1 157 ? 2.641   -0.865  28.000  1.00 40.44 ? 157 LEU A N   1 
ATOM   1139 C CA  . LEU A 1 157 ? 3.986   -1.353  27.648  1.00 40.57 ? 157 LEU A CA  1 
ATOM   1140 C C   . LEU A 1 157 ? 4.126   -1.453  26.132  1.00 40.66 ? 157 LEU A C   1 
ATOM   1141 O O   . LEU A 1 157 ? 5.081   -0.989  25.519  1.00 37.55 ? 157 LEU A O   1 
ATOM   1142 C CB  . LEU A 1 157 ? 4.262   -2.657  28.362  1.00 43.52 ? 157 LEU A CB  1 
ATOM   1143 C CG  . LEU A 1 157 ? 5.008   -2.719  29.675  1.00 44.95 ? 157 LEU A CG  1 
ATOM   1144 C CD1 . LEU A 1 157 ? 4.687   -1.568  30.622  1.00 48.89 ? 157 LEU A CD1 1 
ATOM   1145 C CD2 . LEU A 1 157 ? 4.707   -4.039  30.399  1.00 44.75 ? 157 LEU A CD2 1 
ATOM   1146 N N   . LEU A 1 158 ? 3.110   -2.000  25.488  1.00 42.35 ? 158 LEU A N   1 
ATOM   1147 C CA  . LEU A 1 158 ? 2.992   -2.191  24.057  1.00 43.77 ? 158 LEU A CA  1 
ATOM   1148 C C   . LEU A 1 158 ? 3.264   -0.897  23.289  1.00 45.09 ? 158 LEU A C   1 
ATOM   1149 O O   . LEU A 1 158 ? 4.071   -0.842  22.362  1.00 43.81 ? 158 LEU A O   1 
ATOM   1150 C CB  . LEU A 1 158 ? 1.560   -2.667  23.774  1.00 44.71 ? 158 LEU A CB  1 
ATOM   1151 C CG  . LEU A 1 158 ? 1.334   -3.477  22.508  1.00 49.24 ? 158 LEU A CG  1 
ATOM   1152 C CD1 . LEU A 1 158 ? 2.254   -4.686  22.479  1.00 50.08 ? 158 LEU A CD1 1 
ATOM   1153 C CD2 . LEU A 1 158 ? -0.127  -3.888  22.370  1.00 48.37 ? 158 LEU A CD2 1 
ATOM   1154 N N   . GLY A 1 159 ? 2.564   0.160   23.704  1.00 44.98 ? 159 GLY A N   1 
ATOM   1155 C CA  . GLY A 1 159 ? 2.673   1.467   23.132  1.00 45.61 ? 159 GLY A CA  1 
ATOM   1156 C C   . GLY A 1 159 ? 4.030   2.103   23.343  1.00 47.25 ? 159 GLY A C   1 
ATOM   1157 O O   . GLY A 1 159 ? 4.489   2.909   22.512  1.00 48.72 ? 159 GLY A O   1 
ATOM   1158 N N   . GLN A 1 160 ? 4.729   1.755   24.427  1.00 46.52 ? 160 GLN A N   1 
ATOM   1159 C CA  . GLN A 1 160 ? 6.059   2.273   24.661  1.00 45.55 ? 160 GLN A CA  1 
ATOM   1160 C C   . GLN A 1 160 ? 7.067   1.628   23.711  1.00 44.49 ? 160 GLN A C   1 
ATOM   1161 O O   . GLN A 1 160 ? 8.223   2.035   23.716  1.00 45.61 ? 160 GLN A O   1 
ATOM   1162 C CB  . GLN A 1 160 ? 6.551   2.023   26.084  1.00 47.22 ? 160 GLN A CB  1 
ATOM   1163 C CG  . GLN A 1 160 ? 5.937   2.950   27.118  1.00 48.59 ? 160 GLN A CG  1 
ATOM   1164 C CD  . GLN A 1 160 ? 5.805   2.238   28.449  1.00 51.55 ? 160 GLN A CD  1 
ATOM   1165 O OE1 . GLN A 1 160 ? 6.795   1.727   28.973  1.00 52.11 ? 160 GLN A OE1 1 
ATOM   1166 N NE2 . GLN A 1 160 ? 4.582   2.185   28.968  1.00 54.18 ? 160 GLN A NE2 1 
ATOM   1167 N N   . CYS A 1 161 ? 6.715   0.490   23.145  1.00 44.44 ? 161 CYS A N   1 
ATOM   1168 C CA  . CYS A 1 161 ? 7.612   -0.198  22.228  1.00 43.90 ? 161 CYS A CA  1 
ATOM   1169 C C   . CYS A 1 161 ? 7.104   -0.082  20.811  1.00 43.70 ? 161 CYS A C   1 
ATOM   1170 O O   . CYS A 1 161 ? 7.370   -0.929  19.966  1.00 44.50 ? 161 CYS A O   1 
ATOM   1171 C CB  . CYS A 1 161 ? 7.804   -1.664  22.623  1.00 41.67 ? 161 CYS A CB  1 
ATOM   1172 S SG  . CYS A 1 161 ? 8.572   -1.851  24.231  1.00 36.41 ? 161 CYS A SG  1 
ATOM   1173 N N   . ASP A 1 162 ? 6.301   0.963   20.580  1.00 43.39 ? 162 ASP A N   1 
ATOM   1174 C CA  . ASP A 1 162 ? 5.778   1.180   19.230  1.00 43.31 ? 162 ASP A CA  1 
ATOM   1175 C C   . ASP A 1 162 ? 4.983   -0.056  18.807  1.00 43.87 ? 162 ASP A C   1 
ATOM   1176 O O   . ASP A 1 162 ? 5.100   -0.456  17.669  1.00 43.91 ? 162 ASP A O   1 
ATOM   1177 C CB  . ASP A 1 162 ? 6.923   1.378   18.239  1.00 41.11 ? 162 ASP A CB  1 
ATOM   1178 C CG  . ASP A 1 162 ? 7.765   2.607   18.554  1.00 40.61 ? 162 ASP A CG  1 
ATOM   1179 O OD1 . ASP A 1 162 ? 7.196   3.642   18.966  1.00 40.64 ? 162 ASP A OD1 1 
ATOM   1180 O OD2 . ASP A 1 162 ? 9.001   2.503   18.459  1.00 39.67 ? 162 ASP A OD2 1 
ATOM   1181 N N   . GLY A 1 163 ? 4.248   -0.629  19.749  1.00 44.35 ? 163 GLY A N   1 
ATOM   1182 C CA  . GLY A 1 163 ? 3.440   -1.793  19.531  1.00 43.53 ? 163 GLY A CA  1 
ATOM   1183 C C   . GLY A 1 163 ? 1.971   -1.377  19.437  1.00 44.08 ? 163 GLY A C   1 
ATOM   1184 O O   . GLY A 1 163 ? 1.572   -0.337  19.937  1.00 44.21 ? 163 GLY A O   1 
ATOM   1185 N N   . LYS A 1 164 ? 1.198   -2.268  18.865  1.00 45.73 ? 164 LYS A N   1 
ATOM   1186 C CA  . LYS A 1 164 ? -0.227  -2.065  18.619  1.00 46.01 ? 164 LYS A CA  1 
ATOM   1187 C C   . LYS A 1 164 ? -0.942  -3.408  18.848  1.00 47.09 ? 164 LYS A C   1 
ATOM   1188 O O   . LYS A 1 164 ? -0.505  -4.488  18.435  1.00 46.72 ? 164 LYS A O   1 
ATOM   1189 C CB  A LYS A 1 164 ? -0.466  -1.603  17.182  0.50 45.53 ? 164 LYS A CB  1 
ATOM   1190 C CB  B LYS A 1 164 ? -0.431  -1.517  17.237  0.50 45.36 ? 164 LYS A CB  1 
ATOM   1191 C CG  A LYS A 1 164 ? -1.554  -0.595  16.942  0.50 43.65 ? 164 LYS A CG  1 
ATOM   1192 C CG  B LYS A 1 164 ? -1.788  -1.255  16.684  0.50 43.42 ? 164 LYS A CG  1 
ATOM   1193 C CD  A LYS A 1 164 ? -2.874  -0.981  17.566  0.50 43.59 ? 164 LYS A CD  1 
ATOM   1194 C CD  B LYS A 1 164 ? -1.706  -0.549  15.332  0.50 42.45 ? 164 LYS A CD  1 
ATOM   1195 C CE  A LYS A 1 164 ? -4.065  -0.380  16.839  0.50 42.43 ? 164 LYS A CE  1 
ATOM   1196 C CE  B LYS A 1 164 ? -0.715  -1.220  14.404  0.50 41.76 ? 164 LYS A CE  1 
ATOM   1197 N NZ  A LYS A 1 164 ? -4.719  -1.376  15.942  0.50 40.71 ? 164 LYS A NZ  1 
ATOM   1198 N NZ  B LYS A 1 164 ? -0.899  -2.679  14.297  0.50 39.91 ? 164 LYS A NZ  1 
ATOM   1199 N N   . ILE A 1 165 ? -1.930  -3.320  19.713  1.00 46.29 ? 165 ILE A N   1 
ATOM   1200 C CA  . ILE A 1 165 ? -2.827  -4.432  20.028  1.00 45.48 ? 165 ILE A CA  1 
ATOM   1201 C C   . ILE A 1 165 ? -3.807  -4.592  18.866  1.00 45.32 ? 165 ILE A C   1 
ATOM   1202 O O   . ILE A 1 165 ? -4.600  -3.698  18.578  1.00 44.77 ? 165 ILE A O   1 
ATOM   1203 C CB  . ILE A 1 165 ? -3.536  -4.070  21.329  1.00 41.35 ? 165 ILE A CB  1 
ATOM   1204 C CG1 . ILE A 1 165 ? -4.644  -5.002  21.762  1.00 38.16 ? 165 ILE A CG1 1 
ATOM   1205 C CG2 . ILE A 1 165 ? -4.058  -2.639  21.223  1.00 46.02 ? 165 ILE A CG2 1 
ATOM   1206 C CD1 . ILE A 1 165 ? -4.915  -4.713  23.262  1.00 40.35 ? 165 ILE A CD1 1 
ATOM   1207 N N   . ILE A 1 166 ? -3.653  -5.662  18.106  1.00 44.84 ? 166 ILE A N   1 
ATOM   1208 C CA  . ILE A 1 166 ? -4.457  -5.956  16.960  1.00 46.28 ? 166 ILE A CA  1 
ATOM   1209 C C   . ILE A 1 166 ? -5.895  -6.350  17.227  1.00 47.98 ? 166 ILE A C   1 
ATOM   1210 O O   . ILE A 1 166 ? -6.803  -5.858  16.526  1.00 49.20 ? 166 ILE A O   1 
ATOM   1211 C CB  . ILE A 1 166 ? -3.845  -7.073  16.072  1.00 43.14 ? 166 ILE A CB  1 
ATOM   1212 C CG1 . ILE A 1 166 ? -2.551  -6.583  15.428  1.00 42.11 ? 166 ILE A CG1 1 
ATOM   1213 C CG2 . ILE A 1 166 ? -4.838  -7.491  15.002  1.00 42.37 ? 166 ILE A CG2 1 
ATOM   1214 C CD1 . ILE A 1 166 ? -2.671  -5.168  14.869  1.00 40.19 ? 166 ILE A CD1 1 
ATOM   1215 N N   . ASN A 1 167 ? -6.111  -7.422  17.983  1.00 48.58 ? 167 ASN A N   1 
ATOM   1216 C CA  . ASN A 1 167 ? -7.496  -7.841  18.234  1.00 48.74 ? 167 ASN A CA  1 
ATOM   1217 C C   . ASN A 1 167 ? -7.597  -8.518  19.573  1.00 46.26 ? 167 ASN A C   1 
ATOM   1218 O O   . ASN A 1 167 ? -6.679  -9.201  20.010  1.00 46.41 ? 167 ASN A O   1 
ATOM   1219 C CB  . ASN A 1 167 ? -8.076  -8.617  17.074  1.00 56.31 ? 167 ASN A CB  1 
ATOM   1220 C CG  . ASN A 1 167 ? -7.445  -9.954  16.815  1.00 61.12 ? 167 ASN A CG  1 
ATOM   1221 O OD1 . ASN A 1 167 ? -7.711  -10.924 17.536  1.00 65.73 ? 167 ASN A OD1 1 
ATOM   1222 N ND2 . ASN A 1 167 ? -6.602  -10.064 15.795  1.00 62.92 ? 167 ASN A ND2 1 
ATOM   1223 N N   . SER A 1 168 ? -8.705  -8.304  20.274  1.00 45.35 ? 168 SER A N   1 
ATOM   1224 C CA  . SER A 1 168 ? -8.865  -8.898  21.599  1.00 43.81 ? 168 SER A CA  1 
ATOM   1225 C C   . SER A 1 168 ? -9.952  -9.967  21.584  1.00 42.86 ? 168 SER A C   1 
ATOM   1226 O O   . SER A 1 168 ? -10.851 -9.872  20.775  1.00 42.47 ? 168 SER A O   1 
ATOM   1227 C CB  . SER A 1 168 ? -9.253  -7.822  22.616  1.00 40.21 ? 168 SER A CB  1 
ATOM   1228 O OG  . SER A 1 168 ? -8.300  -6.778  22.681  1.00 36.10 ? 168 SER A OG  1 
ATOM   1229 N N   . ASP A 1 169 ? -9.836  -10.921 22.482  1.00 43.39 ? 169 ASP A N   1 
ATOM   1230 C CA  . ASP A 1 169 ? -10.832 -11.959 22.690  1.00 43.35 ? 169 ASP A CA  1 
ATOM   1231 C C   . ASP A 1 169 ? -11.094 -12.081 24.193  1.00 41.67 ? 169 ASP A C   1 
ATOM   1232 O O   . ASP A 1 169 ? -10.217 -12.565 24.913  1.00 41.84 ? 169 ASP A O   1 
ATOM   1233 C CB  . ASP A 1 169 ? -10.427 -13.294 22.085  1.00 47.91 ? 169 ASP A CB  1 
ATOM   1234 C CG  . ASP A 1 169 ? -11.590 -14.277 22.052  1.00 52.53 ? 169 ASP A CG  1 
ATOM   1235 O OD1 . ASP A 1 169 ? -12.376 -14.296 23.028  1.00 56.03 ? 169 ASP A OD1 1 
ATOM   1236 O OD2 . ASP A 1 169 ? -11.777 -15.014 21.073  1.00 53.58 ? 169 ASP A OD2 1 
ATOM   1237 N N   . TYR A 1 170 ? -12.252 -11.612 24.651  1.00 40.34 ? 170 TYR A N   1 
ATOM   1238 C CA  . TYR A 1 170 ? -12.536 -11.649 26.081  1.00 39.92 ? 170 TYR A CA  1 
ATOM   1239 C C   . TYR A 1 170 ? -13.275 -12.903 26.496  1.00 39.60 ? 170 TYR A C   1 
ATOM   1240 O O   . TYR A 1 170 ? -14.478 -13.005 26.427  1.00 39.98 ? 170 TYR A O   1 
ATOM   1241 C CB  . TYR A 1 170 ? -13.202 -10.372 26.555  1.00 38.80 ? 170 TYR A CB  1 
ATOM   1242 C CG  . TYR A 1 170 ? -12.433 -9.116  26.187  1.00 38.13 ? 170 TYR A CG  1 
ATOM   1243 C CD1 . TYR A 1 170 ? -13.062 -8.122  25.436  1.00 39.81 ? 170 TYR A CD1 1 
ATOM   1244 C CD2 . TYR A 1 170 ? -11.105 -8.937  26.526  1.00 35.84 ? 170 TYR A CD2 1 
ATOM   1245 C CE1 . TYR A 1 170 ? -12.378 -6.980  25.039  1.00 39.35 ? 170 TYR A CE1 1 
ATOM   1246 C CE2 . TYR A 1 170 ? -10.418 -7.809  26.137  1.00 36.36 ? 170 TYR A CE2 1 
ATOM   1247 C CZ  . TYR A 1 170 ? -11.055 -6.831  25.405  1.00 38.11 ? 170 TYR A CZ  1 
ATOM   1248 O OH  . TYR A 1 170 ? -10.324 -5.728  25.054  1.00 38.48 ? 170 TYR A OH  1 
ATOM   1249 N N   . GLN A 1 171 ? -12.508 -13.870 26.962  1.00 40.23 ? 171 GLN A N   1 
ATOM   1250 C CA  . GLN A 1 171 ? -12.943 -15.165 27.441  1.00 40.12 ? 171 GLN A CA  1 
ATOM   1251 C C   . GLN A 1 171 ? -12.755 -15.244 28.965  1.00 40.26 ? 171 GLN A C   1 
ATOM   1252 O O   . GLN A 1 171 ? -12.926 -14.276 29.732  1.00 39.06 ? 171 GLN A O   1 
ATOM   1253 C CB  . GLN A 1 171 ? -12.122 -16.249 26.752  1.00 45.89 ? 171 GLN A CB  1 
ATOM   1254 C CG  . GLN A 1 171 ? -11.699 -16.096 25.327  1.00 48.62 ? 171 GLN A CG  1 
ATOM   1255 C CD  . GLN A 1 171 ? -10.214 -16.332 25.085  1.00 51.05 ? 171 GLN A CD  1 
ATOM   1256 O OE1 . GLN A 1 171 ? -9.743  -17.462 24.921  1.00 55.48 ? 171 GLN A OE1 1 
ATOM   1257 N NE2 . GLN A 1 171 ? -9.495  -15.218 25.102  1.00 49.47 ? 171 GLN A NE2 1 
ATOM   1258 N N   . ALA A 1 172 ? -12.316 -16.406 29.479  1.00 38.53 ? 172 ALA A N   1 
ATOM   1259 C CA  . ALA A 1 172 ? -12.071 -16.486 30.939  1.00 36.24 ? 172 ALA A CA  1 
ATOM   1260 C C   . ALA A 1 172 ? -10.798 -15.655 31.194  1.00 35.34 ? 172 ALA A C   1 
ATOM   1261 O O   . ALA A 1 172 ? -10.547 -15.136 32.261  1.00 34.78 ? 172 ALA A O   1 
ATOM   1262 C CB  . ALA A 1 172 ? -11.918 -17.906 31.396  1.00 30.12 ? 172 ALA A CB  1 
ATOM   1263 N N   . PHE A 1 173 ? -9.949  -15.657 30.175  1.00 34.30 ? 173 PHE A N   1 
ATOM   1264 C CA  . PHE A 1 173 ? -8.722  -14.905 30.114  1.00 33.01 ? 173 PHE A CA  1 
ATOM   1265 C C   . PHE A 1 173 ? -8.739  -14.020 28.864  1.00 31.26 ? 173 PHE A C   1 
ATOM   1266 O O   . PHE A 1 173 ? -9.633  -14.182 28.022  1.00 32.51 ? 173 PHE A O   1 
ATOM   1267 C CB  . PHE A 1 173 ? -7.493  -15.808 29.979  1.00 34.84 ? 173 PHE A CB  1 
ATOM   1268 C CG  . PHE A 1 173 ? -7.292  -16.695 31.160  1.00 36.11 ? 173 PHE A CG  1 
ATOM   1269 C CD1 . PHE A 1 173 ? -7.062  -18.045 31.002  1.00 37.83 ? 173 PHE A CD1 1 
ATOM   1270 C CD2 . PHE A 1 173 ? -7.322  -16.150 32.441  1.00 37.20 ? 173 PHE A CD2 1 
ATOM   1271 C CE1 . PHE A 1 173 ? -6.857  -18.845 32.119  1.00 40.29 ? 173 PHE A CE1 1 
ATOM   1272 C CE2 . PHE A 1 173 ? -7.132  -16.946 33.551  1.00 37.06 ? 173 PHE A CE2 1 
ATOM   1273 C CZ  . PHE A 1 173 ? -6.919  -18.300 33.390  1.00 37.85 ? 173 PHE A CZ  1 
ATOM   1274 N N   . VAL A 1 174 ? -7.700  -13.205 28.730  1.00 28.36 ? 174 VAL A N   1 
ATOM   1275 C CA  . VAL A 1 174 ? -7.724  -12.324 27.543  1.00 25.67 ? 174 VAL A CA  1 
ATOM   1276 C C   . VAL A 1 174 ? -6.821  -12.905 26.492  1.00 23.72 ? 174 VAL A C   1 
ATOM   1277 O O   . VAL A 1 174 ? -5.769  -13.439 26.839  1.00 25.09 ? 174 VAL A O   1 
ATOM   1278 C CB  . VAL A 1 174 ? -7.331  -10.889 27.866  1.00 27.05 ? 174 VAL A CB  1 
ATOM   1279 C CG1 . VAL A 1 174 ? -7.496  -10.021 26.604  1.00 25.23 ? 174 VAL A CG1 1 
ATOM   1280 C CG2 . VAL A 1 174 ? -8.134  -10.294 29.014  1.00 23.17 ? 174 VAL A CG2 1 
ATOM   1281 N N   . LEU A 1 175 ? -7.313  -13.063 25.268  1.00 22.69 ? 175 LEU A N   1 
ATOM   1282 C CA  . LEU A 1 175 ? -6.447  -13.539 24.221  1.00 20.78 ? 175 LEU A CA  1 
ATOM   1283 C C   . LEU A 1 175 ? -6.232  -12.392 23.207  1.00 20.38 ? 175 LEU A C   1 
ATOM   1284 O O   . LEU A 1 175 ? -7.144  -11.918 22.585  1.00 17.46 ? 175 LEU A O   1 
ATOM   1285 C CB  . LEU A 1 175 ? -6.800  -14.794 23.499  1.00 25.77 ? 175 LEU A CB  1 
ATOM   1286 C CG  . LEU A 1 175 ? -5.626  -15.224 22.555  1.00 30.92 ? 175 LEU A CG  1 
ATOM   1287 C CD1 . LEU A 1 175 ? -4.692  -16.134 23.322  1.00 25.15 ? 175 LEU A CD1 1 
ATOM   1288 C CD2 . LEU A 1 175 ? -6.146  -15.768 21.251  1.00 31.55 ? 175 LEU A CD2 1 
ATOM   1289 N N   . LEU A 1 176 ? -4.998  -11.940 23.259  1.00 21.45 ? 176 LEU A N   1 
ATOM   1290 C CA  . LEU A 1 176 ? -4.506  -10.790 22.509  1.00 22.12 ? 176 LEU A CA  1 
ATOM   1291 C C   . LEU A 1 176 ? -3.645  -11.252 21.325  1.00 24.80 ? 176 LEU A C   1 
ATOM   1292 O O   . LEU A 1 176 ? -2.877  -12.239 21.347  1.00 24.48 ? 176 LEU A O   1 
ATOM   1293 C CB  . LEU A 1 176 ? -3.700  -9.951  23.488  1.00 17.32 ? 176 LEU A CB  1 
ATOM   1294 C CG  . LEU A 1 176 ? -3.969  -8.555  23.942  1.00 17.99 ? 176 LEU A CG  1 
ATOM   1295 C CD1 . LEU A 1 176 ? -5.381  -8.142  24.252  1.00 14.06 ? 176 LEU A CD1 1 
ATOM   1296 C CD2 . LEU A 1 176 ? -3.092  -8.219  25.181  1.00 15.78 ? 176 LEU A CD2 1 
ATOM   1297 N N   . ARG A 1 177 ? -3.790  -10.556 20.223  1.00 25.39 ? 177 ARG A N   1 
ATOM   1298 C CA  . ARG A 1 177 ? -3.008  -10.724 18.996  1.00 26.75 ? 177 ARG A CA  1 
ATOM   1299 C C   . ARG A 1 177 ? -2.239  -9.392  18.874  1.00 28.46 ? 177 ARG A C   1 
ATOM   1300 O O   . ARG A 1 177 ? -2.945  -8.356  18.929  1.00 29.58 ? 177 ARG A O   1 
ATOM   1301 C CB  . ARG A 1 177 ? -3.970  -10.847 17.824  1.00 30.86 ? 177 ARG A CB  1 
ATOM   1302 C CG  . ARG A 1 177 ? -3.326  -10.871 16.452  1.00 36.46 ? 177 ARG A CG  1 
ATOM   1303 C CD  . ARG A 1 177 ? -2.263  -11.919 16.380  1.00 43.36 ? 177 ARG A CD  1 
ATOM   1304 N NE  . ARG A 1 177 ? -2.023  -12.577 15.155  1.00 50.49 ? 177 ARG A NE  1 
ATOM   1305 C CZ  . ARG A 1 177 ? -2.755  -12.901 14.118  1.00 53.32 ? 177 ARG A CZ  1 
ATOM   1306 N NH1 . ARG A 1 177 ? -4.042  -12.578 14.057  1.00 54.61 ? 177 ARG A NH1 1 
ATOM   1307 N NH2 . ARG A 1 177 ? -2.186  -13.577 13.108  1.00 53.80 ? 177 ARG A NH2 1 
ATOM   1308 N N   . VAL A 1 178 ? -0.979  -9.311  19.285  1.00 29.63 ? 178 VAL A N   1 
ATOM   1309 C CA  . VAL A 1 178 ? -0.260  -8.041  19.249  1.00 29.02 ? 178 VAL A CA  1 
ATOM   1310 C C   . VAL A 1 178 ? 0.715   -7.958  18.077  1.00 28.28 ? 178 VAL A C   1 
ATOM   1311 O O   . VAL A 1 178 ? 1.092   -8.983  17.535  1.00 26.86 ? 178 VAL A O   1 
ATOM   1312 C CB  . VAL A 1 178 ? 0.559   -7.799  20.530  1.00 30.52 ? 178 VAL A CB  1 
ATOM   1313 C CG1 . VAL A 1 178 ? -0.362  -7.371  21.657  1.00 30.23 ? 178 VAL A CG1 1 
ATOM   1314 C CG2 . VAL A 1 178 ? 1.342   -9.066  20.868  1.00 28.06 ? 178 VAL A CG2 1 
ATOM   1315 N N   . ALA A 1 179 ? 1.064   -6.731  17.736  1.00 29.45 ? 179 ALA A N   1 
ATOM   1316 C CA  . ALA A 1 179 ? 1.982   -6.402  16.672  1.00 30.90 ? 179 ALA A CA  1 
ATOM   1317 C C   . ALA A 1 179 ? 2.977   -5.325  17.131  1.00 32.68 ? 179 ALA A C   1 
ATOM   1318 O O   . ALA A 1 179 ? 2.577   -4.226  17.495  1.00 30.57 ? 179 ALA A O   1 
ATOM   1319 C CB  . ALA A 1 179 ? 1.242   -5.898  15.437  1.00 25.39 ? 179 ALA A CB  1 
ATOM   1320 N N   . LEU A 1 180 ? 4.257   -5.617  16.951  1.00 35.45 ? 180 LEU A N   1 
ATOM   1321 C CA  . LEU A 1 180 ? 5.281   -4.631  17.273  1.00 40.12 ? 180 LEU A CA  1 
ATOM   1322 C C   . LEU A 1 180 ? 6.550   -4.847  16.456  1.00 42.98 ? 180 LEU A C   1 
ATOM   1323 O O   . LEU A 1 180 ? 6.869   -5.968  16.053  1.00 42.74 ? 180 LEU A O   1 
ATOM   1324 C CB  . LEU A 1 180 ? 5.614   -4.752  18.771  1.00 41.91 ? 180 LEU A CB  1 
ATOM   1325 C CG  . LEU A 1 180 ? 6.215   -6.121  19.166  1.00 39.66 ? 180 LEU A CG  1 
ATOM   1326 C CD1 . LEU A 1 180 ? 7.151   -5.960  20.340  1.00 39.29 ? 180 LEU A CD1 1 
ATOM   1327 C CD2 . LEU A 1 180 ? 5.109   -7.098  19.495  1.00 40.97 ? 180 LEU A CD2 1 
ATOM   1328 N N   . PRO A 1 181 ? 7.319   -3.782  16.290  1.00 44.70 ? 181 PRO A N   1 
ATOM   1329 C CA  . PRO A 1 181 ? 8.579   -3.853  15.566  1.00 46.39 ? 181 PRO A CA  1 
ATOM   1330 C C   . PRO A 1 181 ? 9.340   -5.093  15.983  1.00 48.11 ? 181 PRO A C   1 
ATOM   1331 O O   . PRO A 1 181 ? 9.323   -5.438  17.163  1.00 47.76 ? 181 PRO A O   1 
ATOM   1332 C CB  . PRO A 1 181 ? 9.284   -2.593  16.060  1.00 45.87 ? 181 PRO A CB  1 
ATOM   1333 C CG  . PRO A 1 181 ? 8.150   -1.613  16.167  1.00 46.23 ? 181 PRO A CG  1 
ATOM   1334 C CD  . PRO A 1 181 ? 7.046   -2.429  16.794  1.00 45.39 ? 181 PRO A CD  1 
ATOM   1335 N N   . ALA A 1 182 ? 10.045  -5.740  15.049  1.00 50.16 ? 182 ALA A N   1 
ATOM   1336 C CA  . ALA A 1 182 ? 10.816  -6.926  15.435  1.00 52.22 ? 182 ALA A CA  1 
ATOM   1337 C C   . ALA A 1 182 ? 12.075  -6.538  16.199  1.00 52.45 ? 182 ALA A C   1 
ATOM   1338 O O   . ALA A 1 182 ? 12.755  -7.403  16.761  1.00 52.68 ? 182 ALA A O   1 
ATOM   1339 C CB  . ALA A 1 182 ? 11.136  -7.808  14.248  1.00 53.85 ? 182 ALA A CB  1 
ATOM   1340 N N   . ALA A 1 183 ? 12.462  -5.266  16.145  1.00 51.97 ? 183 ALA A N   1 
ATOM   1341 C CA  . ALA A 1 183 ? 13.623  -4.809  16.899  1.00 51.40 ? 183 ALA A CA  1 
ATOM   1342 C C   . ALA A 1 183 ? 13.312  -4.887  18.397  1.00 51.66 ? 183 ALA A C   1 
ATOM   1343 O O   . ALA A 1 183 ? 14.004  -5.539  19.180  1.00 52.01 ? 183 ALA A O   1 
ATOM   1344 C CB  . ALA A 1 183 ? 13.948  -3.364  16.539  1.00 51.32 ? 183 ALA A CB  1 
ATOM   1345 N N   . LYS A 1 184 ? 12.164  -4.309  18.758  1.00 49.56 ? 184 LYS A N   1 
ATOM   1346 C CA  . LYS A 1 184 ? 11.752  -4.193  20.136  1.00 46.56 ? 184 LYS A CA  1 
ATOM   1347 C C   . LYS A 1 184 ? 11.169  -5.352  20.861  1.00 43.67 ? 184 LYS A C   1 
ATOM   1348 O O   . LYS A 1 184 ? 10.875  -5.264  22.066  1.00 42.58 ? 184 LYS A O   1 
ATOM   1349 C CB  . LYS A 1 184 ? 10.835  -2.939  20.183  1.00 48.44 ? 184 LYS A CB  1 
ATOM   1350 C CG  . LYS A 1 184 ? 11.634  -1.752  19.592  1.00 49.08 ? 184 LYS A CG  1 
ATOM   1351 C CD  . LYS A 1 184 ? 10.875  -0.462  19.797  1.00 50.12 ? 184 LYS A CD  1 
ATOM   1352 C CE  . LYS A 1 184 ? 11.805  0.713   20.096  1.00 48.24 ? 184 LYS A CE  1 
ATOM   1353 N NZ  . LYS A 1 184 ? 10.950  1.930   20.350  1.00 49.80 ? 184 LYS A NZ  1 
ATOM   1354 N N   . VAL A 1 185 ? 11.068  -6.527  20.293  1.00 42.12 ? 185 VAL A N   1 
ATOM   1355 C CA  . VAL A 1 185 ? 10.527  -7.725  20.897  1.00 40.92 ? 185 VAL A CA  1 
ATOM   1356 C C   . VAL A 1 185 ? 11.221  -8.134  22.178  1.00 40.53 ? 185 VAL A C   1 
ATOM   1357 O O   . VAL A 1 185 ? 10.599  -8.515  23.173  1.00 40.11 ? 185 VAL A O   1 
ATOM   1358 C CB  . VAL A 1 185 ? 10.600  -8.884  19.880  1.00 42.94 ? 185 VAL A CB  1 
ATOM   1359 C CG1 . VAL A 1 185 ? 12.056  -9.108  19.444  1.00 48.27 ? 185 VAL A CG1 1 
ATOM   1360 C CG2 . VAL A 1 185 ? 10.011  -10.173 20.387  1.00 43.04 ? 185 VAL A CG2 1 
ATOM   1361 N N   . ALA A 1 186 ? 12.545  -8.105  22.189  1.00 40.31 ? 186 ALA A N   1 
ATOM   1362 C CA  . ALA A 1 186 ? 13.351  -8.492  23.332  1.00 37.64 ? 186 ALA A CA  1 
ATOM   1363 C C   . ALA A 1 186 ? 13.193  -7.487  24.461  1.00 37.38 ? 186 ALA A C   1 
ATOM   1364 O O   . ALA A 1 186 ? 13.199  -7.827  25.627  1.00 35.35 ? 186 ALA A O   1 
ATOM   1365 C CB  . ALA A 1 186 ? 14.801  -8.572  22.916  1.00 34.78 ? 186 ALA A CB  1 
ATOM   1366 N N   . GLU A 1 187 ? 13.068  -6.217  24.085  1.00 39.15 ? 187 GLU A N   1 
ATOM   1367 C CA  . GLU A 1 187 ? 12.903  -5.176  25.094  1.00 41.59 ? 187 GLU A CA  1 
ATOM   1368 C C   . GLU A 1 187 ? 11.488  -5.296  25.684  1.00 40.78 ? 187 GLU A C   1 
ATOM   1369 O O   . GLU A 1 187 ? 11.312  -5.078  26.877  1.00 41.55 ? 187 GLU A O   1 
ATOM   1370 C CB  . GLU A 1 187 ? 13.140  -3.773  24.556  1.00 46.74 ? 187 GLU A CB  1 
ATOM   1371 C CG  . GLU A 1 187 ? 12.738  -2.677  25.546  1.00 54.25 ? 187 GLU A CG  1 
ATOM   1372 C CD  . GLU A 1 187 ? 12.363  -1.376  24.871  1.00 57.60 ? 187 GLU A CD  1 
ATOM   1373 O OE1 . GLU A 1 187 ? 11.681  -0.539  25.505  1.00 56.79 ? 187 GLU A OE1 1 
ATOM   1374 O OE2 . GLU A 1 187 ? 12.766  -1.219  23.690  1.00 61.25 ? 187 GLU A OE2 1 
ATOM   1375 N N   . PHE A 1 188 ? 10.543  -5.654  24.841  1.00 39.35 ? 188 PHE A N   1 
ATOM   1376 C CA  . PHE A 1 188 ? 9.157   -5.826  25.233  1.00 37.92 ? 188 PHE A CA  1 
ATOM   1377 C C   . PHE A 1 188 ? 9.027   -7.051  26.134  1.00 36.88 ? 188 PHE A C   1 
ATOM   1378 O O   . PHE A 1 188 ? 8.402   -6.987  27.174  1.00 36.89 ? 188 PHE A O   1 
ATOM   1379 C CB  . PHE A 1 188 ? 8.290   -6.001  23.977  1.00 36.75 ? 188 PHE A CB  1 
ATOM   1380 C CG  . PHE A 1 188 ? 6.829   -6.139  24.262  1.00 34.91 ? 188 PHE A CG  1 
ATOM   1381 C CD1 . PHE A 1 188 ? 6.163   -7.327  23.981  1.00 34.57 ? 188 PHE A CD1 1 
ATOM   1382 C CD2 . PHE A 1 188 ? 6.126   -5.105  24.852  1.00 33.01 ? 188 PHE A CD2 1 
ATOM   1383 C CE1 . PHE A 1 188 ? 4.806   -7.448  24.205  1.00 31.75 ? 188 PHE A CE1 1 
ATOM   1384 C CE2 . PHE A 1 188 ? 4.769   -5.220  25.106  1.00 31.29 ? 188 PHE A CE2 1 
ATOM   1385 C CZ  . PHE A 1 188 ? 4.115   -6.382  24.757  1.00 32.45 ? 188 PHE A CZ  1 
ATOM   1386 N N   . SER A 1 189 ? 9.630   -8.155  25.728  1.00 36.07 ? 189 SER A N   1 
ATOM   1387 C CA  . SER A 1 189 ? 9.578   -9.378  26.513  1.00 36.09 ? 189 SER A CA  1 
ATOM   1388 C C   . SER A 1 189 ? 10.139  -9.078  27.900  1.00 36.98 ? 189 SER A C   1 
ATOM   1389 O O   . SER A 1 189 ? 9.467   -9.365  28.894  1.00 38.83 ? 189 SER A O   1 
ATOM   1390 C CB  . SER A 1 189 ? 10.327  -10.515 25.848  1.00 36.23 ? 189 SER A CB  1 
ATOM   1391 O OG  . SER A 1 189 ? 9.710   -11.027 24.691  1.00 32.95 ? 189 SER A OG  1 
ATOM   1392 N N   . ALA A 1 190 ? 11.320  -8.482  27.966  1.00 37.14 ? 190 ALA A N   1 
ATOM   1393 C CA  . ALA A 1 190 ? 11.920  -8.121  29.254  1.00 37.41 ? 190 ALA A CA  1 
ATOM   1394 C C   . ALA A 1 190 ? 10.954  -7.259  30.057  1.00 38.59 ? 190 ALA A C   1 
ATOM   1395 O O   . ALA A 1 190 ? 10.575  -7.571  31.186  1.00 38.61 ? 190 ALA A O   1 
ATOM   1396 C CB  . ALA A 1 190 ? 13.218  -7.376  29.053  1.00 34.06 ? 190 ALA A CB  1 
ATOM   1397 N N   . LYS A 1 191 ? 10.525  -6.137  29.448  1.00 38.25 ? 191 LYS A N   1 
ATOM   1398 C CA  . LYS A 1 191 ? 9.575   -5.283  30.150  1.00 37.57 ? 191 LYS A CA  1 
ATOM   1399 C C   . LYS A 1 191 ? 8.395   -6.135  30.641  1.00 36.28 ? 191 LYS A C   1 
ATOM   1400 O O   . LYS A 1 191 ? 7.972   -5.944  31.776  1.00 36.36 ? 191 LYS A O   1 
ATOM   1401 C CB  . LYS A 1 191 ? 9.066   -4.151  29.278  1.00 41.11 ? 191 LYS A CB  1 
ATOM   1402 C CG  . LYS A 1 191 ? 9.761   -2.816  29.504  1.00 47.96 ? 191 LYS A CG  1 
ATOM   1403 C CD  . LYS A 1 191 ? 10.124  -2.156  28.179  1.00 51.89 ? 191 LYS A CD  1 
ATOM   1404 C CE  . LYS A 1 191 ? 9.137   -1.091  27.759  1.00 51.79 ? 191 LYS A CE  1 
ATOM   1405 N NZ  . LYS A 1 191 ? 9.285   0.133   28.610  1.00 54.12 ? 191 LYS A NZ  1 
ATOM   1406 N N   . LEU A 1 192 ? 7.893   -7.008  29.797  1.00 34.07 ? 192 LEU A N   1 
ATOM   1407 C CA  . LEU A 1 192 ? 6.731   -7.849  30.059  1.00 32.09 ? 192 LEU A CA  1 
ATOM   1408 C C   . LEU A 1 192 ? 6.976   -8.777  31.237  1.00 31.19 ? 192 LEU A C   1 
ATOM   1409 O O   . LEU A 1 192 ? 6.179   -8.884  32.150  1.00 30.83 ? 192 LEU A O   1 
ATOM   1410 C CB  . LEU A 1 192 ? 6.416   -8.672  28.824  1.00 31.27 ? 192 LEU A CB  1 
ATOM   1411 C CG  . LEU A 1 192 ? 5.015   -9.084  28.471  1.00 31.12 ? 192 LEU A CG  1 
ATOM   1412 C CD1 . LEU A 1 192 ? 4.165   -7.948  27.946  1.00 29.41 ? 192 LEU A CD1 1 
ATOM   1413 C CD2 . LEU A 1 192 ? 5.065   -10.193 27.414  1.00 31.79 ? 192 LEU A CD2 1 
ATOM   1414 N N   . ALA A 1 193 ? 8.116   -9.460  31.189  1.00 30.96 ? 193 ALA A N   1 
ATOM   1415 C CA  . ALA A 1 193 ? 8.486   -10.380 32.266  1.00 28.52 ? 193 ALA A CA  1 
ATOM   1416 C C   . ALA A 1 193 ? 8.632   -9.632  33.570  1.00 25.96 ? 193 ALA A C   1 
ATOM   1417 O O   . ALA A 1 193 ? 8.083   -10.044 34.589  1.00 27.10 ? 193 ALA A O   1 
ATOM   1418 C CB  . ALA A 1 193 ? 9.734   -11.159 31.872  1.00 25.59 ? 193 ALA A CB  1 
ATOM   1419 N N   . ASP A 1 194 ? 9.217   -8.448  33.601  1.00 25.56 ? 194 ASP A N   1 
ATOM   1420 C CA  . ASP A 1 194 ? 9.389   -7.754  34.875  1.00 25.88 ? 194 ASP A CA  1 
ATOM   1421 C C   . ASP A 1 194 ? 8.056   -7.301  35.430  1.00 24.76 ? 194 ASP A C   1 
ATOM   1422 O O   . ASP A 1 194 ? 7.913   -7.308  36.658  1.00 27.11 ? 194 ASP A O   1 
ATOM   1423 C CB  . ASP A 1 194 ? 10.401  -6.633  34.828  1.00 31.00 ? 194 ASP A CB  1 
ATOM   1424 C CG  . ASP A 1 194 ? 11.839  -7.116  34.748  1.00 37.10 ? 194 ASP A CG  1 
ATOM   1425 O OD1 . ASP A 1 194 ? 12.087  -8.334  34.581  1.00 38.56 ? 194 ASP A OD1 1 
ATOM   1426 O OD2 . ASP A 1 194 ? 12.760  -6.287  34.881  1.00 40.58 ? 194 ASP A OD2 1 
ATOM   1427 N N   . PHE A 1 195 ? 7.079   -7.065  34.598  1.00 22.70 ? 195 PHE A N   1 
ATOM   1428 C CA  . PHE A 1 195 ? 5.744   -6.618  34.881  1.00 19.81 ? 195 PHE A CA  1 
ATOM   1429 C C   . PHE A 1 195 ? 4.865   -7.734  35.444  1.00 21.25 ? 195 PHE A C   1 
ATOM   1430 O O   . PHE A 1 195 ? 3.846   -7.499  36.122  1.00 19.77 ? 195 PHE A O   1 
ATOM   1431 C CB  . PHE A 1 195 ? 5.089   -6.134  33.574  1.00 14.84 ? 195 PHE A CB  1 
ATOM   1432 C CG  . PHE A 1 195 ? 3.617   -5.888  33.611  1.00 12.93 ? 195 PHE A CG  1 
ATOM   1433 C CD1 . PHE A 1 195 ? 3.111   -4.774  34.286  1.00 12.18 ? 195 PHE A CD1 1 
ATOM   1434 C CD2 . PHE A 1 195 ? 2.718   -6.760  33.026  1.00 8.78  ? 195 PHE A CD2 1 
ATOM   1435 C CE1 . PHE A 1 195 ? 1.761   -4.521  34.340  1.00 10.48 ? 195 PHE A CE1 1 
ATOM   1436 C CE2 . PHE A 1 195 ? 1.348   -6.481  33.049  1.00 7.62  ? 195 PHE A CE2 1 
ATOM   1437 C CZ  . PHE A 1 195 ? 0.876   -5.343  33.641  1.00 6.95  ? 195 PHE A CZ  1 
ATOM   1438 N N   . SER A 1 196 ? 5.265   -8.971  35.143  1.00 20.12 ? 196 SER A N   1 
ATOM   1439 C CA  . SER A 1 196 ? 4.425   -10.085 35.551  1.00 21.80 ? 196 SER A CA  1 
ATOM   1440 C C   . SER A 1 196 ? 5.218   -11.171 36.226  1.00 22.42 ? 196 SER A C   1 
ATOM   1441 O O   . SER A 1 196 ? 4.760   -12.309 36.290  1.00 24.28 ? 196 SER A O   1 
ATOM   1442 C CB  . SER A 1 196 ? 3.744   -10.634 34.277  1.00 23.27 ? 196 SER A CB  1 
ATOM   1443 O OG  . SER A 1 196 ? 4.766   -11.328 33.540  1.00 27.03 ? 196 SER A OG  1 
ATOM   1444 N N   . ARG A 1 197 ? 6.442   -10.867 36.634  1.00 22.31 ? 197 ARG A N   1 
ATOM   1445 C CA  . ARG A 1 197 ? 7.268   -11.858 37.324  1.00 19.92 ? 197 ARG A CA  1 
ATOM   1446 C C   . ARG A 1 197 ? 7.412   -13.127 36.521  1.00 22.11 ? 197 ARG A C   1 
ATOM   1447 O O   . ARG A 1 197 ? 7.254   -14.252 37.013  1.00 21.47 ? 197 ARG A O   1 
ATOM   1448 C CB  . ARG A 1 197 ? 6.699   -12.060 38.714  1.00 15.27 ? 197 ARG A CB  1 
ATOM   1449 C CG  . ARG A 1 197 ? 7.096   -11.003 39.725  1.00 10.17 ? 197 ARG A CG  1 
ATOM   1450 C CD  . ARG A 1 197 ? 6.362   -11.091 41.023  1.00 9.79  ? 197 ARG A CD  1 
ATOM   1451 N NE  . ARG A 1 197 ? 4.928   -10.982 40.839  1.00 16.97 ? 197 ARG A NE  1 
ATOM   1452 C CZ  . ARG A 1 197 ? 3.971   -11.376 41.660  1.00 19.11 ? 197 ARG A CZ  1 
ATOM   1453 N NH1 . ARG A 1 197 ? 2.683   -11.228 41.408  1.00 17.25 ? 197 ARG A NH1 1 
ATOM   1454 N NH2 . ARG A 1 197 ? 4.333   -11.949 42.805  1.00 25.82 ? 197 ARG A NH2 1 
ATOM   1455 N N   . GLY A 1 198 ? 7.729   -12.966 35.227  1.00 22.77 ? 198 GLY A N   1 
ATOM   1456 C CA  . GLY A 1 198 ? 7.974   -13.967 34.263  1.00 23.25 ? 198 GLY A CA  1 
ATOM   1457 C C   . GLY A 1 198 ? 6.924   -14.991 33.981  1.00 25.11 ? 198 GLY A C   1 
ATOM   1458 O O   . GLY A 1 198 ? 7.228   -15.990 33.308  1.00 23.10 ? 198 GLY A O   1 
ATOM   1459 N N   . SER A 1 199 ? 5.638   -14.648 34.190  1.00 27.08 ? 199 SER A N   1 
ATOM   1460 C CA  . SER A 1 199 ? 4.580   -15.640 34.010  1.00 28.30 ? 199 SER A CA  1 
ATOM   1461 C C   . SER A 1 199 ? 3.757   -15.403 32.757  1.00 30.40 ? 199 SER A C   1 
ATOM   1462 O O   . SER A 1 199 ? 2.826   -16.193 32.478  1.00 32.23 ? 199 SER A O   1 
ATOM   1463 C CB  . SER A 1 199 ? 3.659   -15.530 35.237  1.00 24.04 ? 199 SER A CB  1 
ATOM   1464 O OG  . SER A 1 199 ? 2.934   -14.320 35.096  1.00 20.30 ? 199 SER A OG  1 
ATOM   1465 N N   . LEU A 1 200 ? 3.926   -14.253 32.146  1.00 29.60 ? 200 LEU A N   1 
ATOM   1466 C CA  . LEU A 1 200 ? 3.271   -13.937 30.869  1.00 31.03 ? 200 LEU A CA  1 
ATOM   1467 C C   . LEU A 1 200 ? 4.107   -14.576 29.752  1.00 32.46 ? 200 LEU A C   1 
ATOM   1468 O O   . LEU A 1 200 ? 5.335   -14.656 29.918  1.00 31.98 ? 200 LEU A O   1 
ATOM   1469 C CB  . LEU A 1 200 ? 3.247   -12.430 30.737  1.00 34.20 ? 200 LEU A CB  1 
ATOM   1470 C CG  . LEU A 1 200 ? 1.934   -11.664 30.668  1.00 32.54 ? 200 LEU A CG  1 
ATOM   1471 C CD1 . LEU A 1 200 ? 0.886   -12.166 31.612  1.00 29.09 ? 200 LEU A CD1 1 
ATOM   1472 C CD2 . LEU A 1 200 ? 2.213   -10.175 30.912  1.00 30.15 ? 200 LEU A CD2 1 
ATOM   1473 N N   . GLN A 1 201 ? 3.490   -15.182 28.744  1.00 33.46 ? 201 GLN A N   1 
ATOM   1474 C CA  . GLN A 1 201 ? 4.240   -15.855 27.680  1.00 35.33 ? 201 GLN A CA  1 
ATOM   1475 C C   . GLN A 1 201 ? 3.868   -15.403 26.277  1.00 35.72 ? 201 GLN A C   1 
ATOM   1476 O O   . GLN A 1 201 ? 2.920   -15.926 25.684  1.00 35.28 ? 201 GLN A O   1 
ATOM   1477 C CB  . GLN A 1 201 ? 4.071   -17.377 27.809  1.00 39.31 ? 201 GLN A CB  1 
ATOM   1478 C CG  . GLN A 1 201 ? 5.172   -18.198 27.196  1.00 44.97 ? 201 GLN A CG  1 
ATOM   1479 C CD  . GLN A 1 201 ? 5.029   -19.693 27.222  1.00 48.01 ? 201 GLN A CD  1 
ATOM   1480 O OE1 . GLN A 1 201 ? 5.000   -20.350 26.154  1.00 51.61 ? 201 GLN A OE1 1 
ATOM   1481 N NE2 . GLN A 1 201 ? 4.978   -20.339 28.381  1.00 46.35 ? 201 GLN A NE2 1 
ATOM   1482 N N   . LEU A 1 202 ? 4.641   -14.512 25.680  1.00 36.59 ? 202 LEU A N   1 
ATOM   1483 C CA  . LEU A 1 202 ? 4.452   -13.972 24.331  1.00 37.80 ? 202 LEU A CA  1 
ATOM   1484 C C   . LEU A 1 202 ? 4.728   -14.960 23.223  1.00 37.67 ? 202 LEU A C   1 
ATOM   1485 O O   . LEU A 1 202 ? 5.858   -15.448 23.108  1.00 38.90 ? 202 LEU A O   1 
ATOM   1486 C CB  . LEU A 1 202 ? 5.436   -12.786 24.201  1.00 38.64 ? 202 LEU A CB  1 
ATOM   1487 C CG  . LEU A 1 202 ? 5.409   -11.983 22.918  1.00 40.75 ? 202 LEU A CG  1 
ATOM   1488 C CD1 . LEU A 1 202 ? 4.226   -11.030 22.912  1.00 40.34 ? 202 LEU A CD1 1 
ATOM   1489 C CD2 . LEU A 1 202 ? 6.728   -11.225 22.721  1.00 41.39 ? 202 LEU A CD2 1 
ATOM   1490 N N   . LEU A 1 203 ? 3.825   -15.241 22.296  1.00 39.00 ? 203 LEU A N   1 
ATOM   1491 C CA  . LEU A 1 203 ? 4.093   -16.278 21.295  1.00 41.38 ? 203 LEU A CA  1 
ATOM   1492 C C   . LEU A 1 203 ? 4.021   -15.790 19.861  1.00 42.72 ? 203 LEU A C   1 
ATOM   1493 O O   . LEU A 1 203 ? 3.243   -14.905 19.520  1.00 42.94 ? 203 LEU A O   1 
ATOM   1494 C CB  . LEU A 1 203 ? 3.094   -17.430 21.477  1.00 41.62 ? 203 LEU A CB  1 
ATOM   1495 C CG  . LEU A 1 203 ? 3.133   -18.194 22.804  1.00 40.44 ? 203 LEU A CG  1 
ATOM   1496 C CD1 . LEU A 1 203 ? 1.834   -18.990 22.952  1.00 41.05 ? 203 LEU A CD1 1 
ATOM   1497 C CD2 . LEU A 1 203 ? 4.327   -19.122 22.862  1.00 38.47 ? 203 LEU A CD2 1 
ATOM   1498 N N   . ALA A 1 204 ? 4.780   -16.412 18.974  1.00 44.88 ? 204 ALA A N   1 
ATOM   1499 C CA  . ALA A 1 204 ? 4.803   -16.043 17.563  1.00 47.71 ? 204 ALA A CA  1 
ATOM   1500 C C   . ALA A 1 204 ? 3.778   -16.822 16.759  1.00 49.87 ? 204 ALA A C   1 
ATOM   1501 O O   . ALA A 1 204 ? 3.805   -18.053 16.777  1.00 50.29 ? 204 ALA A O   1 
ATOM   1502 C CB  . ALA A 1 204 ? 6.203   -16.306 17.009  1.00 46.59 ? 204 ALA A CB  1 
ATOM   1503 N N   . ILE A 1 205 ? 2.895   -16.133 16.061  1.00 52.89 ? 205 ILE A N   1 
ATOM   1504 C CA  . ILE A 1 205 ? 1.855   -16.729 15.231  1.00 56.21 ? 205 ILE A CA  1 
ATOM   1505 C C   . ILE A 1 205 ? 2.390   -17.848 14.342  1.00 58.29 ? 205 ILE A C   1 
ATOM   1506 O O   . ILE A 1 205 ? 3.505   -17.749 13.808  1.00 58.43 ? 205 ILE A O   1 
ATOM   1507 C CB  . ILE A 1 205 ? 1.165   -15.681 14.331  1.00 56.90 ? 205 ILE A CB  1 
ATOM   1508 C CG1 . ILE A 1 205 ? 2.157   -15.096 13.318  1.00 58.45 ? 205 ILE A CG1 1 
ATOM   1509 C CG2 . ILE A 1 205 ? 0.530   -14.570 15.148  1.00 53.37 ? 205 ILE A CG2 1 
ATOM   1510 C CD1 . ILE A 1 205 ? 2.173   -15.785 11.973  1.00 58.35 ? 205 ILE A CD1 1 
ATOM   1511 N N   . GLU A 1 206 ? 1.518   -18.807 13.997  1.00 59.77 ? 206 GLU A N   1 
ATOM   1512 C CA  . GLU A 1 206 ? 1.985   -19.954 13.224  1.00 61.23 ? 206 GLU A CA  1 
ATOM   1513 C C   . GLU A 1 206 ? 1.040   -20.398 12.130  1.00 61.91 ? 206 GLU A C   1 
ATOM   1514 O O   . GLU A 1 206 ? 1.451   -20.560 10.971  1.00 62.57 ? 206 GLU A O   1 
ATOM   1515 C CB  . GLU A 1 206 ? 2.222   -21.155 14.174  1.00 62.76 ? 206 GLU A CB  1 
ATOM   1516 N N   . GLU A 1 207 ? -0.218  -20.648 12.487  1.00 62.14 ? 207 GLU A N   1 
ATOM   1517 C CA  . GLU A 1 207 ? -1.202  -21.125 11.518  1.00 62.88 ? 207 GLU A CA  1 
ATOM   1518 C C   . GLU A 1 207 ? -1.133  -20.415 10.194  1.00 64.43 ? 207 GLU A C   1 
ATOM   1519 O O   . GLU A 1 207 ? -1.116  -21.096 9.140   1.00 65.53 ? 207 GLU A O   1 
ATOM   1520 C CB  . GLU A 1 207 ? -2.613  -21.148 12.140  1.00 59.13 ? 207 GLU A CB  1 
ATOM   1521 C CG  . GLU A 1 207 ? -2.803  -22.420 12.960  1.00 56.74 ? 207 GLU A CG  1 
ATOM   1522 C CD  . GLU A 1 207 ? -3.983  -22.494 13.870  1.00 57.54 ? 207 GLU A CD  1 
ATOM   1523 O OE1 . GLU A 1 207 ? -3.965  -21.918 14.993  1.00 56.37 ? 207 GLU A OE1 1 
ATOM   1524 O OE2 . GLU A 1 207 ? -4.955  -23.238 13.547  1.00 56.42 ? 207 GLU A OE2 1 
ATOM   1525 N N   . GLU A 1 208 ? -1.041  -19.078 10.175  1.00 65.63 ? 208 GLU A N   1 
ATOM   1526 C CA  . GLU A 1 208 ? -0.898  -18.361 8.903   1.00 67.11 ? 208 GLU A CA  1 
ATOM   1527 C C   . GLU A 1 208 ? 0.210   -17.313 8.959   1.00 67.24 ? 208 GLU A C   1 
ATOM   1528 O O   . GLU A 1 208 ? 0.060   -16.272 9.604   1.00 68.48 ? 208 GLU A O   1 
ATOM   1529 C CB  . GLU A 1 208 ? -2.214  -17.743 8.453   1.00 67.08 ? 208 GLU A CB  1 
HETATM 1530 O O   . HOH B 2 .   ? 12.704  10.853  -7.207  1.00 28.23 ? 218 HOH A O   1 
HETATM 1531 O O   . HOH B 2 .   ? 7.302   -13.014 30.859  1.00 12.66 ? 219 HOH A O   1 
HETATM 1532 O O   . HOH B 2 .   ? 0.847   -15.632 29.238  1.00 40.30 ? 220 HOH A O   1 
HETATM 1533 O O   . HOH B 2 .   ? 5.233   14.131  -19.270 1.00 38.21 ? 221 HOH A O   1 
HETATM 1534 O O   . HOH B 2 .   ? 12.519  9.099   3.281   1.00 22.61 ? 222 HOH A O   1 
HETATM 1535 O O   . HOH B 2 .   ? 4.125   -9.415  39.191  1.00 22.85 ? 223 HOH A O   1 
HETATM 1536 O O   . HOH B 2 .   ? 3.974   0.097   34.172  1.00 31.20 ? 224 HOH A O   1 
HETATM 1537 O O   . HOH B 2 .   ? -8.941  5.221   -28.085 1.00 26.60 ? 225 HOH A O   1 
HETATM 1538 O O   . HOH B 2 .   ? -5.977  6.227   -0.247  1.00 47.80 ? 226 HOH A O   1 
HETATM 1539 O O   . HOH B 2 .   ? 7.598   14.666  -6.783  1.00 31.98 ? 227 HOH A O   1 
HETATM 1540 O O   . HOH B 2 .   ? -1.181  12.988  -7.675  1.00 42.56 ? 228 HOH A O   1 
HETATM 1541 O O   . HOH B 2 .   ? 12.830  0.160   -4.825  1.00 42.04 ? 229 HOH A O   1 
HETATM 1542 O O   . HOH B 2 .   ? 1.095   -8.697  36.088  1.00 20.42 ? 230 HOH A O   1 
HETATM 1543 O O   . HOH B 2 .   ? 1.933   8.139   -28.008 1.00 34.38 ? 231 HOH A O   1 
HETATM 1544 O O   . HOH B 2 .   ? -6.598  6.605   -30.368 1.00 30.69 ? 232 HOH A O   1 
HETATM 1545 O O   . HOH B 2 .   ? 0.394   -16.107 24.960  1.00 56.63 ? 233 HOH A O   1 
HETATM 1546 O O   . HOH B 2 .   ? 8.360   -11.975 28.733  1.00 14.89 ? 234 HOH A O   1 
HETATM 1547 O O   . HOH B 2 .   ? 1.865   -0.359  32.881  1.00 40.74 ? 235 HOH A O   1 
HETATM 1548 O O   . HOH B 2 .   ? -14.198 8.462   -18.292 1.00 50.29 ? 236 HOH A O   1 
HETATM 1549 O O   . HOH B 2 .   ? -14.807 1.372   -25.404 1.00 52.68 ? 237 HOH A O   1 
HETATM 1550 O O   . HOH B 2 .   ? -12.660 -2.775  -15.041 1.00 78.10 ? 238 HOH A O   1 
HETATM 1551 O O   . HOH B 2 .   ? 6.276   -21.986 23.439  1.00 37.95 ? 239 HOH A O   1 
HETATM 1552 O O   . HOH B 2 .   ? -15.813 11.937  -2.345  1.00 39.39 ? 240 HOH A O   1 
HETATM 1553 O O   . HOH B 2 .   ? -0.246  6.072   -33.396 1.00 53.02 ? 241 HOH A O   1 
HETATM 1554 O O   . HOH B 2 .   ? -7.159  17.728  -25.403 1.00 46.11 ? 242 HOH A O   1 
HETATM 1555 O O   . HOH B 2 .   ? 0.183   0.678   -32.982 1.00 32.69 ? 243 HOH A O   1 
HETATM 1556 O O   . HOH B 2 .   ? -2.406  -3.849  34.102  1.00 20.30 ? 244 HOH A O   1 
HETATM 1557 O O   . HOH B 2 .   ? 2.034   -14.151 43.420  1.00 29.07 ? 245 HOH A O   1 
HETATM 1558 O O   . HOH B 2 .   ? -13.908 6.423   -9.103  1.00 65.80 ? 246 HOH A O   1 
HETATM 1559 O O   . HOH B 2 .   ? 4.448   17.380  -16.349 1.00 49.59 ? 247 HOH A O   1 
HETATM 1560 O O   . HOH B 2 .   ? 7.835   4.223   6.277   1.00 49.50 ? 248 HOH A O   1 
HETATM 1561 O O   . HOH B 2 .   ? -1.505  -12.136 -2.745  1.00 37.91 ? 249 HOH A O   1 
HETATM 1562 O O   . HOH B 2 .   ? -0.459  1.465   33.607  1.00 54.19 ? 250 HOH A O   1 
HETATM 1563 O O   . HOH B 2 .   ? 10.576  5.072   -14.247 1.00 33.75 ? 251 HOH A O   1 
HETATM 1564 O O   . HOH B 2 .   ? 4.162   11.722  -18.878 1.00 42.25 ? 252 HOH A O   1 
HETATM 1565 O O   . HOH B 2 .   ? 4.669   9.243   -22.978 1.00 19.01 ? 253 HOH A O   1 
HETATM 1566 O O   . HOH B 2 .   ? 4.983   -1.286  -19.649 1.00 35.12 ? 254 HOH A O   1 
HETATM 1567 O O   . HOH B 2 .   ? -11.666 14.382  -23.660 1.00 39.53 ? 255 HOH A O   1 
HETATM 1568 O O   . HOH B 2 .   ? 14.723  -2.612  22.265  1.00 33.64 ? 256 HOH A O   1 
HETATM 1569 O O   . HOH B 2 .   ? 3.750   -14.609 45.378  1.00 36.14 ? 257 HOH A O   1 
HETATM 1570 O O   . HOH B 2 .   ? -16.240 12.477  -14.320 1.00 72.29 ? 258 HOH A O   1 
HETATM 1571 O O   . HOH B 2 .   ? 8.669   -14.648 21.569  1.00 40.54 ? 259 HOH A O   1 
HETATM 1572 O O   . HOH B 2 .   ? -7.495  14.171  -7.209  1.00 21.19 ? 260 HOH A O   1 
HETATM 1573 O O   . HOH B 2 .   ? -6.122  -3.893  33.511  1.00 56.79 ? 261 HOH A O   1 
HETATM 1574 O O   . HOH B 2 .   ? -12.488 18.680  -16.308 1.00 76.61 ? 262 HOH A O   1 
HETATM 1575 O O   . HOH B 2 .   ? 8.380   1.087   8.850   1.00 41.45 ? 263 HOH A O   1 
HETATM 1576 O O   . HOH B 2 .   ? 0.569   -13.485 34.559  1.00 13.87 ? 264 HOH A O   1 
HETATM 1577 O O   . HOH B 2 .   ? -6.822  -13.218 19.434  1.00 35.70 ? 265 HOH A O   1 
HETATM 1578 O O   . HOH B 2 .   ? -6.062  -1.447  -29.622 1.00 44.90 ? 266 HOH A O   1 
HETATM 1579 O O   . HOH B 2 .   ? 7.265   -13.940 26.787  1.00 45.41 ? 267 HOH A O   1 
HETATM 1580 O O   . HOH B 2 .   ? 13.872  4.972   5.091   1.00 38.31 ? 268 HOH A O   1 
HETATM 1581 O O   . HOH B 2 .   ? -11.789 -2.300  -18.029 1.00 30.23 ? 269 HOH A O   1 
HETATM 1582 O O   . HOH B 2 .   ? 13.319  -11.131 34.556  1.00 42.27 ? 270 HOH A O   1 
HETATM 1583 O O   . HOH B 2 .   ? 12.189  -11.983 1.999   1.00 58.00 ? 271 HOH A O   1 
HETATM 1584 O O   . HOH B 2 .   ? -2.013  1.793   -36.232 1.00 83.55 ? 272 HOH A O   1 
HETATM 1585 O O   . HOH B 2 .   ? 7.137   15.697  1.083   1.00 50.80 ? 273 HOH A O   1 
HETATM 1586 O O   . HOH B 2 .   ? 10.132  -16.198 23.486  1.00 52.94 ? 274 HOH A O   1 
HETATM 1587 O O   . HOH B 2 .   ? -4.792  -3.196  37.354  1.00 47.46 ? 275 HOH A O   1 
HETATM 1588 O O   . HOH B 2 .   ? 7.615   2.519   -22.507 1.00 44.80 ? 276 HOH A O   1 
HETATM 1589 O O   . HOH B 2 .   ? -2.932  -0.948  -34.559 1.00 43.92 ? 277 HOH A O   1 
HETATM 1590 O O   . HOH B 2 .   ? -7.071  20.781  -30.550 1.00 40.21 ? 278 HOH A O   1 
HETATM 1591 O O   . HOH B 2 .   ? -8.105  19.988  -26.619 1.00 91.86 ? 279 HOH A O   1 
HETATM 1592 O O   . HOH B 2 .   ? -14.706 0.329   -8.238  1.00 63.57 ? 280 HOH A O   1 
HETATM 1593 O O   . HOH B 2 .   ? 7.982   -16.939 27.638  1.00 36.42 ? 281 HOH A O   1 
HETATM 1594 O O   . HOH B 2 .   ? 0.557   20.321  -21.602 1.00 69.75 ? 282 HOH A O   1 
HETATM 1595 O O   . HOH B 2 .   ? 1.660   10.130  -20.958 1.00 26.44 ? 283 HOH A O   1 
HETATM 1596 O O   . HOH B 2 .   ? 5.552   1.115   -22.347 1.00 31.36 ? 284 HOH A O   1 
HETATM 1597 O O   . HOH B 2 .   ? 8.252   13.640  -21.114 1.00 32.29 ? 285 HOH A O   1 
HETATM 1598 O O   . HOH B 2 .   ? -0.346  -10.579 1.791   1.00 42.87 ? 286 HOH A O   1 
HETATM 1599 O O   . HOH B 2 .   ? 17.485  1.921   -1.714  1.00 61.03 ? 287 HOH A O   1 
HETATM 1600 O O   . HOH B 2 .   ? 8.724   13.818  -17.709 1.00 42.02 ? 288 HOH A O   1 
HETATM 1601 O O   . HOH B 2 .   ? 3.112   20.780  -22.596 1.00 40.84 ? 289 HOH A O   1 
HETATM 1602 O O   . HOH B 2 .   ? 0.015   -12.468 10.344  1.00 80.92 ? 290 HOH A O   1 
HETATM 1603 O O   . HOH B 2 .   ? -6.481  -12.802 15.820  1.00 64.53 ? 291 HOH A O   1 
HETATM 1604 O O   . HOH B 2 .   ? -5.610  13.701  -4.572  1.00 25.58 ? 292 HOH A O   1 
HETATM 1605 O O   . HOH B 2 .   ? 3.470   20.546  -19.315 1.00 48.98 ? 293 HOH A O   1 
HETATM 1606 O O   . HOH B 2 .   ? 8.342   1.425   -29.560 1.00 39.11 ? 294 HOH A O   1 
HETATM 1607 O O   . HOH B 2 .   ? 7.085   -2.594  -7.548  1.00 24.60 ? 295 HOH A O   1 
HETATM 1608 O O   . HOH B 2 .   ? 4.802   -14.466 14.698  1.00 36.82 ? 296 HOH A O   1 
HETATM 1609 O O   . HOH B 2 .   ? 0.410   3.721   -32.976 1.00 29.28 ? 297 HOH A O   1 
HETATM 1610 O O   . HOH B 2 .   ? 1.018   10.180  -2.074  1.00 36.87 ? 298 HOH A O   1 
HETATM 1611 O O   . HOH B 2 .   ? -10.817 -6.524  18.227  1.00 27.94 ? 299 HOH A O   1 
HETATM 1612 O O   . HOH B 2 .   ? -0.417  8.050   2.579   1.00 46.63 ? 300 HOH A O   1 
HETATM 1613 O O   . HOH B 2 .   ? 3.117   11.687  3.213   1.00 38.67 ? 301 HOH A O   1 
HETATM 1614 O O   . HOH B 2 .   ? -2.910  13.228  -4.720  1.00 38.95 ? 302 HOH A O   1 
HETATM 1615 O O   . HOH B 2 .   ? -9.958  -4.701  16.915  1.00 46.76 ? 303 HOH A O   1 
HETATM 1616 O O   . HOH B 2 .   ? 2.287   9.671   1.241   1.00 38.92 ? 304 HOH A O   1 
HETATM 1617 O O   . HOH B 2 .   ? -3.337  4.871   1.631   1.00 40.13 ? 305 HOH A O   1 
HETATM 1618 O O   . HOH B 2 .   ? -2.916  15.480  -6.227  1.00 43.26 ? 306 HOH A O   1 
HETATM 1619 O O   . HOH B 2 .   ? 0.456   -3.428  3.184   1.00 34.63 ? 307 HOH A O   1 
HETATM 1620 O O   . HOH B 2 .   ? -2.470  -3.687  1.133   1.00 48.75 ? 308 HOH A O   1 
# 
